data_2LGN
#
_entry.id   2LGN
#
_entity_poly.entity_id   1
_entity_poly.type   'polypeptide(L)'
_entity_poly.pdbx_seq_one_letter_code
;EGTWQHGYGVSSAYSNYHHGSKTHSATVVNNNTGRQGKDTQRAGVWAKATVGRNLTEKASFYYNFW
;
_entity_poly.pdbx_strand_id   A
#
# COMPACT_ATOMS: atom_id res chain seq x y z
N GLU A 1 -4.64 -15.86 0.63
CA GLU A 1 -5.81 -15.47 1.41
C GLU A 1 -6.56 -14.34 0.70
N GLY A 2 -5.80 -13.51 0.00
CA GLY A 2 -6.38 -12.39 -0.72
C GLY A 2 -5.60 -12.11 -2.00
N THR A 3 -5.68 -10.86 -2.44
CA THR A 3 -5.00 -10.44 -3.66
C THR A 3 -4.08 -9.25 -3.36
N TRP A 4 -2.79 -9.53 -3.42
CA TRP A 4 -1.79 -8.49 -3.17
C TRP A 4 -1.20 -8.07 -4.51
N GLN A 5 -1.02 -6.77 -4.66
CA GLN A 5 -0.45 -6.22 -5.87
C GLN A 5 0.45 -5.02 -5.57
N HIS A 6 1.71 -5.32 -5.29
CA HIS A 6 2.67 -4.28 -4.97
C HIS A 6 3.51 -3.97 -6.20
N GLY A 7 3.78 -2.68 -6.39
CA GLY A 7 4.56 -2.24 -7.53
C GLY A 7 5.38 -1.00 -7.18
N TYR A 8 6.04 -0.45 -8.19
CA TYR A 8 6.86 0.73 -8.02
C TYR A 8 6.99 1.47 -9.35
N GLY A 9 6.35 2.62 -9.45
CA GLY A 9 6.40 3.40 -10.68
C GLY A 9 7.66 4.27 -10.72
N VAL A 10 8.78 3.65 -10.36
CA VAL A 10 10.05 4.34 -10.35
C VAL A 10 9.80 5.84 -10.13
N SER A 11 9.42 6.16 -8.91
CA SER A 11 9.15 7.54 -8.54
C SER A 11 8.18 7.60 -7.37
N SER A 12 7.22 6.67 -7.38
CA SER A 12 6.23 6.60 -6.33
C SER A 12 6.04 5.16 -5.87
N ALA A 13 5.27 5.00 -4.81
CA ALA A 13 5.00 3.67 -4.27
C ALA A 13 3.49 3.49 -4.09
N TYR A 14 3.00 2.34 -4.55
CA TYR A 14 1.59 2.02 -4.46
C TYR A 14 1.43 0.58 -3.99
N SER A 15 0.36 0.32 -3.26
CA SER A 15 0.10 -1.03 -2.76
C SER A 15 -1.40 -1.27 -2.65
N ASN A 16 -1.88 -2.22 -3.43
CA ASN A 16 -3.29 -2.55 -3.44
C ASN A 16 -3.47 -4.00 -2.96
N TYR A 17 -4.32 -4.15 -1.94
CA TYR A 17 -4.59 -5.45 -1.37
C TYR A 17 -6.09 -5.63 -1.17
N HIS A 18 -6.63 -6.71 -1.71
CA HIS A 18 -8.06 -6.97 -1.59
C HIS A 18 -8.30 -8.04 -0.52
N HIS A 19 -9.49 -8.00 0.06
CA HIS A 19 -9.85 -8.95 1.09
C HIS A 19 -11.37 -8.95 1.28
N GLY A 20 -11.94 -10.14 1.25
CA GLY A 20 -13.39 -10.28 1.43
C GLY A 20 -13.70 -11.32 2.51
N SER A 21 -12.88 -11.31 3.55
CA SER A 21 -13.07 -12.24 4.65
C SER A 21 -13.02 -11.49 5.99
N LYS A 22 -11.97 -10.69 6.14
CA LYS A 22 -11.80 -9.92 7.36
C LYS A 22 -11.18 -8.57 7.01
N THR A 23 -11.26 -7.65 7.96
CA THR A 23 -10.70 -6.32 7.77
C THR A 23 -9.27 -6.41 7.27
N HIS A 24 -8.85 -5.38 6.56
CA HIS A 24 -7.50 -5.32 6.02
C HIS A 24 -7.07 -3.86 5.86
N SER A 25 -5.76 -3.66 5.87
CA SER A 25 -5.21 -2.33 5.74
C SER A 25 -3.86 -2.39 5.02
N ALA A 26 -3.68 -1.48 4.07
CA ALA A 26 -2.45 -1.43 3.31
C ALA A 26 -1.70 -0.13 3.65
N THR A 27 -0.48 -0.30 4.13
CA THR A 27 0.35 0.84 4.50
C THR A 27 1.62 0.86 3.65
N VAL A 28 1.96 2.06 3.19
CA VAL A 28 3.14 2.24 2.36
C VAL A 28 3.85 3.53 2.78
N VAL A 29 5.13 3.39 3.07
CA VAL A 29 5.94 4.53 3.47
C VAL A 29 6.98 4.84 2.38
N ASN A 30 7.13 6.12 2.12
CA ASN A 30 8.10 6.55 1.11
C ASN A 30 9.39 6.98 1.79
N ASN A 31 10.42 6.15 1.63
CA ASN A 31 11.70 6.43 2.22
C ASN A 31 12.58 7.17 1.20
N ASN A 32 12.35 8.46 1.10
CA ASN A 32 13.10 9.29 0.16
C ASN A 32 12.95 10.76 0.54
N THR A 33 11.70 11.20 0.56
CA THR A 33 11.40 12.58 0.89
C THR A 33 10.69 12.65 2.25
N GLY A 34 10.19 11.50 2.68
CA GLY A 34 9.49 11.43 3.95
C GLY A 34 7.97 11.40 3.73
N ARG A 35 7.53 10.40 2.98
CA ARG A 35 6.11 10.26 2.70
C ARG A 35 5.56 9.00 3.36
N GLN A 36 4.23 8.97 3.50
CA GLN A 36 3.57 7.85 4.12
C GLN A 36 2.07 7.88 3.83
N GLY A 37 1.51 6.70 3.61
CA GLY A 37 0.10 6.58 3.32
C GLY A 37 -0.48 5.31 3.93
N LYS A 38 -1.79 5.14 3.73
CA LYS A 38 -2.48 3.97 4.26
C LYS A 38 -3.97 4.07 3.92
N ASP A 39 -4.53 2.92 3.55
CA ASP A 39 -5.93 2.86 3.20
C ASP A 39 -6.60 1.71 3.96
N THR A 40 -7.00 2.00 5.18
CA THR A 40 -7.64 1.00 6.02
C THR A 40 -9.12 0.86 5.63
N GLN A 41 -9.54 -0.40 5.50
CA GLN A 41 -10.91 -0.69 5.15
C GLN A 41 -11.37 -1.99 5.80
N ARG A 42 -12.66 -2.26 5.67
CA ARG A 42 -13.24 -3.46 6.24
C ARG A 42 -13.19 -4.61 5.24
N ALA A 43 -13.87 -5.69 5.57
CA ALA A 43 -13.91 -6.86 4.71
C ALA A 43 -14.75 -6.54 3.47
N GLY A 44 -14.16 -6.82 2.32
CA GLY A 44 -14.84 -6.57 1.05
C GLY A 44 -14.57 -5.15 0.57
N VAL A 45 -13.36 -4.94 0.08
CA VAL A 45 -12.96 -3.63 -0.42
C VAL A 45 -11.54 -3.70 -0.97
N TRP A 46 -11.18 -2.70 -1.75
CA TRP A 46 -9.85 -2.63 -2.33
C TRP A 46 -9.07 -1.52 -1.62
N ALA A 47 -8.06 -1.93 -0.88
CA ALA A 47 -7.23 -0.99 -0.16
C ALA A 47 -6.02 -0.62 -1.01
N LYS A 48 -6.09 0.57 -1.61
CA LYS A 48 -5.01 1.06 -2.46
C LYS A 48 -4.35 2.26 -1.78
N ALA A 49 -3.07 2.10 -1.46
CA ALA A 49 -2.33 3.16 -0.82
C ALA A 49 -1.30 3.72 -1.81
N THR A 50 -1.01 5.00 -1.64
CA THR A 50 -0.05 5.67 -2.52
C THR A 50 0.72 6.73 -1.73
N VAL A 51 1.97 6.91 -2.14
CA VAL A 51 2.82 7.90 -1.49
C VAL A 51 4.10 8.07 -2.31
N GLY A 52 4.58 9.31 -2.34
CA GLY A 52 5.78 9.62 -3.09
C GLY A 52 5.47 9.89 -4.56
N ARG A 53 6.53 10.15 -5.32
CA ARG A 53 6.38 10.42 -6.74
C ARG A 53 7.36 11.50 -7.18
N ASN A 54 8.50 11.04 -7.67
CA ASN A 54 9.53 11.96 -8.14
C ASN A 54 10.52 11.21 -9.03
N LEU A 55 11.32 10.37 -8.40
CA LEU A 55 12.31 9.59 -9.13
C LEU A 55 12.66 8.34 -8.31
N THR A 56 13.38 7.43 -8.96
CA THR A 56 13.79 6.20 -8.32
C THR A 56 13.96 6.42 -6.81
N GLU A 57 13.43 5.48 -6.04
CA GLU A 57 13.52 5.56 -4.60
C GLU A 57 12.99 4.28 -3.97
N LYS A 58 13.29 4.12 -2.67
CA LYS A 58 12.85 2.94 -1.94
C LYS A 58 11.51 3.23 -1.27
N ALA A 59 10.90 2.18 -0.76
CA ALA A 59 9.61 2.31 -0.09
C ALA A 59 9.38 1.09 0.80
N SER A 60 8.50 1.27 1.78
CA SER A 60 8.19 0.20 2.71
C SER A 60 6.71 -0.16 2.60
N PHE A 61 6.46 -1.39 2.17
CA PHE A 61 5.09 -1.86 2.02
C PHE A 61 4.71 -2.81 3.16
N TYR A 62 3.59 -2.47 3.81
CA TYR A 62 3.10 -3.25 4.93
C TYR A 62 1.64 -3.61 4.70
N TYR A 63 1.15 -4.63 5.42
CA TYR A 63 -0.22 -5.06 5.28
C TYR A 63 -0.63 -5.89 6.49
N ASN A 64 -1.91 -6.23 6.59
CA ASN A 64 -2.39 -7.02 7.71
C ASN A 64 -3.89 -7.30 7.52
N PHE A 65 -4.45 -7.99 8.49
CA PHE A 65 -5.86 -8.34 8.44
C PHE A 65 -6.40 -8.65 9.84
N TRP A 66 -7.68 -8.39 10.03
CA TRP A 66 -8.32 -8.65 11.31
C TRP A 66 -9.83 -8.49 11.11
N GLU A 1 -7.30 -16.39 0.18
CA GLU A 1 -6.81 -15.52 1.23
C GLU A 1 -7.05 -14.05 0.87
N GLY A 2 -6.44 -13.63 -0.23
CA GLY A 2 -6.58 -12.27 -0.69
C GLY A 2 -5.76 -12.04 -1.97
N THR A 3 -5.76 -10.79 -2.41
CA THR A 3 -5.03 -10.41 -3.61
C THR A 3 -4.10 -9.24 -3.32
N TRP A 4 -2.80 -9.53 -3.37
CA TRP A 4 -1.80 -8.50 -3.12
C TRP A 4 -1.19 -8.10 -4.47
N GLN A 5 -0.99 -6.80 -4.62
CA GLN A 5 -0.42 -6.28 -5.85
C GLN A 5 0.49 -5.08 -5.54
N HIS A 6 1.74 -5.39 -5.24
CA HIS A 6 2.71 -4.35 -4.93
C HIS A 6 3.57 -4.07 -6.16
N GLY A 7 3.81 -2.79 -6.39
CA GLY A 7 4.62 -2.37 -7.53
C GLY A 7 5.40 -1.09 -7.21
N TYR A 8 6.01 -0.53 -8.24
CA TYR A 8 6.79 0.68 -8.10
C TYR A 8 6.90 1.39 -9.46
N GLY A 9 6.25 2.54 -9.57
CA GLY A 9 6.29 3.29 -10.81
C GLY A 9 7.55 4.15 -10.90
N VAL A 10 8.67 3.54 -10.55
CA VAL A 10 9.95 4.23 -10.58
C VAL A 10 9.71 5.72 -10.33
N SER A 11 9.37 6.05 -9.09
CA SER A 11 9.12 7.42 -8.73
C SER A 11 8.21 7.48 -7.49
N SER A 12 7.22 6.59 -7.50
CA SER A 12 6.28 6.53 -6.39
C SER A 12 6.06 5.08 -5.98
N ALA A 13 5.37 4.91 -4.85
CA ALA A 13 5.09 3.58 -4.34
C ALA A 13 3.58 3.42 -4.16
N TYR A 14 3.07 2.27 -4.62
CA TYR A 14 1.65 1.98 -4.52
C TYR A 14 1.46 0.54 -4.05
N SER A 15 0.40 0.31 -3.30
CA SER A 15 0.12 -1.03 -2.78
C SER A 15 -1.38 -1.26 -2.71
N ASN A 16 -1.85 -2.23 -3.47
CA ASN A 16 -3.26 -2.56 -3.50
C ASN A 16 -3.46 -4.00 -3.01
N TYR A 17 -4.29 -4.13 -1.97
CA TYR A 17 -4.58 -5.42 -1.38
C TYR A 17 -6.08 -5.58 -1.20
N HIS A 18 -6.63 -6.66 -1.74
CA HIS A 18 -8.06 -6.91 -1.63
C HIS A 18 -8.32 -7.96 -0.54
N HIS A 19 -9.51 -7.90 0.03
CA HIS A 19 -9.89 -8.82 1.08
C HIS A 19 -11.41 -8.81 1.24
N GLY A 20 -11.97 -10.01 1.31
CA GLY A 20 -13.41 -10.16 1.47
C GLY A 20 -13.74 -11.20 2.55
N SER A 21 -12.95 -11.17 3.61
CA SER A 21 -13.14 -12.11 4.71
C SER A 21 -13.08 -11.35 6.04
N LYS A 22 -12.06 -10.52 6.16
CA LYS A 22 -11.87 -9.74 7.38
C LYS A 22 -11.23 -8.39 7.03
N THR A 23 -11.31 -7.46 7.97
CA THR A 23 -10.74 -6.14 7.77
C THR A 23 -9.30 -6.25 7.26
N HIS A 24 -8.89 -5.21 6.53
CA HIS A 24 -7.54 -5.19 5.99
C HIS A 24 -7.10 -3.73 5.79
N SER A 25 -5.80 -3.54 5.80
CA SER A 25 -5.23 -2.21 5.62
C SER A 25 -3.88 -2.30 4.92
N ALA A 26 -3.68 -1.39 3.99
CA ALA A 26 -2.44 -1.35 3.23
C ALA A 26 -1.67 -0.07 3.57
N THR A 27 -0.46 -0.26 4.09
CA THR A 27 0.37 0.88 4.47
C THR A 27 1.65 0.89 3.63
N VAL A 28 1.99 2.07 3.13
CA VAL A 28 3.19 2.23 2.32
C VAL A 28 3.91 3.51 2.74
N VAL A 29 5.19 3.35 3.06
CA VAL A 29 5.99 4.48 3.47
C VAL A 29 7.08 4.74 2.42
N ASN A 30 7.26 6.01 2.12
CA ASN A 30 8.26 6.41 1.13
C ASN A 30 9.54 6.84 1.85
N ASN A 31 10.55 6.01 1.73
CA ASN A 31 11.84 6.28 2.36
C ASN A 31 12.75 6.98 1.35
N ASN A 32 12.54 8.28 1.22
CA ASN A 32 13.35 9.07 0.29
C ASN A 32 13.18 10.55 0.63
N THR A 33 11.94 11.01 0.55
CA THR A 33 11.63 12.40 0.84
C THR A 33 10.87 12.51 2.16
N GLY A 34 10.40 11.38 2.64
CA GLY A 34 9.65 11.34 3.88
C GLY A 34 8.14 11.35 3.63
N ARG A 35 7.70 10.33 2.90
CA ARG A 35 6.28 10.21 2.58
C ARG A 35 5.71 8.94 3.21
N GLN A 36 4.40 8.97 3.43
CA GLN A 36 3.72 7.84 4.02
C GLN A 36 2.22 7.90 3.71
N GLY A 37 1.63 6.72 3.53
CA GLY A 37 0.22 6.64 3.24
C GLY A 37 -0.39 5.37 3.82
N LYS A 38 -1.70 5.23 3.65
CA LYS A 38 -2.40 4.06 4.15
C LYS A 38 -3.88 4.17 3.78
N ASP A 39 -4.46 3.02 3.44
CA ASP A 39 -5.86 2.98 3.08
C ASP A 39 -6.54 1.82 3.81
N THR A 40 -6.94 2.10 5.05
CA THR A 40 -7.60 1.10 5.87
C THR A 40 -9.07 0.98 5.48
N GLN A 41 -9.52 -0.26 5.37
CA GLN A 41 -10.91 -0.52 5.01
C GLN A 41 -11.39 -1.81 5.67
N ARG A 42 -12.69 -2.05 5.55
CA ARG A 42 -13.29 -3.24 6.12
C ARG A 42 -13.23 -4.40 5.13
N ALA A 43 -13.94 -5.46 5.48
CA ALA A 43 -13.97 -6.65 4.63
C ALA A 43 -14.79 -6.35 3.38
N GLY A 44 -14.20 -6.65 2.23
CA GLY A 44 -14.86 -6.42 0.96
C GLY A 44 -14.58 -5.00 0.46
N VAL A 45 -13.36 -4.80 -0.02
CA VAL A 45 -12.95 -3.50 -0.54
C VAL A 45 -11.52 -3.60 -1.07
N TRP A 46 -11.16 -2.61 -1.87
CA TRP A 46 -9.82 -2.56 -2.44
C TRP A 46 -9.04 -1.44 -1.75
N ALA A 47 -8.04 -1.85 -1.00
CA ALA A 47 -7.21 -0.91 -0.27
C ALA A 47 -5.99 -0.55 -1.13
N LYS A 48 -6.06 0.63 -1.73
CA LYS A 48 -4.98 1.11 -2.57
C LYS A 48 -4.32 2.33 -1.92
N ALA A 49 -3.05 2.17 -1.59
CA ALA A 49 -2.29 3.23 -0.96
C ALA A 49 -1.26 3.78 -1.95
N THR A 50 -0.90 5.04 -1.75
CA THR A 50 0.07 5.68 -2.62
C THR A 50 0.86 6.74 -1.84
N VAL A 51 2.11 6.90 -2.22
CA VAL A 51 2.98 7.88 -1.57
C VAL A 51 4.27 8.03 -2.38
N GLY A 52 4.80 9.23 -2.37
CA GLY A 52 6.03 9.52 -3.09
C GLY A 52 5.73 9.85 -4.55
N ARG A 53 6.80 10.03 -5.31
CA ARG A 53 6.68 10.35 -6.72
C ARG A 53 7.82 11.29 -7.16
N ASN A 54 8.77 10.71 -7.88
CA ASN A 54 9.90 11.48 -8.37
C ASN A 54 10.74 10.61 -9.30
N LEU A 55 11.49 9.69 -8.69
CA LEU A 55 12.33 8.79 -9.46
C LEU A 55 13.42 8.22 -8.54
N THR A 56 13.68 6.93 -8.71
CA THR A 56 14.68 6.25 -7.91
C THR A 56 14.49 6.57 -6.43
N GLU A 57 13.87 5.63 -5.72
CA GLU A 57 13.62 5.80 -4.30
C GLU A 57 13.12 4.48 -3.69
N LYS A 58 13.36 4.34 -2.41
CA LYS A 58 12.95 3.15 -1.69
C LYS A 58 11.55 3.37 -1.09
N ALA A 59 10.92 2.27 -0.72
CA ALA A 59 9.59 2.34 -0.14
C ALA A 59 9.36 1.11 0.74
N SER A 60 8.52 1.28 1.75
CA SER A 60 8.20 0.19 2.66
C SER A 60 6.72 -0.17 2.56
N PHE A 61 6.47 -1.40 2.13
CA PHE A 61 5.11 -1.88 1.99
C PHE A 61 4.72 -2.80 3.15
N TYR A 62 3.59 -2.47 3.78
CA TYR A 62 3.09 -3.25 4.90
C TYR A 62 1.63 -3.60 4.68
N TYR A 63 1.14 -4.60 5.41
CA TYR A 63 -0.24 -5.03 5.28
C TYR A 63 -0.65 -5.83 6.51
N ASN A 64 -1.93 -6.16 6.61
CA ASN A 64 -2.42 -6.92 7.75
C ASN A 64 -3.92 -7.19 7.57
N PHE A 65 -4.49 -7.87 8.55
CA PHE A 65 -5.90 -8.19 8.51
C PHE A 65 -6.43 -8.52 9.90
N TRP A 66 -7.71 -8.23 10.10
CA TRP A 66 -8.35 -8.49 11.39
C TRP A 66 -9.86 -8.35 11.20
N GLU A 1 -4.40 -16.07 0.26
CA GLU A 1 -5.83 -16.08 0.50
C GLU A 1 -6.51 -14.92 -0.22
N GLY A 2 -5.84 -13.78 -0.18
CA GLY A 2 -6.37 -12.58 -0.82
C GLY A 2 -5.61 -12.28 -2.12
N THR A 3 -5.62 -11.00 -2.48
CA THR A 3 -4.94 -10.56 -3.69
C THR A 3 -4.02 -9.37 -3.38
N TRP A 4 -2.72 -9.65 -3.42
CA TRP A 4 -1.74 -8.61 -3.16
C TRP A 4 -1.13 -8.18 -4.49
N GLN A 5 -0.94 -6.87 -4.63
CA GLN A 5 -0.38 -6.32 -5.85
C GLN A 5 0.50 -5.11 -5.54
N HIS A 6 1.76 -5.40 -5.24
CA HIS A 6 2.71 -4.35 -4.91
C HIS A 6 3.60 -4.07 -6.12
N GLY A 7 3.78 -2.79 -6.40
CA GLY A 7 4.61 -2.38 -7.52
C GLY A 7 5.41 -1.11 -7.17
N TYR A 8 6.04 -0.54 -8.21
CA TYR A 8 6.83 0.66 -8.04
C TYR A 8 6.94 1.38 -9.38
N GLY A 9 6.28 2.53 -9.49
CA GLY A 9 6.32 3.29 -10.72
C GLY A 9 7.59 4.16 -10.80
N VAL A 10 8.70 3.53 -10.46
CA VAL A 10 9.99 4.21 -10.49
C VAL A 10 9.76 5.71 -10.25
N SER A 11 9.40 6.04 -9.02
CA SER A 11 9.15 7.42 -8.65
C SER A 11 8.22 7.48 -7.44
N SER A 12 7.24 6.59 -7.44
CA SER A 12 6.28 6.53 -6.36
C SER A 12 6.06 5.08 -5.93
N ALA A 13 5.34 4.92 -4.83
CA ALA A 13 5.05 3.59 -4.31
C ALA A 13 3.54 3.44 -4.14
N TYR A 14 3.04 2.26 -4.55
CA TYR A 14 1.62 1.96 -4.46
C TYR A 14 1.44 0.52 -4.00
N SER A 15 0.37 0.27 -3.25
CA SER A 15 0.10 -1.06 -2.77
C SER A 15 -1.41 -1.30 -2.72
N ASN A 16 -1.84 -2.31 -3.48
CA ASN A 16 -3.25 -2.65 -3.54
C ASN A 16 -3.44 -4.09 -3.05
N TYR A 17 -4.27 -4.22 -2.01
CA TYR A 17 -4.55 -5.51 -1.43
C TYR A 17 -6.05 -5.68 -1.24
N HIS A 18 -6.60 -6.77 -1.77
CA HIS A 18 -8.03 -7.01 -1.66
C HIS A 18 -8.27 -8.05 -0.56
N HIS A 19 -9.46 -7.96 0.04
CA HIS A 19 -9.83 -8.89 1.10
C HIS A 19 -11.35 -8.87 1.28
N GLY A 20 -11.93 -10.05 1.30
CA GLY A 20 -13.37 -10.18 1.48
C GLY A 20 -13.70 -11.19 2.57
N SER A 21 -12.89 -11.18 3.62
CA SER A 21 -13.08 -12.08 4.73
C SER A 21 -13.05 -11.31 6.05
N LYS A 22 -12.00 -10.51 6.21
CA LYS A 22 -11.83 -9.71 7.41
C LYS A 22 -11.19 -8.37 7.04
N THR A 23 -11.28 -7.44 7.98
CA THR A 23 -10.70 -6.12 7.77
C THR A 23 -9.27 -6.23 7.28
N HIS A 24 -8.83 -5.21 6.55
CA HIS A 24 -7.49 -5.19 6.01
C HIS A 24 -7.04 -3.74 5.82
N SER A 25 -5.73 -3.54 5.86
CA SER A 25 -5.16 -2.22 5.70
C SER A 25 -3.80 -2.32 5.00
N ALA A 26 -3.62 -1.47 3.99
CA ALA A 26 -2.38 -1.45 3.25
C ALA A 26 -1.61 -0.17 3.58
N THR A 27 -0.43 -0.36 4.17
CA THR A 27 0.41 0.76 4.54
C THR A 27 1.68 0.79 3.66
N VAL A 28 2.01 2.00 3.20
CA VAL A 28 3.18 2.17 2.38
C VAL A 28 3.91 3.46 2.78
N VAL A 29 5.18 3.31 3.09
CA VAL A 29 5.99 4.45 3.50
C VAL A 29 7.04 4.73 2.43
N ASN A 30 7.21 6.02 2.14
CA ASN A 30 8.17 6.44 1.14
C ASN A 30 9.47 6.88 1.83
N ASN A 31 10.48 6.04 1.74
CA ASN A 31 11.76 6.33 2.35
C ASN A 31 12.65 7.05 1.33
N ASN A 32 12.40 8.34 1.19
CA ASN A 32 13.17 9.15 0.25
C ASN A 32 12.99 10.63 0.60
N THR A 33 11.74 11.07 0.56
CA THR A 33 11.42 12.45 0.86
C THR A 33 10.70 12.54 2.20
N GLY A 34 10.24 11.40 2.68
CA GLY A 34 9.53 11.35 3.94
C GLY A 34 8.01 11.33 3.72
N ARG A 35 7.56 10.31 3.00
CA ARG A 35 6.14 10.17 2.71
C ARG A 35 5.58 8.94 3.42
N GLN A 36 4.27 8.91 3.53
CA GLN A 36 3.58 7.80 4.18
C GLN A 36 2.08 7.85 3.89
N GLY A 37 1.53 6.66 3.67
CA GLY A 37 0.11 6.55 3.37
C GLY A 37 -0.48 5.26 3.96
N LYS A 38 -1.76 5.08 3.73
CA LYS A 38 -2.45 3.91 4.23
C LYS A 38 -3.89 3.90 3.71
N ASP A 39 -4.38 2.69 3.46
CA ASP A 39 -5.74 2.53 2.96
C ASP A 39 -6.49 1.52 3.83
N THR A 40 -6.86 1.97 5.02
CA THR A 40 -7.59 1.12 5.95
C THR A 40 -9.04 0.98 5.52
N GLN A 41 -9.48 -0.27 5.42
CA GLN A 41 -10.85 -0.55 5.03
C GLN A 41 -11.35 -1.83 5.71
N ARG A 42 -12.64 -2.08 5.55
CA ARG A 42 -13.24 -3.27 6.14
C ARG A 42 -13.18 -4.44 5.17
N ALA A 43 -13.88 -5.51 5.53
CA ALA A 43 -13.91 -6.70 4.70
C ALA A 43 -14.73 -6.42 3.43
N GLY A 44 -14.12 -6.71 2.30
CA GLY A 44 -14.78 -6.49 1.02
C GLY A 44 -14.51 -5.08 0.51
N VAL A 45 -13.30 -4.88 0.02
CA VAL A 45 -12.90 -3.58 -0.51
C VAL A 45 -11.47 -3.67 -1.05
N TRP A 46 -11.14 -2.71 -1.91
CA TRP A 46 -9.81 -2.67 -2.50
C TRP A 46 -9.02 -1.57 -1.80
N ALA A 47 -8.03 -1.99 -1.02
CA ALA A 47 -7.20 -1.05 -0.30
C ALA A 47 -6.00 -0.67 -1.17
N LYS A 48 -6.07 0.52 -1.74
CA LYS A 48 -5.00 1.01 -2.59
C LYS A 48 -4.37 2.25 -1.95
N ALA A 49 -3.11 2.10 -1.57
CA ALA A 49 -2.38 3.20 -0.95
C ALA A 49 -1.35 3.75 -1.93
N THR A 50 -0.94 4.98 -1.68
CA THR A 50 0.05 5.62 -2.54
C THR A 50 0.81 6.69 -1.76
N VAL A 51 2.08 6.85 -2.12
CA VAL A 51 2.93 7.83 -1.46
C VAL A 51 4.23 7.99 -2.26
N GLY A 52 4.68 9.23 -2.34
CA GLY A 52 5.91 9.53 -3.06
C GLY A 52 5.62 9.86 -4.52
N ARG A 53 6.68 10.02 -5.28
CA ARG A 53 6.56 10.34 -6.70
C ARG A 53 7.60 11.38 -7.11
N ASN A 54 8.71 10.89 -7.63
CA ASN A 54 9.79 11.75 -8.07
C ASN A 54 10.62 11.04 -9.13
N LEU A 55 11.44 10.11 -8.65
CA LEU A 55 12.29 9.34 -9.54
C LEU A 55 13.31 8.54 -8.71
N THR A 56 13.29 7.23 -8.90
CA THR A 56 14.19 6.36 -8.17
C THR A 56 14.15 6.66 -6.67
N GLU A 57 13.50 5.77 -5.94
CA GLU A 57 13.37 5.93 -4.50
C GLU A 57 12.94 4.61 -3.85
N LYS A 58 13.16 4.53 -2.56
CA LYS A 58 12.80 3.34 -1.81
C LYS A 58 11.38 3.49 -1.27
N ALA A 59 10.87 2.40 -0.71
CA ALA A 59 9.53 2.41 -0.16
C ALA A 59 9.33 1.15 0.69
N SER A 60 8.49 1.29 1.71
CA SER A 60 8.21 0.17 2.60
C SER A 60 6.72 -0.20 2.52
N PHE A 61 6.48 -1.42 2.06
CA PHE A 61 5.12 -1.91 1.92
C PHE A 61 4.76 -2.86 3.06
N TYR A 62 3.63 -2.56 3.70
CA TYR A 62 3.14 -3.35 4.81
C TYR A 62 1.68 -3.70 4.61
N TYR A 63 1.20 -4.72 5.32
CA TYR A 63 -0.19 -5.14 5.21
C TYR A 63 -0.59 -5.89 6.47
N ASN A 64 -1.88 -6.20 6.58
CA ASN A 64 -2.37 -6.92 7.75
C ASN A 64 -3.87 -7.21 7.56
N PHE A 65 -4.44 -7.85 8.57
CA PHE A 65 -5.86 -8.19 8.54
C PHE A 65 -6.39 -8.44 9.95
N TRP A 66 -7.68 -8.17 10.11
CA TRP A 66 -8.32 -8.37 11.40
C TRP A 66 -9.84 -8.21 11.20
N GLU A 1 -7.09 -16.38 0.43
CA GLU A 1 -6.52 -15.47 1.42
C GLU A 1 -6.80 -14.02 1.03
N GLY A 2 -6.26 -13.64 -0.12
CA GLY A 2 -6.43 -12.29 -0.62
C GLY A 2 -5.59 -12.05 -1.87
N THR A 3 -5.66 -10.82 -2.38
CA THR A 3 -4.91 -10.46 -3.57
C THR A 3 -3.98 -9.28 -3.28
N TRP A 4 -2.69 -9.56 -3.31
CA TRP A 4 -1.69 -8.54 -3.06
C TRP A 4 -1.07 -8.14 -4.39
N GLN A 5 -0.86 -6.84 -4.55
CA GLN A 5 -0.27 -6.32 -5.77
C GLN A 5 0.63 -5.11 -5.46
N HIS A 6 1.87 -5.42 -5.10
CA HIS A 6 2.83 -4.38 -4.78
C HIS A 6 3.70 -4.09 -6.01
N GLY A 7 3.85 -2.80 -6.28
CA GLY A 7 4.65 -2.37 -7.42
C GLY A 7 5.48 -1.13 -7.07
N TYR A 8 6.11 -0.56 -8.10
CA TYR A 8 6.93 0.61 -7.93
C TYR A 8 7.05 1.35 -9.26
N GLY A 9 6.36 2.48 -9.38
CA GLY A 9 6.42 3.26 -10.60
C GLY A 9 7.68 4.11 -10.67
N VAL A 10 8.81 3.45 -10.37
CA VAL A 10 10.09 4.14 -10.40
C VAL A 10 9.87 5.64 -10.15
N SER A 11 9.52 5.95 -8.92
CA SER A 11 9.28 7.34 -8.53
C SER A 11 8.35 7.39 -7.32
N SER A 12 7.39 6.48 -7.31
CA SER A 12 6.43 6.41 -6.21
C SER A 12 6.23 4.96 -5.79
N ALA A 13 5.48 4.81 -4.70
CA ALA A 13 5.20 3.47 -4.18
C ALA A 13 3.69 3.32 -3.99
N TYR A 14 3.16 2.23 -4.55
CA TYR A 14 1.74 1.93 -4.46
C TYR A 14 1.53 0.51 -3.98
N SER A 15 0.47 0.28 -3.23
CA SER A 15 0.19 -1.05 -2.71
C SER A 15 -1.33 -1.28 -2.66
N ASN A 16 -1.77 -2.27 -3.42
CA ASN A 16 -3.18 -2.61 -3.48
C ASN A 16 -3.38 -4.05 -2.99
N TYR A 17 -4.21 -4.17 -1.94
CA TYR A 17 -4.50 -5.47 -1.36
C TYR A 17 -6.01 -5.62 -1.20
N HIS A 18 -6.54 -6.72 -1.71
CA HIS A 18 -7.97 -6.98 -1.61
C HIS A 18 -8.24 -8.02 -0.53
N HIS A 19 -9.42 -7.93 0.06
CA HIS A 19 -9.80 -8.86 1.11
C HIS A 19 -11.32 -8.85 1.28
N GLY A 20 -11.90 -10.04 1.27
CA GLY A 20 -13.34 -10.19 1.41
C GLY A 20 -13.68 -11.20 2.51
N SER A 21 -12.88 -11.17 3.56
CA SER A 21 -13.09 -12.08 4.68
C SER A 21 -13.06 -11.31 6.00
N LYS A 22 -12.03 -10.49 6.15
CA LYS A 22 -11.88 -9.70 7.36
C LYS A 22 -11.23 -8.36 7.00
N THR A 23 -11.33 -7.42 7.93
CA THR A 23 -10.76 -6.10 7.72
C THR A 23 -9.32 -6.22 7.24
N HIS A 24 -8.89 -5.19 6.51
CA HIS A 24 -7.53 -5.16 5.98
C HIS A 24 -7.09 -3.71 5.78
N SER A 25 -5.77 -3.52 5.81
CA SER A 25 -5.21 -2.19 5.64
C SER A 25 -3.86 -2.29 4.93
N ALA A 26 -3.65 -1.37 3.99
CA ALA A 26 -2.40 -1.34 3.24
C ALA A 26 -1.65 -0.05 3.56
N THR A 27 -0.47 -0.22 4.13
CA THR A 27 0.36 0.92 4.50
C THR A 27 1.64 0.93 3.67
N VAL A 28 1.97 2.11 3.17
CA VAL A 28 3.17 2.26 2.36
C VAL A 28 3.90 3.55 2.78
N VAL A 29 5.18 3.39 3.07
CA VAL A 29 6.00 4.52 3.49
C VAL A 29 7.07 4.78 2.44
N ASN A 30 7.26 6.05 2.13
CA ASN A 30 8.24 6.46 1.14
C ASN A 30 9.54 6.85 1.85
N ASN A 31 10.61 6.15 1.48
CA ASN A 31 11.91 6.42 2.07
C ASN A 31 12.76 7.22 1.09
N ASN A 32 12.57 8.54 1.14
CA ASN A 32 13.31 9.43 0.27
C ASN A 32 13.09 10.87 0.71
N THR A 33 11.82 11.26 0.73
CA THR A 33 11.46 12.61 1.13
C THR A 33 10.73 12.59 2.48
N GLY A 34 10.32 11.39 2.87
CA GLY A 34 9.62 11.22 4.13
C GLY A 34 8.11 11.22 3.92
N ARG A 35 7.66 10.30 3.08
CA ARG A 35 6.24 10.18 2.78
C ARG A 35 5.66 8.95 3.48
N GLN A 36 4.33 8.94 3.58
CA GLN A 36 3.63 7.85 4.22
C GLN A 36 2.14 7.90 3.89
N GLY A 37 1.58 6.74 3.63
CA GLY A 37 0.17 6.64 3.30
C GLY A 37 -0.44 5.34 3.85
N LYS A 38 -1.75 5.23 3.71
CA LYS A 38 -2.45 4.05 4.18
C LYS A 38 -3.94 4.16 3.80
N ASP A 39 -4.51 3.03 3.41
CA ASP A 39 -5.90 2.99 3.03
C ASP A 39 -6.60 1.84 3.77
N THR A 40 -6.94 2.10 5.02
CA THR A 40 -7.60 1.10 5.84
C THR A 40 -9.07 0.99 5.44
N GLN A 41 -9.52 -0.26 5.32
CA GLN A 41 -10.90 -0.53 4.95
C GLN A 41 -11.39 -1.81 5.62
N ARG A 42 -12.68 -2.07 5.48
CA ARG A 42 -13.28 -3.26 6.06
C ARG A 42 -13.20 -4.43 5.07
N ALA A 43 -13.90 -5.50 5.43
CA ALA A 43 -13.93 -6.69 4.59
C ALA A 43 -14.73 -6.40 3.33
N GLY A 44 -14.12 -6.70 2.19
CA GLY A 44 -14.77 -6.49 0.91
C GLY A 44 -14.49 -5.07 0.39
N VAL A 45 -13.28 -4.87 -0.07
CA VAL A 45 -12.87 -3.58 -0.59
C VAL A 45 -11.44 -3.65 -1.11
N TRP A 46 -11.07 -2.67 -1.91
CA TRP A 46 -9.73 -2.62 -2.47
C TRP A 46 -8.97 -1.50 -1.77
N ALA A 47 -7.95 -1.89 -1.01
CA ALA A 47 -7.15 -0.94 -0.29
C ALA A 47 -5.92 -0.56 -1.13
N LYS A 48 -6.00 0.61 -1.75
CA LYS A 48 -4.92 1.10 -2.57
C LYS A 48 -4.29 2.32 -1.92
N ALA A 49 -3.01 2.19 -1.61
CA ALA A 49 -2.27 3.28 -0.98
C ALA A 49 -1.23 3.82 -1.96
N THR A 50 -0.84 5.07 -1.73
CA THR A 50 0.14 5.72 -2.58
C THR A 50 0.91 6.77 -1.79
N VAL A 51 2.17 6.93 -2.15
CA VAL A 51 3.02 7.91 -1.49
C VAL A 51 4.33 8.05 -2.28
N GLY A 52 4.84 9.28 -2.30
CA GLY A 52 6.07 9.56 -3.01
C GLY A 52 5.80 9.87 -4.49
N ARG A 53 6.88 9.99 -5.24
CA ARG A 53 6.77 10.29 -6.66
C ARG A 53 7.88 11.27 -7.09
N ASN A 54 8.99 10.70 -7.52
CA ASN A 54 10.11 11.51 -7.96
C ASN A 54 10.92 10.74 -9.02
N LEU A 55 11.62 9.72 -8.56
CA LEU A 55 12.43 8.91 -9.45
C LEU A 55 13.49 8.16 -8.64
N THR A 56 13.58 6.86 -8.91
CA THR A 56 14.55 6.04 -8.21
C THR A 56 14.51 6.31 -6.70
N GLU A 57 13.81 5.43 -5.99
CA GLU A 57 13.69 5.58 -4.55
C GLU A 57 13.13 4.29 -3.93
N LYS A 58 13.42 4.11 -2.66
CA LYS A 58 12.96 2.93 -1.94
C LYS A 58 11.63 3.25 -1.25
N ALA A 59 11.04 2.21 -0.68
CA ALA A 59 9.77 2.36 0.01
C ALA A 59 9.55 1.15 0.92
N SER A 60 8.57 1.28 1.80
CA SER A 60 8.24 0.21 2.73
C SER A 60 6.75 -0.14 2.63
N PHE A 61 6.50 -1.38 2.25
CA PHE A 61 5.12 -1.84 2.10
C PHE A 61 4.73 -2.75 3.28
N TYR A 62 3.60 -2.40 3.90
CA TYR A 62 3.09 -3.15 5.03
C TYR A 62 1.63 -3.50 4.81
N TYR A 63 1.14 -4.52 5.51
CA TYR A 63 -0.24 -4.95 5.39
C TYR A 63 -0.66 -5.74 6.63
N ASN A 64 -1.94 -6.08 6.70
CA ASN A 64 -2.44 -6.83 7.85
C ASN A 64 -3.92 -7.10 7.66
N PHE A 65 -4.50 -7.77 8.65
CA PHE A 65 -5.91 -8.11 8.59
C PHE A 65 -6.45 -8.42 9.99
N TRP A 66 -7.74 -8.18 10.16
CA TRP A 66 -8.39 -8.43 11.43
C TRP A 66 -9.91 -8.30 11.23
N GLU A 1 -3.51 -13.21 2.82
CA GLU A 1 -3.13 -13.60 1.48
C GLU A 1 -3.89 -12.78 0.44
N GLY A 2 -5.19 -13.06 0.35
CA GLY A 2 -6.04 -12.35 -0.59
C GLY A 2 -5.27 -12.00 -1.87
N THR A 3 -5.65 -10.88 -2.47
CA THR A 3 -5.01 -10.43 -3.68
C THR A 3 -4.08 -9.24 -3.39
N TRP A 4 -2.79 -9.53 -3.40
CA TRP A 4 -1.79 -8.50 -3.14
C TRP A 4 -1.17 -8.09 -4.47
N GLN A 5 -0.98 -6.78 -4.62
CA GLN A 5 -0.40 -6.26 -5.84
C GLN A 5 0.49 -5.05 -5.53
N HIS A 6 1.74 -5.34 -5.22
CA HIS A 6 2.70 -4.30 -4.90
C HIS A 6 3.56 -3.99 -6.12
N GLY A 7 3.76 -2.70 -6.36
CA GLY A 7 4.56 -2.26 -7.49
C GLY A 7 5.42 -1.05 -7.13
N TYR A 8 6.09 -0.51 -8.14
CA TYR A 8 6.96 0.64 -7.95
C TYR A 8 7.19 1.34 -9.29
N GLY A 9 6.51 2.46 -9.49
CA GLY A 9 6.66 3.20 -10.73
C GLY A 9 7.92 4.07 -10.71
N VAL A 10 9.01 3.45 -10.29
CA VAL A 10 10.28 4.17 -10.21
C VAL A 10 10.02 5.65 -10.01
N SER A 11 9.55 5.99 -8.81
CA SER A 11 9.26 7.37 -8.48
C SER A 11 8.25 7.43 -7.33
N SER A 12 7.29 6.53 -7.38
CA SER A 12 6.26 6.47 -6.35
C SER A 12 6.08 5.02 -5.88
N ALA A 13 5.30 4.88 -4.82
CA ALA A 13 5.03 3.56 -4.26
C ALA A 13 3.53 3.38 -4.07
N TYR A 14 3.01 2.27 -4.59
CA TYR A 14 1.60 1.97 -4.48
C TYR A 14 1.42 0.54 -3.99
N SER A 15 0.34 0.29 -3.26
CA SER A 15 0.08 -1.04 -2.74
C SER A 15 -1.43 -1.28 -2.65
N ASN A 16 -1.89 -2.25 -3.43
CA ASN A 16 -3.31 -2.58 -3.44
C ASN A 16 -3.50 -4.00 -2.92
N TYR A 17 -4.34 -4.11 -1.89
CA TYR A 17 -4.62 -5.41 -1.27
C TYR A 17 -6.13 -5.58 -1.12
N HIS A 18 -6.65 -6.69 -1.60
CA HIS A 18 -8.08 -6.95 -1.50
C HIS A 18 -8.33 -8.05 -0.46
N HIS A 19 -9.55 -8.06 0.07
CA HIS A 19 -9.92 -9.04 1.07
C HIS A 19 -11.44 -9.03 1.25
N GLY A 20 -11.99 -10.22 1.40
CA GLY A 20 -13.43 -10.36 1.58
C GLY A 20 -13.74 -11.40 2.67
N SER A 21 -13.00 -11.32 3.76
CA SER A 21 -13.18 -12.23 4.87
C SER A 21 -13.07 -11.47 6.20
N LYS A 22 -12.03 -10.66 6.28
CA LYS A 22 -11.79 -9.88 7.49
C LYS A 22 -11.15 -8.54 7.10
N THR A 23 -11.34 -7.56 7.97
CA THR A 23 -10.80 -6.23 7.74
C THR A 23 -9.36 -6.33 7.22
N HIS A 24 -8.95 -5.29 6.51
CA HIS A 24 -7.61 -5.24 5.96
C HIS A 24 -7.16 -3.78 5.80
N SER A 25 -5.86 -3.60 5.79
CA SER A 25 -5.30 -2.26 5.65
C SER A 25 -3.96 -2.34 4.92
N ALA A 26 -3.76 -1.38 4.02
CA ALA A 26 -2.53 -1.33 3.24
C ALA A 26 -1.77 -0.04 3.60
N THR A 27 -0.57 -0.23 4.12
CA THR A 27 0.27 0.89 4.50
C THR A 27 1.56 0.91 3.67
N VAL A 28 1.89 2.09 3.18
CA VAL A 28 3.08 2.26 2.37
C VAL A 28 3.80 3.54 2.79
N VAL A 29 5.08 3.40 3.11
CA VAL A 29 5.88 4.54 3.51
C VAL A 29 6.95 4.80 2.45
N ASN A 30 7.13 6.08 2.16
CA ASN A 30 8.12 6.49 1.17
C ASN A 30 9.40 6.93 1.88
N ASN A 31 10.40 6.07 1.82
CA ASN A 31 11.68 6.36 2.45
C ASN A 31 12.60 7.05 1.44
N ASN A 32 12.37 8.34 1.27
CA ASN A 32 13.17 9.13 0.34
C ASN A 32 13.00 10.61 0.66
N THR A 33 11.75 11.06 0.56
CA THR A 33 11.43 12.46 0.83
C THR A 33 10.69 12.58 2.16
N GLY A 34 10.20 11.46 2.63
CA GLY A 34 9.47 11.43 3.90
C GLY A 34 7.97 11.42 3.65
N ARG A 35 7.52 10.39 2.95
CA ARG A 35 6.10 10.24 2.64
C ARG A 35 5.53 9.01 3.34
N GLN A 36 4.21 9.00 3.46
CA GLN A 36 3.53 7.89 4.11
C GLN A 36 2.03 7.93 3.80
N GLY A 37 1.47 6.75 3.57
CA GLY A 37 0.06 6.64 3.26
C GLY A 37 -0.53 5.35 3.84
N LYS A 38 -1.85 5.23 3.71
CA LYS A 38 -2.54 4.05 4.21
C LYS A 38 -4.02 4.15 3.84
N ASP A 39 -4.58 2.99 3.48
CA ASP A 39 -5.98 2.93 3.10
C ASP A 39 -6.65 1.79 3.86
N THR A 40 -7.04 2.09 5.09
CA THR A 40 -7.70 1.09 5.92
C THR A 40 -9.17 0.95 5.52
N GLN A 41 -9.60 -0.31 5.42
CA GLN A 41 -10.97 -0.59 5.05
C GLN A 41 -11.45 -1.87 5.74
N ARG A 42 -12.74 -2.14 5.58
CA ARG A 42 -13.34 -3.32 6.18
C ARG A 42 -13.29 -4.49 5.20
N ALA A 43 -13.99 -5.56 5.56
CA ALA A 43 -14.03 -6.75 4.72
C ALA A 43 -14.82 -6.44 3.46
N GLY A 44 -14.23 -6.81 2.32
CA GLY A 44 -14.88 -6.57 1.04
C GLY A 44 -14.60 -5.15 0.54
N VAL A 45 -13.39 -4.95 0.05
CA VAL A 45 -13.00 -3.64 -0.46
C VAL A 45 -11.56 -3.72 -0.98
N TRP A 46 -11.21 -2.73 -1.78
CA TRP A 46 -9.87 -2.66 -2.35
C TRP A 46 -9.10 -1.55 -1.66
N ALA A 47 -8.07 -1.94 -0.93
CA ALA A 47 -7.24 -0.98 -0.21
C ALA A 47 -6.03 -0.60 -1.08
N LYS A 48 -6.12 0.56 -1.69
CA LYS A 48 -5.03 1.05 -2.52
C LYS A 48 -4.40 2.27 -1.88
N ALA A 49 -3.12 2.12 -1.55
CA ALA A 49 -2.38 3.20 -0.93
C ALA A 49 -1.34 3.74 -1.92
N THR A 50 -0.98 5.01 -1.72
CA THR A 50 0.00 5.65 -2.59
C THR A 50 0.77 6.71 -1.80
N VAL A 51 2.03 6.89 -2.19
CA VAL A 51 2.88 7.86 -1.54
C VAL A 51 4.18 8.00 -2.34
N GLY A 52 4.68 9.23 -2.39
CA GLY A 52 5.91 9.51 -3.11
C GLY A 52 5.63 9.82 -4.58
N ARG A 53 6.70 10.00 -5.33
CA ARG A 53 6.58 10.30 -6.75
C ARG A 53 7.66 11.29 -7.18
N ASN A 54 8.70 10.75 -7.80
CA ASN A 54 9.80 11.58 -8.27
C ASN A 54 10.68 10.77 -9.22
N LEU A 55 11.45 9.86 -8.63
CA LEU A 55 12.34 9.01 -9.40
C LEU A 55 13.40 8.42 -8.49
N THR A 56 13.68 7.15 -8.71
CA THR A 56 14.69 6.46 -7.90
C THR A 56 14.45 6.72 -6.41
N GLU A 57 13.88 5.73 -5.75
CA GLU A 57 13.59 5.84 -4.33
C GLU A 57 13.07 4.51 -3.79
N LYS A 58 13.19 4.34 -2.48
CA LYS A 58 12.74 3.14 -1.83
C LYS A 58 11.35 3.38 -1.22
N ALA A 59 10.77 2.31 -0.69
CA ALA A 59 9.46 2.38 -0.09
C ALA A 59 9.23 1.16 0.79
N SER A 60 8.42 1.34 1.82
CA SER A 60 8.11 0.25 2.73
C SER A 60 6.63 -0.12 2.62
N PHE A 61 6.39 -1.35 2.19
CA PHE A 61 5.04 -1.84 2.03
C PHE A 61 4.65 -2.77 3.19
N TYR A 62 3.51 -2.46 3.80
CA TYR A 62 3.00 -3.24 4.91
C TYR A 62 1.54 -3.60 4.67
N TYR A 63 1.05 -4.62 5.39
CA TYR A 63 -0.32 -5.06 5.24
C TYR A 63 -0.73 -5.87 6.47
N ASN A 64 -2.00 -6.23 6.54
CA ASN A 64 -2.50 -7.00 7.67
C ASN A 64 -3.99 -7.28 7.47
N PHE A 65 -4.57 -7.96 8.45
CA PHE A 65 -5.98 -8.29 8.40
C PHE A 65 -6.52 -8.62 9.80
N TRP A 66 -7.77 -8.27 10.02
CA TRP A 66 -8.42 -8.52 11.29
C TRP A 66 -9.93 -8.38 11.10
N GLU A 1 -3.03 -15.28 0.72
CA GLU A 1 -4.47 -15.05 0.75
C GLU A 1 -4.82 -13.75 0.03
N GLY A 2 -6.12 -13.55 -0.16
CA GLY A 2 -6.59 -12.35 -0.83
C GLY A 2 -5.79 -12.09 -2.12
N THR A 3 -5.80 -10.83 -2.52
CA THR A 3 -5.08 -10.43 -3.73
C THR A 3 -4.14 -9.26 -3.43
N TRP A 4 -2.85 -9.55 -3.52
CA TRP A 4 -1.85 -8.53 -3.26
C TRP A 4 -1.25 -8.10 -4.60
N GLN A 5 -1.05 -6.79 -4.73
CA GLN A 5 -0.50 -6.24 -5.96
C GLN A 5 0.41 -5.05 -5.64
N HIS A 6 1.65 -5.36 -5.31
CA HIS A 6 2.61 -4.34 -4.98
C HIS A 6 3.50 -4.05 -6.20
N GLY A 7 3.72 -2.77 -6.44
CA GLY A 7 4.54 -2.35 -7.57
C GLY A 7 5.36 -1.11 -7.21
N TYR A 8 5.97 -0.52 -8.24
CA TYR A 8 6.80 0.65 -8.07
C TYR A 8 6.92 1.39 -9.41
N GLY A 9 6.26 2.53 -9.50
CA GLY A 9 6.31 3.32 -10.73
C GLY A 9 7.57 4.19 -10.76
N VAL A 10 8.68 3.58 -10.41
CA VAL A 10 9.96 4.28 -10.40
C VAL A 10 9.71 5.77 -10.16
N SER A 11 9.34 6.09 -8.93
CA SER A 11 9.08 7.46 -8.55
C SER A 11 8.14 7.51 -7.35
N SER A 12 7.19 6.58 -7.35
CA SER A 12 6.22 6.49 -6.27
C SER A 12 6.02 5.04 -5.85
N ALA A 13 5.30 4.86 -4.75
CA ALA A 13 5.03 3.54 -4.24
C ALA A 13 3.53 3.36 -4.03
N TYR A 14 3.00 2.27 -4.58
CA TYR A 14 1.59 1.97 -4.47
C TYR A 14 1.39 0.53 -4.02
N SER A 15 0.33 0.27 -3.27
CA SER A 15 0.06 -1.06 -2.78
C SER A 15 -1.46 -1.29 -2.69
N ASN A 16 -1.93 -2.24 -3.49
CA ASN A 16 -3.35 -2.57 -3.50
C ASN A 16 -3.54 -4.00 -3.03
N TYR A 17 -4.35 -4.15 -1.98
CA TYR A 17 -4.64 -5.45 -1.42
C TYR A 17 -6.14 -5.62 -1.23
N HIS A 18 -6.68 -6.71 -1.76
CA HIS A 18 -8.10 -6.97 -1.65
C HIS A 18 -8.36 -8.02 -0.57
N HIS A 19 -9.54 -7.96 0.02
CA HIS A 19 -9.92 -8.90 1.06
C HIS A 19 -11.43 -8.88 1.24
N GLY A 20 -12.01 -10.08 1.30
CA GLY A 20 -13.44 -10.21 1.47
C GLY A 20 -13.77 -11.26 2.54
N SER A 21 -12.96 -11.25 3.59
CA SER A 21 -13.15 -12.20 4.68
C SER A 21 -13.06 -11.47 6.02
N LYS A 22 -12.04 -10.64 6.15
CA LYS A 22 -11.83 -9.88 7.36
C LYS A 22 -11.20 -8.53 7.02
N THR A 23 -11.26 -7.62 7.98
CA THR A 23 -10.70 -6.29 7.79
C THR A 23 -9.26 -6.39 7.27
N HIS A 24 -8.86 -5.34 6.56
CA HIS A 24 -7.52 -5.30 6.00
C HIS A 24 -7.07 -3.85 5.84
N SER A 25 -5.76 -3.65 5.83
CA SER A 25 -5.21 -2.31 5.68
C SER A 25 -3.87 -2.38 4.94
N ALA A 26 -3.69 -1.44 4.02
CA ALA A 26 -2.47 -1.39 3.24
C ALA A 26 -1.69 -0.13 3.61
N THR A 27 -0.49 -0.34 4.13
CA THR A 27 0.36 0.77 4.52
C THR A 27 1.63 0.80 3.67
N VAL A 28 1.94 1.99 3.18
CA VAL A 28 3.13 2.16 2.34
C VAL A 28 3.86 3.44 2.77
N VAL A 29 5.14 3.28 3.06
CA VAL A 29 5.95 4.41 3.48
C VAL A 29 7.00 4.70 2.41
N ASN A 30 7.19 5.98 2.14
CA ASN A 30 8.14 6.41 1.14
C ASN A 30 9.44 6.83 1.82
N ASN A 31 10.45 5.97 1.71
CA ASN A 31 11.73 6.24 2.31
C ASN A 31 12.63 6.98 1.31
N ASN A 32 12.40 8.27 1.20
CA ASN A 32 13.16 9.10 0.29
C ASN A 32 12.99 10.57 0.67
N THR A 33 11.76 11.02 0.64
CA THR A 33 11.44 12.40 0.98
C THR A 33 10.73 12.47 2.33
N GLY A 34 10.27 11.31 2.78
CA GLY A 34 9.57 11.22 4.05
C GLY A 34 8.05 11.22 3.84
N ARG A 35 7.59 10.24 3.09
CA ARG A 35 6.18 10.10 2.81
C ARG A 35 5.61 8.85 3.47
N GLN A 36 4.30 8.84 3.62
CA GLN A 36 3.63 7.71 4.25
C GLN A 36 2.12 7.76 3.95
N GLY A 37 1.57 6.59 3.63
CA GLY A 37 0.16 6.48 3.32
C GLY A 37 -0.46 5.24 3.98
N LYS A 38 -1.77 5.13 3.83
CA LYS A 38 -2.48 4.00 4.41
C LYS A 38 -3.96 4.10 4.02
N ASP A 39 -4.51 2.96 3.61
CA ASP A 39 -5.90 2.90 3.21
C ASP A 39 -6.59 1.76 3.95
N THR A 40 -6.94 2.02 5.19
CA THR A 40 -7.60 1.02 6.01
C THR A 40 -9.07 0.90 5.62
N GLN A 41 -9.52 -0.35 5.50
CA GLN A 41 -10.89 -0.62 5.12
C GLN A 41 -11.37 -1.93 5.78
N ARG A 42 -12.66 -2.18 5.64
CA ARG A 42 -13.26 -3.38 6.21
C ARG A 42 -13.21 -4.52 5.20
N ALA A 43 -13.91 -5.59 5.54
CA ALA A 43 -13.96 -6.77 4.67
C ALA A 43 -14.78 -6.43 3.43
N GLY A 44 -14.19 -6.72 2.27
CA GLY A 44 -14.85 -6.45 1.01
C GLY A 44 -14.57 -5.03 0.53
N VAL A 45 -13.36 -4.84 0.04
CA VAL A 45 -12.96 -3.53 -0.46
C VAL A 45 -11.53 -3.61 -1.00
N TRP A 46 -11.17 -2.60 -1.78
CA TRP A 46 -9.84 -2.55 -2.37
C TRP A 46 -9.06 -1.44 -1.68
N ALA A 47 -8.05 -1.85 -0.93
CA ALA A 47 -7.21 -0.91 -0.20
C ALA A 47 -6.01 -0.54 -1.07
N LYS A 48 -6.09 0.65 -1.65
CA LYS A 48 -5.01 1.14 -2.50
C LYS A 48 -4.33 2.32 -1.81
N ALA A 49 -3.07 2.11 -1.47
CA ALA A 49 -2.28 3.15 -0.82
C ALA A 49 -1.24 3.69 -1.79
N THR A 50 -0.95 4.98 -1.64
CA THR A 50 0.02 5.63 -2.51
C THR A 50 0.79 6.69 -1.73
N VAL A 51 2.05 6.89 -2.12
CA VAL A 51 2.89 7.87 -1.47
C VAL A 51 4.17 8.05 -2.29
N GLY A 52 4.66 9.29 -2.28
CA GLY A 52 5.88 9.61 -3.02
C GLY A 52 5.56 9.91 -4.48
N ARG A 53 6.62 10.04 -5.27
CA ARG A 53 6.47 10.34 -6.68
C ARG A 53 7.55 11.30 -7.14
N ASN A 54 8.59 10.75 -7.75
CA ASN A 54 9.70 11.55 -8.23
C ASN A 54 10.54 10.72 -9.21
N LEU A 55 11.29 9.79 -8.64
CA LEU A 55 12.15 8.92 -9.44
C LEU A 55 13.23 8.32 -8.54
N THR A 56 13.50 7.04 -8.77
CA THR A 56 14.50 6.33 -8.01
C THR A 56 14.33 6.61 -6.51
N GLU A 57 13.67 5.68 -5.83
CA GLU A 57 13.43 5.83 -4.41
C GLU A 57 12.93 4.50 -3.82
N LYS A 58 13.20 4.33 -2.53
CA LYS A 58 12.79 3.12 -1.84
C LYS A 58 11.42 3.35 -1.19
N ALA A 59 10.78 2.25 -0.83
CA ALA A 59 9.47 2.31 -0.21
C ALA A 59 9.26 1.06 0.65
N SER A 60 8.45 1.21 1.68
CA SER A 60 8.15 0.11 2.58
C SER A 60 6.67 -0.26 2.49
N PHE A 61 6.42 -1.48 2.05
CA PHE A 61 5.05 -1.96 1.92
C PHE A 61 4.69 -2.90 3.07
N TYR A 62 3.55 -2.59 3.71
CA TYR A 62 3.08 -3.38 4.82
C TYR A 62 1.61 -3.73 4.62
N TYR A 63 1.12 -4.75 5.32
CA TYR A 63 -0.25 -5.17 5.22
C TYR A 63 -0.65 -5.98 6.44
N ASN A 64 -1.93 -6.30 6.56
CA ASN A 64 -2.41 -7.06 7.69
C ASN A 64 -3.90 -7.34 7.52
N PHE A 65 -4.48 -8.02 8.50
CA PHE A 65 -5.89 -8.35 8.48
C PHE A 65 -6.41 -8.66 9.88
N TRP A 66 -7.69 -8.38 10.08
CA TRP A 66 -8.31 -8.62 11.37
C TRP A 66 -9.83 -8.49 11.19
N GLU A 1 -3.47 -15.15 0.92
CA GLU A 1 -4.72 -15.69 0.43
C GLU A 1 -5.40 -14.69 -0.50
N GLY A 2 -5.61 -13.48 0.03
CA GLY A 2 -6.25 -12.43 -0.74
C GLY A 2 -5.47 -12.13 -2.02
N THR A 3 -5.62 -10.90 -2.49
CA THR A 3 -4.94 -10.48 -3.70
C THR A 3 -4.02 -9.29 -3.41
N TRP A 4 -2.72 -9.59 -3.43
CA TRP A 4 -1.72 -8.56 -3.16
C TRP A 4 -1.10 -8.16 -4.50
N GLN A 5 -0.89 -6.85 -4.65
CA GLN A 5 -0.29 -6.33 -5.87
C GLN A 5 0.61 -5.14 -5.55
N HIS A 6 1.83 -5.46 -5.16
CA HIS A 6 2.80 -4.43 -4.82
C HIS A 6 3.66 -4.12 -6.05
N GLY A 7 3.80 -2.83 -6.31
CA GLY A 7 4.60 -2.39 -7.45
C GLY A 7 5.42 -1.15 -7.09
N TYR A 8 6.06 -0.58 -8.12
CA TYR A 8 6.89 0.60 -7.95
C TYR A 8 7.02 1.33 -9.27
N GLY A 9 6.31 2.45 -9.40
CA GLY A 9 6.37 3.23 -10.63
C GLY A 9 7.65 4.07 -10.69
N VAL A 10 8.77 3.41 -10.42
CA VAL A 10 10.06 4.07 -10.45
C VAL A 10 9.85 5.58 -10.20
N SER A 11 9.48 5.89 -8.96
CA SER A 11 9.26 7.27 -8.59
C SER A 11 8.33 7.34 -7.38
N SER A 12 7.36 6.43 -7.38
CA SER A 12 6.39 6.38 -6.29
C SER A 12 6.17 4.93 -5.86
N ALA A 13 5.42 4.78 -4.78
CA ALA A 13 5.14 3.45 -4.25
C ALA A 13 3.63 3.30 -4.05
N TYR A 14 3.11 2.19 -4.58
CA TYR A 14 1.68 1.90 -4.48
C TYR A 14 1.48 0.47 -3.99
N SER A 15 0.41 0.25 -3.24
CA SER A 15 0.13 -1.08 -2.72
C SER A 15 -1.39 -1.30 -2.68
N ASN A 16 -1.83 -2.31 -3.43
CA ASN A 16 -3.24 -2.64 -3.48
C ASN A 16 -3.44 -4.08 -3.01
N TYR A 17 -4.26 -4.21 -1.96
CA TYR A 17 -4.56 -5.51 -1.39
C TYR A 17 -6.06 -5.68 -1.21
N HIS A 18 -6.60 -6.78 -1.70
CA HIS A 18 -8.02 -7.03 -1.59
C HIS A 18 -8.28 -8.05 -0.47
N HIS A 19 -9.47 -7.95 0.12
CA HIS A 19 -9.84 -8.85 1.19
C HIS A 19 -11.36 -8.82 1.37
N GLY A 20 -11.94 -10.00 1.44
CA GLY A 20 -13.38 -10.12 1.61
C GLY A 20 -13.72 -11.17 2.69
N SER A 21 -12.90 -11.17 3.74
CA SER A 21 -13.10 -12.11 4.83
C SER A 21 -13.01 -11.36 6.17
N LYS A 22 -12.01 -10.51 6.28
CA LYS A 22 -11.80 -9.74 7.49
C LYS A 22 -11.13 -8.40 7.14
N THR A 23 -11.33 -7.43 8.01
CA THR A 23 -10.77 -6.11 7.80
C THR A 23 -9.32 -6.22 7.31
N HIS A 24 -8.90 -5.20 6.59
CA HIS A 24 -7.55 -5.17 6.04
C HIS A 24 -7.11 -3.72 5.84
N SER A 25 -5.81 -3.52 5.82
CA SER A 25 -5.24 -2.19 5.63
C SER A 25 -3.91 -2.29 4.90
N ALA A 26 -3.70 -1.37 3.97
CA ALA A 26 -2.47 -1.33 3.20
C ALA A 26 -1.71 -0.05 3.52
N THR A 27 -0.54 -0.22 4.11
CA THR A 27 0.30 0.91 4.48
C THR A 27 1.59 0.91 3.65
N VAL A 28 1.93 2.10 3.17
CA VAL A 28 3.13 2.25 2.36
C VAL A 28 3.86 3.53 2.77
N VAL A 29 5.13 3.37 3.10
CA VAL A 29 5.95 4.50 3.51
C VAL A 29 7.02 4.76 2.45
N ASN A 30 7.21 6.04 2.15
CA ASN A 30 8.21 6.43 1.16
C ASN A 30 9.49 6.86 1.88
N ASN A 31 10.50 6.01 1.77
CA ASN A 31 11.78 6.28 2.41
C ASN A 31 12.70 6.98 1.39
N ASN A 32 12.49 8.28 1.27
CA ASN A 32 13.29 9.07 0.34
C ASN A 32 13.11 10.56 0.68
N THR A 33 11.87 11.01 0.59
CA THR A 33 11.56 12.40 0.87
C THR A 33 10.81 12.51 2.21
N GLY A 34 10.33 11.38 2.68
CA GLY A 34 9.60 11.34 3.94
C GLY A 34 8.09 11.34 3.70
N ARG A 35 7.64 10.32 2.97
CA ARG A 35 6.23 10.19 2.66
C ARG A 35 5.63 8.97 3.36
N GLN A 36 4.31 8.97 3.47
CA GLN A 36 3.62 7.86 4.12
C GLN A 36 2.12 7.92 3.79
N GLY A 37 1.56 6.74 3.56
CA GLY A 37 0.14 6.64 3.24
C GLY A 37 -0.46 5.35 3.80
N LYS A 38 -1.77 5.23 3.66
CA LYS A 38 -2.47 4.06 4.15
C LYS A 38 -3.95 4.15 3.76
N ASP A 39 -4.51 3.02 3.40
CA ASP A 39 -5.91 2.96 3.01
C ASP A 39 -6.60 1.83 3.77
N THR A 40 -6.97 2.13 5.01
CA THR A 40 -7.64 1.15 5.85
C THR A 40 -9.11 1.02 5.43
N GLN A 41 -9.55 -0.23 5.34
CA GLN A 41 -10.93 -0.51 4.97
C GLN A 41 -11.43 -1.79 5.65
N ARG A 42 -12.72 -2.04 5.50
CA ARG A 42 -13.32 -3.21 6.10
C ARG A 42 -13.23 -4.40 5.13
N ALA A 43 -13.93 -5.47 5.50
CA ALA A 43 -13.94 -6.67 4.68
C ALA A 43 -14.76 -6.42 3.42
N GLY A 44 -14.13 -6.68 2.27
CA GLY A 44 -14.78 -6.48 0.99
C GLY A 44 -14.52 -5.07 0.45
N VAL A 45 -13.30 -4.88 -0.02
CA VAL A 45 -12.90 -3.58 -0.56
C VAL A 45 -11.47 -3.67 -1.08
N TRP A 46 -11.11 -2.69 -1.90
CA TRP A 46 -9.77 -2.65 -2.46
C TRP A 46 -9.00 -1.51 -1.77
N ALA A 47 -8.00 -1.90 -1.01
CA ALA A 47 -7.18 -0.93 -0.30
C ALA A 47 -5.96 -0.57 -1.15
N LYS A 48 -6.04 0.60 -1.77
CA LYS A 48 -4.96 1.07 -2.61
C LYS A 48 -4.31 2.30 -1.97
N ALA A 49 -3.04 2.15 -1.61
CA ALA A 49 -2.30 3.23 -0.99
C ALA A 49 -1.25 3.76 -1.98
N THR A 50 -0.88 5.01 -1.77
CA THR A 50 0.11 5.65 -2.62
C THR A 50 0.88 6.72 -1.84
N VAL A 51 2.14 6.87 -2.21
CA VAL A 51 3.00 7.86 -1.56
C VAL A 51 4.30 7.99 -2.34
N GLY A 52 4.80 9.21 -2.39
CA GLY A 52 6.04 9.49 -3.10
C GLY A 52 5.77 9.81 -4.57
N ARG A 53 6.85 9.96 -5.32
CA ARG A 53 6.74 10.26 -6.74
C ARG A 53 7.81 11.26 -7.16
N ASN A 54 8.90 10.72 -7.70
CA ASN A 54 10.00 11.56 -8.14
C ASN A 54 10.88 10.76 -9.11
N LEU A 55 11.62 9.82 -8.53
CA LEU A 55 12.51 8.98 -9.33
C LEU A 55 13.56 8.35 -8.41
N THR A 56 13.80 7.07 -8.64
CA THR A 56 14.78 6.34 -7.84
C THR A 56 14.57 6.62 -6.36
N GLU A 57 13.87 5.71 -5.70
CA GLU A 57 13.60 5.86 -4.28
C GLU A 57 13.11 4.53 -3.69
N LYS A 58 13.27 4.39 -2.39
CA LYS A 58 12.84 3.19 -1.71
C LYS A 58 11.43 3.39 -1.17
N ALA A 59 10.88 2.31 -0.63
CA ALA A 59 9.53 2.35 -0.08
C ALA A 59 9.31 1.13 0.80
N SER A 60 8.45 1.29 1.80
CA SER A 60 8.15 0.21 2.72
C SER A 60 6.66 -0.16 2.62
N PHE A 61 6.41 -1.39 2.20
CA PHE A 61 5.05 -1.86 2.06
C PHE A 61 4.66 -2.77 3.23
N TYR A 62 3.51 -2.46 3.83
CA TYR A 62 3.01 -3.21 4.96
C TYR A 62 1.55 -3.57 4.73
N TYR A 63 1.05 -4.56 5.46
CA TYR A 63 -0.32 -4.99 5.34
C TYR A 63 -0.74 -5.78 6.57
N ASN A 64 -2.01 -6.13 6.66
CA ASN A 64 -2.51 -6.88 7.79
C ASN A 64 -4.01 -7.13 7.63
N PHE A 65 -4.58 -7.84 8.59
CA PHE A 65 -6.00 -8.14 8.57
C PHE A 65 -6.52 -8.44 9.97
N TRP A 66 -7.79 -8.13 10.18
CA TRP A 66 -8.42 -8.37 11.46
C TRP A 66 -9.94 -8.24 11.28
N GLU A 1 -2.87 -14.92 1.12
CA GLU A 1 -4.31 -14.83 1.02
C GLU A 1 -4.71 -13.55 0.26
N GLY A 2 -6.00 -13.42 0.02
CA GLY A 2 -6.52 -12.25 -0.68
C GLY A 2 -5.71 -11.99 -1.96
N THR A 3 -5.80 -10.76 -2.43
CA THR A 3 -5.08 -10.37 -3.64
C THR A 3 -4.14 -9.20 -3.35
N TRP A 4 -2.86 -9.49 -3.43
CA TRP A 4 -1.85 -8.46 -3.18
C TRP A 4 -1.25 -8.05 -4.53
N GLN A 5 -1.04 -6.75 -4.67
CA GLN A 5 -0.48 -6.22 -5.89
C GLN A 5 0.43 -5.02 -5.59
N HIS A 6 1.68 -5.33 -5.29
CA HIS A 6 2.64 -4.30 -4.97
C HIS A 6 3.49 -3.98 -6.21
N GLY A 7 3.67 -2.69 -6.45
CA GLY A 7 4.45 -2.24 -7.59
C GLY A 7 5.26 -0.99 -7.25
N TYR A 8 5.83 -0.39 -8.29
CA TYR A 8 6.63 0.81 -8.14
C TYR A 8 6.64 1.59 -9.45
N GLY A 9 5.91 2.70 -9.49
CA GLY A 9 5.85 3.51 -10.69
C GLY A 9 7.11 4.36 -10.83
N VAL A 10 8.26 3.70 -10.74
CA VAL A 10 9.53 4.38 -10.85
C VAL A 10 9.34 5.86 -10.54
N SER A 11 9.05 6.14 -9.28
CA SER A 11 8.84 7.51 -8.84
C SER A 11 8.02 7.52 -7.55
N SER A 12 7.03 6.64 -7.50
CA SER A 12 6.16 6.54 -6.34
C SER A 12 5.94 5.07 -5.97
N ALA A 13 5.33 4.87 -4.82
CA ALA A 13 5.05 3.53 -4.34
C ALA A 13 3.55 3.38 -4.11
N TYR A 14 3.00 2.28 -4.64
CA TYR A 14 1.59 1.99 -4.50
C TYR A 14 1.40 0.55 -4.03
N SER A 15 0.36 0.32 -3.25
CA SER A 15 0.09 -1.02 -2.74
C SER A 15 -1.42 -1.24 -2.64
N ASN A 16 -1.90 -2.22 -3.40
CA ASN A 16 -3.31 -2.55 -3.41
C ASN A 16 -3.50 -3.99 -2.92
N TYR A 17 -4.34 -4.13 -1.89
CA TYR A 17 -4.63 -5.43 -1.32
C TYR A 17 -6.13 -5.60 -1.15
N HIS A 18 -6.67 -6.70 -1.65
CA HIS A 18 -8.09 -6.96 -1.52
C HIS A 18 -8.33 -8.01 -0.44
N HIS A 19 -9.52 -7.94 0.15
CA HIS A 19 -9.89 -8.87 1.20
C HIS A 19 -11.41 -8.82 1.42
N GLY A 20 -12.01 -10.00 1.44
CA GLY A 20 -13.44 -10.11 1.63
C GLY A 20 -13.77 -11.13 2.72
N SER A 21 -12.96 -11.12 3.76
CA SER A 21 -13.15 -12.03 4.87
C SER A 21 -13.06 -11.28 6.20
N LYS A 22 -12.02 -10.47 6.31
CA LYS A 22 -11.82 -9.68 7.52
C LYS A 22 -11.17 -8.34 7.15
N THR A 23 -11.23 -7.42 8.09
CA THR A 23 -10.66 -6.10 7.88
C THR A 23 -9.23 -6.21 7.36
N HIS A 24 -8.82 -5.19 6.61
CA HIS A 24 -7.48 -5.16 6.05
C HIS A 24 -7.04 -3.71 5.86
N SER A 25 -5.73 -3.54 5.83
CA SER A 25 -5.15 -2.21 5.66
C SER A 25 -3.80 -2.31 4.94
N ALA A 26 -3.61 -1.40 4.00
CA ALA A 26 -2.37 -1.38 3.23
C ALA A 26 -1.59 -0.10 3.57
N THR A 27 -0.40 -0.30 4.13
CA THR A 27 0.45 0.82 4.50
C THR A 27 1.71 0.84 3.64
N VAL A 28 2.05 2.03 3.17
CA VAL A 28 3.23 2.20 2.34
C VAL A 28 3.96 3.47 2.75
N VAL A 29 5.24 3.30 3.08
CA VAL A 29 6.05 4.43 3.49
C VAL A 29 7.14 4.68 2.45
N ASN A 30 7.34 5.96 2.15
CA ASN A 30 8.35 6.35 1.17
C ASN A 30 9.61 6.83 1.90
N ASN A 31 10.50 5.90 2.16
CA ASN A 31 11.74 6.21 2.85
C ASN A 31 12.72 6.85 1.85
N ASN A 32 12.56 8.16 1.66
CA ASN A 32 13.41 8.89 0.75
C ASN A 32 13.24 10.39 0.99
N THR A 33 12.00 10.84 0.80
CA THR A 33 11.68 12.25 1.00
C THR A 33 10.89 12.44 2.29
N GLY A 34 10.40 11.33 2.81
CA GLY A 34 9.61 11.37 4.04
C GLY A 34 8.12 11.35 3.75
N ARG A 35 7.71 10.33 3.01
CA ARG A 35 6.31 10.17 2.65
C ARG A 35 5.73 8.90 3.29
N GLN A 36 4.43 8.93 3.50
CA GLN A 36 3.74 7.79 4.09
C GLN A 36 2.24 7.85 3.79
N GLY A 37 1.67 6.67 3.60
CA GLY A 37 0.24 6.58 3.29
C GLY A 37 -0.36 5.30 3.89
N LYS A 38 -1.65 5.15 3.67
CA LYS A 38 -2.35 3.98 4.18
C LYS A 38 -3.81 4.02 3.70
N ASP A 39 -4.34 2.83 3.45
CA ASP A 39 -5.71 2.72 2.98
C ASP A 39 -6.44 1.64 3.80
N THR A 40 -6.81 2.01 5.01
CA THR A 40 -7.50 1.10 5.91
C THR A 40 -8.97 1.00 5.51
N GLN A 41 -9.45 -0.24 5.45
CA GLN A 41 -10.85 -0.48 5.09
C GLN A 41 -11.34 -1.75 5.77
N ARG A 42 -12.65 -1.99 5.64
CA ARG A 42 -13.26 -3.16 6.23
C ARG A 42 -13.21 -4.33 5.25
N ALA A 43 -13.89 -5.40 5.63
CA ALA A 43 -13.94 -6.60 4.79
C ALA A 43 -14.76 -6.31 3.54
N GLY A 44 -14.16 -6.62 2.39
CA GLY A 44 -14.83 -6.40 1.13
C GLY A 44 -14.56 -4.98 0.61
N VAL A 45 -13.34 -4.78 0.12
CA VAL A 45 -12.95 -3.48 -0.42
C VAL A 45 -11.52 -3.57 -0.96
N TRP A 46 -11.16 -2.58 -1.76
CA TRP A 46 -9.83 -2.54 -2.33
C TRP A 46 -9.04 -1.44 -1.63
N ALA A 47 -8.05 -1.86 -0.86
CA ALA A 47 -7.22 -0.93 -0.13
C ALA A 47 -6.02 -0.53 -0.99
N LYS A 48 -6.09 0.67 -1.54
CA LYS A 48 -5.03 1.18 -2.38
C LYS A 48 -4.34 2.36 -1.69
N ALA A 49 -3.03 2.23 -1.52
CA ALA A 49 -2.25 3.28 -0.87
C ALA A 49 -1.20 3.80 -1.85
N THR A 50 -0.86 5.07 -1.68
CA THR A 50 0.12 5.71 -2.54
C THR A 50 0.92 6.74 -1.75
N VAL A 51 2.17 6.90 -2.14
CA VAL A 51 3.06 7.86 -1.49
C VAL A 51 4.35 7.99 -2.29
N GLY A 52 4.90 9.20 -2.28
CA GLY A 52 6.12 9.47 -3.00
C GLY A 52 5.83 9.94 -4.43
N ARG A 53 6.90 10.07 -5.20
CA ARG A 53 6.77 10.51 -6.58
C ARG A 53 7.97 11.38 -6.98
N ASN A 54 8.92 10.76 -7.64
CA ASN A 54 10.12 11.47 -8.07
C ASN A 54 10.68 10.79 -9.32
N LEU A 55 11.25 9.62 -9.12
CA LEU A 55 11.84 8.86 -10.21
C LEU A 55 12.76 7.77 -9.65
N THR A 56 13.32 8.07 -8.48
CA THR A 56 14.22 7.13 -7.82
C THR A 56 14.11 7.27 -6.30
N GLU A 57 13.65 6.19 -5.69
CA GLU A 57 13.50 6.17 -4.24
C GLU A 57 12.96 4.81 -3.78
N LYS A 58 13.20 4.51 -2.51
CA LYS A 58 12.76 3.26 -1.94
C LYS A 58 11.36 3.45 -1.31
N ALA A 59 10.80 2.35 -0.85
CA ALA A 59 9.49 2.39 -0.23
C ALA A 59 9.29 1.14 0.62
N SER A 60 8.49 1.29 1.66
CA SER A 60 8.21 0.18 2.57
C SER A 60 6.74 -0.19 2.49
N PHE A 61 6.48 -1.41 2.03
CA PHE A 61 5.12 -1.90 1.91
C PHE A 61 4.77 -2.83 3.07
N TYR A 62 3.62 -2.55 3.69
CA TYR A 62 3.14 -3.33 4.81
C TYR A 62 1.68 -3.68 4.61
N TYR A 63 1.21 -4.71 5.33
CA TYR A 63 -0.18 -5.13 5.23
C TYR A 63 -0.57 -5.92 6.48
N ASN A 64 -1.86 -6.24 6.59
CA ASN A 64 -2.33 -6.98 7.75
C ASN A 64 -3.83 -7.27 7.57
N PHE A 65 -4.39 -7.91 8.58
CA PHE A 65 -5.81 -8.24 8.56
C PHE A 65 -6.34 -8.51 9.97
N TRP A 66 -7.60 -8.20 10.16
CA TRP A 66 -8.24 -8.39 11.45
C TRP A 66 -9.75 -8.22 11.27
N GLU A 1 -3.42 -15.39 0.72
CA GLU A 1 -4.64 -15.95 0.15
C GLU A 1 -5.39 -14.90 -0.65
N GLY A 2 -5.43 -13.69 -0.08
CA GLY A 2 -6.11 -12.58 -0.74
C GLY A 2 -5.41 -12.21 -2.05
N THR A 3 -5.62 -10.96 -2.45
CA THR A 3 -5.02 -10.46 -3.67
C THR A 3 -4.11 -9.27 -3.37
N TRP A 4 -2.81 -9.54 -3.43
CA TRP A 4 -1.82 -8.50 -3.16
C TRP A 4 -1.21 -8.08 -4.51
N GLN A 5 -1.04 -6.77 -4.65
CA GLN A 5 -0.48 -6.22 -5.86
C GLN A 5 0.43 -5.04 -5.54
N HIS A 6 1.68 -5.36 -5.24
CA HIS A 6 2.66 -4.32 -4.91
C HIS A 6 3.53 -4.04 -6.12
N GLY A 7 3.76 -2.76 -6.37
CA GLY A 7 4.59 -2.35 -7.49
C GLY A 7 5.39 -1.09 -7.16
N TYR A 8 6.03 -0.53 -8.18
CA TYR A 8 6.84 0.66 -8.03
C TYR A 8 6.93 1.40 -9.36
N GLY A 9 6.26 2.53 -9.45
CA GLY A 9 6.29 3.32 -10.68
C GLY A 9 7.56 4.17 -10.75
N VAL A 10 8.69 3.53 -10.48
CA VAL A 10 9.96 4.22 -10.51
C VAL A 10 9.74 5.72 -10.27
N SER A 11 9.38 6.04 -9.04
CA SER A 11 9.12 7.42 -8.67
C SER A 11 8.18 7.48 -7.47
N SER A 12 7.21 6.59 -7.49
CA SER A 12 6.23 6.53 -6.41
C SER A 12 6.02 5.08 -5.98
N ALA A 13 5.32 4.92 -4.85
CA ALA A 13 5.04 3.61 -4.33
C ALA A 13 3.53 3.45 -4.13
N TYR A 14 3.02 2.30 -4.59
CA TYR A 14 1.60 2.01 -4.48
C TYR A 14 1.42 0.57 -4.00
N SER A 15 0.35 0.34 -3.25
CA SER A 15 0.08 -1.00 -2.75
C SER A 15 -1.44 -1.23 -2.65
N ASN A 16 -1.90 -2.19 -3.42
CA ASN A 16 -3.32 -2.52 -3.43
C ASN A 16 -3.51 -3.96 -2.95
N TYR A 17 -4.33 -4.10 -1.90
CA TYR A 17 -4.62 -5.40 -1.33
C TYR A 17 -6.11 -5.55 -1.13
N HIS A 18 -6.68 -6.64 -1.64
CA HIS A 18 -8.10 -6.88 -1.51
C HIS A 18 -8.34 -7.96 -0.45
N HIS A 19 -9.53 -7.92 0.13
CA HIS A 19 -9.89 -8.89 1.15
C HIS A 19 -11.41 -8.83 1.39
N GLY A 20 -12.00 -10.02 1.46
CA GLY A 20 -13.43 -10.13 1.68
C GLY A 20 -13.74 -11.16 2.76
N SER A 21 -12.92 -11.14 3.80
CA SER A 21 -13.09 -12.07 4.91
C SER A 21 -12.99 -11.33 6.24
N LYS A 22 -11.95 -10.51 6.34
CA LYS A 22 -11.73 -9.74 7.55
C LYS A 22 -11.08 -8.40 7.18
N THR A 23 -11.26 -7.42 8.06
CA THR A 23 -10.69 -6.11 7.84
C THR A 23 -9.26 -6.22 7.34
N HIS A 24 -8.84 -5.19 6.61
CA HIS A 24 -7.49 -5.17 6.06
C HIS A 24 -7.04 -3.71 5.88
N SER A 25 -5.73 -3.53 5.89
CA SER A 25 -5.16 -2.20 5.73
C SER A 25 -3.82 -2.29 4.98
N ALA A 26 -3.64 -1.35 4.06
CA ALA A 26 -2.42 -1.31 3.28
C ALA A 26 -1.65 -0.04 3.60
N THR A 27 -0.46 -0.22 4.15
CA THR A 27 0.39 0.89 4.52
C THR A 27 1.66 0.91 3.67
N VAL A 28 1.99 2.09 3.18
CA VAL A 28 3.18 2.25 2.35
C VAL A 28 3.92 3.52 2.76
N VAL A 29 5.19 3.36 3.08
CA VAL A 29 6.01 4.49 3.49
C VAL A 29 7.08 4.74 2.42
N ASN A 30 7.28 6.01 2.12
CA ASN A 30 8.26 6.40 1.12
C ASN A 30 9.54 6.85 1.84
N ASN A 31 10.54 5.98 1.79
CA ASN A 31 11.82 6.26 2.41
C ASN A 31 12.74 6.93 1.39
N ASN A 32 12.53 8.23 1.22
CA ASN A 32 13.33 9.00 0.28
C ASN A 32 13.18 10.49 0.59
N THR A 33 11.95 10.96 0.52
CA THR A 33 11.66 12.35 0.79
C THR A 33 10.90 12.50 2.11
N GLY A 34 10.42 11.37 2.61
CA GLY A 34 9.67 11.35 3.86
C GLY A 34 8.17 11.36 3.61
N ARG A 35 7.72 10.34 2.88
CA ARG A 35 6.31 10.21 2.57
C ARG A 35 5.73 8.94 3.21
N GLN A 36 4.42 8.98 3.44
CA GLN A 36 3.74 7.84 4.04
C GLN A 36 2.25 7.91 3.75
N GLY A 37 1.66 6.74 3.57
CA GLY A 37 0.23 6.65 3.28
C GLY A 37 -0.37 5.37 3.86
N LYS A 38 -1.68 5.25 3.73
CA LYS A 38 -2.38 4.08 4.24
C LYS A 38 -3.86 4.19 3.87
N ASP A 39 -4.45 3.05 3.55
CA ASP A 39 -5.85 3.00 3.18
C ASP A 39 -6.53 1.86 3.94
N THR A 40 -6.89 2.14 5.18
CA THR A 40 -7.54 1.16 6.03
C THR A 40 -9.02 1.03 5.63
N GLN A 41 -9.46 -0.22 5.54
CA GLN A 41 -10.84 -0.49 5.18
C GLN A 41 -11.31 -1.78 5.85
N ARG A 42 -12.61 -2.04 5.71
CA ARG A 42 -13.20 -3.23 6.30
C ARG A 42 -13.17 -4.39 5.31
N ALA A 43 -13.87 -5.45 5.67
CA ALA A 43 -13.92 -6.63 4.82
C ALA A 43 -14.76 -6.32 3.58
N GLY A 44 -14.18 -6.61 2.43
CA GLY A 44 -14.86 -6.37 1.16
C GLY A 44 -14.57 -4.95 0.66
N VAL A 45 -13.36 -4.76 0.16
CA VAL A 45 -12.96 -3.47 -0.35
C VAL A 45 -11.53 -3.56 -0.90
N TRP A 46 -11.18 -2.56 -1.70
CA TRP A 46 -9.85 -2.52 -2.29
C TRP A 46 -9.06 -1.41 -1.60
N ALA A 47 -8.03 -1.82 -0.86
CA ALA A 47 -7.19 -0.88 -0.15
C ALA A 47 -5.99 -0.51 -1.02
N LYS A 48 -6.07 0.67 -1.62
CA LYS A 48 -5.00 1.15 -2.48
C LYS A 48 -4.34 2.37 -1.84
N ALA A 49 -3.07 2.20 -1.50
CA ALA A 49 -2.30 3.27 -0.88
C ALA A 49 -1.28 3.81 -1.87
N THR A 50 -0.92 5.07 -1.70
CA THR A 50 0.05 5.71 -2.56
C THR A 50 0.84 6.76 -1.79
N VAL A 51 2.10 6.92 -2.19
CA VAL A 51 2.96 7.88 -1.55
C VAL A 51 4.26 8.03 -2.36
N GLY A 52 4.78 9.24 -2.36
CA GLY A 52 6.01 9.53 -3.09
C GLY A 52 5.70 9.89 -4.55
N ARG A 53 6.76 10.04 -5.32
CA ARG A 53 6.62 10.38 -6.73
C ARG A 53 7.73 11.36 -7.15
N ASN A 54 8.75 10.81 -7.77
CA ASN A 54 9.87 11.62 -8.23
C ASN A 54 10.68 10.84 -9.27
N LEU A 55 11.48 9.91 -8.79
CA LEU A 55 12.29 9.08 -9.66
C LEU A 55 13.30 8.29 -8.83
N THR A 56 13.24 6.98 -8.98
CA THR A 56 14.13 6.10 -8.24
C THR A 56 14.11 6.43 -6.76
N GLU A 57 13.47 5.55 -5.99
CA GLU A 57 13.37 5.74 -4.56
C GLU A 57 12.92 4.45 -3.87
N LYS A 58 13.19 4.37 -2.58
CA LYS A 58 12.82 3.20 -1.81
C LYS A 58 11.43 3.41 -1.21
N ALA A 59 10.83 2.32 -0.76
CA ALA A 59 9.51 2.37 -0.17
C ALA A 59 9.30 1.12 0.70
N SER A 60 8.47 1.29 1.73
CA SER A 60 8.19 0.20 2.64
C SER A 60 6.70 -0.16 2.56
N PHE A 61 6.45 -1.39 2.12
CA PHE A 61 5.08 -1.87 2.00
C PHE A 61 4.71 -2.78 3.16
N TYR A 62 3.57 -2.46 3.79
CA TYR A 62 3.08 -3.23 4.92
C TYR A 62 1.62 -3.59 4.70
N TYR A 63 1.14 -4.59 5.44
CA TYR A 63 -0.24 -5.03 5.32
C TYR A 63 -0.63 -5.84 6.55
N ASN A 64 -1.90 -6.18 6.66
CA ASN A 64 -2.38 -6.96 7.79
C ASN A 64 -3.89 -7.17 7.66
N PHE A 65 -4.43 -7.91 8.61
CA PHE A 65 -5.86 -8.19 8.62
C PHE A 65 -6.34 -8.53 10.03
N TRP A 66 -7.61 -8.21 10.28
CA TRP A 66 -8.20 -8.48 11.59
C TRP A 66 -9.72 -8.40 11.43
N GLU A 1 -4.49 -15.89 0.36
CA GLU A 1 -5.87 -15.84 0.80
C GLU A 1 -6.61 -14.70 0.08
N GLY A 2 -5.88 -13.62 -0.15
CA GLY A 2 -6.45 -12.47 -0.82
C GLY A 2 -5.69 -12.16 -2.12
N THR A 3 -5.75 -10.90 -2.52
CA THR A 3 -5.09 -10.46 -3.73
C THR A 3 -4.15 -9.29 -3.44
N TRP A 4 -2.85 -9.58 -3.50
CA TRP A 4 -1.86 -8.56 -3.23
C TRP A 4 -1.25 -8.13 -4.57
N GLN A 5 -1.05 -6.84 -4.71
CA GLN A 5 -0.48 -6.29 -5.94
C GLN A 5 0.44 -5.11 -5.62
N HIS A 6 1.66 -5.44 -5.24
CA HIS A 6 2.64 -4.43 -4.89
C HIS A 6 3.53 -4.14 -6.12
N GLY A 7 3.73 -2.86 -6.38
CA GLY A 7 4.54 -2.44 -7.51
C GLY A 7 5.33 -1.18 -7.17
N TYR A 8 5.96 -0.61 -8.20
CA TYR A 8 6.74 0.59 -8.06
C TYR A 8 6.86 1.31 -9.39
N GLY A 9 6.21 2.46 -9.51
CA GLY A 9 6.25 3.23 -10.74
C GLY A 9 7.51 4.07 -10.83
N VAL A 10 8.63 3.45 -10.48
CA VAL A 10 9.92 4.14 -10.50
C VAL A 10 9.69 5.63 -10.26
N SER A 11 9.35 5.95 -9.03
CA SER A 11 9.11 7.35 -8.65
C SER A 11 8.20 7.40 -7.42
N SER A 12 7.23 6.50 -7.40
CA SER A 12 6.28 6.44 -6.30
C SER A 12 6.05 4.98 -5.89
N ALA A 13 5.36 4.82 -4.77
CA ALA A 13 5.06 3.49 -4.26
C ALA A 13 3.55 3.35 -4.08
N TYR A 14 3.04 2.20 -4.54
CA TYR A 14 1.63 1.92 -4.44
C TYR A 14 1.43 0.48 -3.98
N SER A 15 0.35 0.24 -3.23
CA SER A 15 0.07 -1.09 -2.73
C SER A 15 -1.44 -1.32 -2.66
N ASN A 16 -1.91 -2.28 -3.44
CA ASN A 16 -3.32 -2.60 -3.48
C ASN A 16 -3.52 -4.04 -3.01
N TYR A 17 -4.34 -4.20 -1.96
CA TYR A 17 -4.63 -5.50 -1.40
C TYR A 17 -6.14 -5.65 -1.21
N HIS A 18 -6.69 -6.74 -1.72
CA HIS A 18 -8.12 -6.98 -1.58
C HIS A 18 -8.37 -8.01 -0.49
N HIS A 19 -9.55 -7.93 0.11
CA HIS A 19 -9.92 -8.84 1.17
C HIS A 19 -11.44 -8.81 1.38
N GLY A 20 -12.02 -9.99 1.42
CA GLY A 20 -13.46 -10.12 1.59
C GLY A 20 -13.79 -11.17 2.66
N SER A 21 -12.95 -11.20 3.70
CA SER A 21 -13.14 -12.14 4.78
C SER A 21 -13.02 -11.42 6.12
N LYS A 22 -11.98 -10.60 6.23
CA LYS A 22 -11.75 -9.86 7.46
C LYS A 22 -11.09 -8.51 7.10
N THR A 23 -11.26 -7.55 8.00
CA THR A 23 -10.69 -6.23 7.80
C THR A 23 -9.25 -6.34 7.28
N HIS A 24 -8.83 -5.30 6.57
CA HIS A 24 -7.49 -5.27 6.02
C HIS A 24 -7.04 -3.82 5.84
N SER A 25 -5.73 -3.64 5.83
CA SER A 25 -5.16 -2.31 5.67
C SER A 25 -3.83 -2.40 4.92
N ALA A 26 -3.64 -1.47 4.00
CA ALA A 26 -2.42 -1.44 3.21
C ALA A 26 -1.65 -0.15 3.53
N THR A 27 -0.49 -0.35 4.14
CA THR A 27 0.35 0.77 4.51
C THR A 27 1.63 0.79 3.66
N VAL A 28 1.97 1.98 3.18
CA VAL A 28 3.15 2.14 2.36
C VAL A 28 3.89 3.42 2.78
N VAL A 29 5.17 3.24 3.09
CA VAL A 29 5.99 4.37 3.51
C VAL A 29 7.06 4.63 2.44
N ASN A 30 7.25 5.92 2.16
CA ASN A 30 8.23 6.32 1.17
C ASN A 30 9.53 6.73 1.88
N ASN A 31 10.57 5.94 1.65
CA ASN A 31 11.86 6.20 2.26
C ASN A 31 12.75 6.92 1.25
N ASN A 32 12.57 8.24 1.19
CA ASN A 32 13.36 9.05 0.26
C ASN A 32 13.18 10.52 0.62
N THR A 33 11.93 10.97 0.57
CA THR A 33 11.62 12.35 0.88
C THR A 33 10.86 12.43 2.21
N GLY A 34 10.41 11.27 2.67
CA GLY A 34 9.68 11.21 3.93
C GLY A 34 8.17 11.22 3.68
N ARG A 35 7.72 10.23 2.92
CA ARG A 35 6.30 10.12 2.60
C ARG A 35 5.72 8.86 3.24
N GLN A 36 4.41 8.89 3.47
CA GLN A 36 3.73 7.77 4.06
C GLN A 36 2.22 7.84 3.76
N GLY A 37 1.64 6.67 3.58
CA GLY A 37 0.21 6.59 3.28
C GLY A 37 -0.43 5.38 3.99
N LYS A 38 -1.65 5.09 3.59
CA LYS A 38 -2.38 3.98 4.17
C LYS A 38 -3.86 4.10 3.81
N ASP A 39 -4.46 2.96 3.50
CA ASP A 39 -5.87 2.93 3.15
C ASP A 39 -6.56 1.79 3.90
N THR A 40 -6.87 2.05 5.15
CA THR A 40 -7.53 1.05 5.98
C THR A 40 -9.01 0.93 5.61
N GLN A 41 -9.46 -0.31 5.49
CA GLN A 41 -10.84 -0.58 5.14
C GLN A 41 -11.32 -1.86 5.81
N ARG A 42 -12.63 -2.11 5.67
CA ARG A 42 -13.22 -3.30 6.26
C ARG A 42 -13.17 -4.47 5.27
N ALA A 43 -13.86 -5.53 5.62
CA ALA A 43 -13.91 -6.71 4.77
C ALA A 43 -14.76 -6.42 3.54
N GLY A 44 -14.16 -6.67 2.37
CA GLY A 44 -14.84 -6.43 1.12
C GLY A 44 -14.58 -5.02 0.61
N VAL A 45 -13.36 -4.82 0.12
CA VAL A 45 -12.97 -3.52 -0.40
C VAL A 45 -11.54 -3.61 -0.95
N TRP A 46 -11.18 -2.62 -1.76
CA TRP A 46 -9.85 -2.58 -2.34
C TRP A 46 -9.06 -1.46 -1.64
N ALA A 47 -8.04 -1.88 -0.91
CA ALA A 47 -7.20 -0.94 -0.19
C ALA A 47 -6.00 -0.57 -1.06
N LYS A 48 -6.08 0.61 -1.66
CA LYS A 48 -5.01 1.08 -2.51
C LYS A 48 -4.33 2.28 -1.84
N ALA A 49 -3.05 2.09 -1.52
CA ALA A 49 -2.28 3.14 -0.88
C ALA A 49 -1.24 3.67 -1.86
N THR A 50 -0.91 4.94 -1.70
CA THR A 50 0.07 5.58 -2.55
C THR A 50 0.86 6.63 -1.78
N VAL A 51 2.11 6.81 -2.18
CA VAL A 51 2.97 7.79 -1.54
C VAL A 51 4.27 7.93 -2.34
N GLY A 52 4.80 9.13 -2.33
CA GLY A 52 6.03 9.42 -3.05
C GLY A 52 5.74 9.78 -4.50
N ARG A 53 6.81 9.98 -5.26
CA ARG A 53 6.69 10.33 -6.67
C ARG A 53 7.79 11.30 -7.07
N ASN A 54 8.77 10.77 -7.79
CA ASN A 54 9.89 11.57 -8.25
C ASN A 54 10.76 10.74 -9.18
N LEU A 55 11.50 9.81 -8.59
CA LEU A 55 12.38 8.95 -9.36
C LEU A 55 13.46 8.37 -8.43
N THR A 56 13.74 7.09 -8.63
CA THR A 56 14.73 6.41 -7.82
C THR A 56 14.51 6.70 -6.34
N GLU A 57 13.90 5.73 -5.67
CA GLU A 57 13.62 5.86 -4.24
C GLU A 57 13.13 4.53 -3.69
N LYS A 58 13.34 4.36 -2.39
CA LYS A 58 12.92 3.14 -1.71
C LYS A 58 11.55 3.35 -1.09
N ALA A 59 10.92 2.24 -0.73
CA ALA A 59 9.60 2.29 -0.12
C ALA A 59 9.39 1.05 0.75
N SER A 60 8.48 1.18 1.70
CA SER A 60 8.18 0.07 2.60
C SER A 60 6.69 -0.27 2.52
N PHE A 61 6.42 -1.50 2.10
CA PHE A 61 5.05 -1.97 1.97
C PHE A 61 4.68 -2.88 3.13
N TYR A 62 3.55 -2.55 3.77
CA TYR A 62 3.06 -3.32 4.90
C TYR A 62 1.59 -3.66 4.69
N TYR A 63 1.10 -4.66 5.43
CA TYR A 63 -0.29 -5.07 5.32
C TYR A 63 -0.69 -5.88 6.54
N ASN A 64 -1.97 -6.22 6.65
CA ASN A 64 -2.44 -6.99 7.79
C ASN A 64 -3.96 -7.21 7.64
N PHE A 65 -4.51 -7.94 8.61
CA PHE A 65 -5.93 -8.22 8.60
C PHE A 65 -6.42 -8.56 10.01
N TRP A 66 -7.70 -8.27 10.23
CA TRP A 66 -8.31 -8.55 11.52
C TRP A 66 -9.82 -8.46 11.36
N GLU A 1 -6.02 -16.89 0.22
CA GLU A 1 -5.60 -15.57 0.66
C GLU A 1 -6.14 -14.49 -0.28
N GLY A 2 -6.10 -13.27 0.20
CA GLY A 2 -6.58 -12.14 -0.59
C GLY A 2 -5.73 -11.94 -1.85
N THR A 3 -5.77 -10.73 -2.37
CA THR A 3 -5.01 -10.39 -3.56
C THR A 3 -4.06 -9.22 -3.28
N TRP A 4 -2.77 -9.52 -3.34
CA TRP A 4 -1.76 -8.50 -3.10
C TRP A 4 -1.16 -8.10 -4.44
N GLN A 5 -0.95 -6.80 -4.60
CA GLN A 5 -0.37 -6.27 -5.83
C GLN A 5 0.52 -5.08 -5.54
N HIS A 6 1.76 -5.38 -5.16
CA HIS A 6 2.73 -4.34 -4.85
C HIS A 6 3.61 -4.07 -6.07
N GLY A 7 3.85 -2.79 -6.31
CA GLY A 7 4.67 -2.39 -7.43
C GLY A 7 5.48 -1.13 -7.11
N TYR A 8 6.15 -0.60 -8.13
CA TYR A 8 6.97 0.58 -7.98
C TYR A 8 7.10 1.30 -9.32
N GLY A 9 6.45 2.44 -9.44
CA GLY A 9 6.51 3.20 -10.69
C GLY A 9 7.78 4.05 -10.75
N VAL A 10 8.89 3.42 -10.39
CA VAL A 10 10.18 4.10 -10.40
C VAL A 10 9.96 5.59 -10.19
N SER A 11 9.58 5.94 -8.96
CA SER A 11 9.33 7.32 -8.61
C SER A 11 8.38 7.40 -7.41
N SER A 12 7.40 6.51 -7.42
CA SER A 12 6.43 6.47 -6.34
C SER A 12 6.21 5.02 -5.88
N ALA A 13 5.46 4.88 -4.82
CA ALA A 13 5.16 3.56 -4.27
C ALA A 13 3.65 3.42 -4.10
N TYR A 14 3.15 2.26 -4.56
CA TYR A 14 1.73 1.96 -4.48
C TYR A 14 1.54 0.53 -4.00
N SER A 15 0.46 0.30 -3.26
CA SER A 15 0.17 -1.05 -2.75
C SER A 15 -1.34 -1.26 -2.68
N ASN A 16 -1.81 -2.23 -3.45
CA ASN A 16 -3.22 -2.55 -3.48
C ASN A 16 -3.43 -3.98 -2.99
N TYR A 17 -4.25 -4.11 -1.95
CA TYR A 17 -4.55 -5.39 -1.35
C TYR A 17 -6.06 -5.55 -1.19
N HIS A 18 -6.60 -6.65 -1.70
CA HIS A 18 -8.02 -6.90 -1.61
C HIS A 18 -8.29 -7.94 -0.51
N HIS A 19 -9.48 -7.86 0.06
CA HIS A 19 -9.87 -8.78 1.11
C HIS A 19 -11.39 -8.76 1.28
N GLY A 20 -11.96 -9.96 1.35
CA GLY A 20 -13.39 -10.09 1.51
C GLY A 20 -13.74 -11.11 2.60
N SER A 21 -12.94 -11.10 3.65
CA SER A 21 -13.14 -12.01 4.76
C SER A 21 -13.08 -11.26 6.08
N LYS A 22 -12.04 -10.44 6.20
CA LYS A 22 -11.84 -9.66 7.42
C LYS A 22 -11.21 -8.31 7.06
N THR A 23 -11.28 -7.39 8.00
CA THR A 23 -10.72 -6.06 7.79
C THR A 23 -9.28 -6.17 7.30
N HIS A 24 -8.86 -5.15 6.57
CA HIS A 24 -7.51 -5.11 6.03
C HIS A 24 -7.06 -3.65 5.85
N SER A 25 -5.76 -3.46 5.85
CA SER A 25 -5.20 -2.14 5.68
C SER A 25 -3.85 -2.22 4.96
N ALA A 26 -3.66 -1.30 4.03
CA ALA A 26 -2.43 -1.26 3.25
C ALA A 26 -1.65 0.01 3.60
N THR A 27 -0.46 -0.20 4.14
CA THR A 27 0.39 0.92 4.54
C THR A 27 1.67 0.93 3.70
N VAL A 28 2.00 2.11 3.19
CA VAL A 28 3.19 2.26 2.37
C VAL A 28 3.91 3.55 2.77
N VAL A 29 5.19 3.38 3.11
CA VAL A 29 6.00 4.51 3.51
C VAL A 29 7.07 4.78 2.46
N ASN A 30 7.27 6.04 2.15
CA ASN A 30 8.27 6.44 1.16
C ASN A 30 9.55 6.88 1.87
N ASN A 31 10.55 6.02 1.80
CA ASN A 31 11.83 6.30 2.43
C ASN A 31 12.74 7.00 1.42
N ASN A 32 12.54 8.29 1.28
CA ASN A 32 13.33 9.07 0.35
C ASN A 32 13.18 10.56 0.68
N THR A 33 11.94 11.03 0.60
CA THR A 33 11.64 12.42 0.89
C THR A 33 10.88 12.54 2.21
N GLY A 34 10.38 11.40 2.68
CA GLY A 34 9.63 11.36 3.92
C GLY A 34 8.13 11.37 3.66
N ARG A 35 7.68 10.35 2.93
CA ARG A 35 6.27 10.23 2.59
C ARG A 35 5.69 8.96 3.21
N GLN A 36 4.39 9.00 3.46
CA GLN A 36 3.70 7.87 4.04
C GLN A 36 2.21 7.91 3.70
N GLY A 37 1.64 6.73 3.52
CA GLY A 37 0.23 6.63 3.19
C GLY A 37 -0.39 5.38 3.85
N LYS A 38 -1.70 5.28 3.70
CA LYS A 38 -2.44 4.15 4.26
C LYS A 38 -3.91 4.25 3.87
N ASP A 39 -4.47 3.11 3.50
CA ASP A 39 -5.86 3.06 3.09
C ASP A 39 -6.56 1.92 3.85
N THR A 40 -6.92 2.20 5.09
CA THR A 40 -7.59 1.22 5.92
C THR A 40 -9.06 1.08 5.51
N GLN A 41 -9.50 -0.17 5.40
CA GLN A 41 -10.87 -0.44 5.01
C GLN A 41 -11.36 -1.73 5.68
N ARG A 42 -12.65 -1.97 5.55
CA ARG A 42 -13.27 -3.16 6.13
C ARG A 42 -13.20 -4.33 5.15
N ALA A 43 -13.90 -5.39 5.51
CA ALA A 43 -13.93 -6.58 4.67
C ALA A 43 -14.74 -6.28 3.40
N GLY A 44 -14.13 -6.59 2.27
CA GLY A 44 -14.79 -6.36 0.98
C GLY A 44 -14.50 -4.94 0.47
N VAL A 45 -13.29 -4.76 0.00
CA VAL A 45 -12.88 -3.46 -0.52
C VAL A 45 -11.45 -3.56 -1.06
N TRP A 46 -11.08 -2.56 -1.86
CA TRP A 46 -9.75 -2.52 -2.44
C TRP A 46 -8.97 -1.40 -1.74
N ALA A 47 -7.96 -1.81 -0.98
CA ALA A 47 -7.14 -0.86 -0.26
C ALA A 47 -5.92 -0.50 -1.12
N LYS A 48 -5.99 0.69 -1.72
CA LYS A 48 -4.91 1.16 -2.57
C LYS A 48 -4.23 2.36 -1.89
N ALA A 49 -2.97 2.16 -1.54
CA ALA A 49 -2.20 3.19 -0.89
C ALA A 49 -1.14 3.73 -1.87
N THR A 50 -0.86 5.01 -1.75
CA THR A 50 0.13 5.65 -2.60
C THR A 50 0.90 6.71 -1.83
N VAL A 51 2.16 6.89 -2.21
CA VAL A 51 3.02 7.86 -1.57
C VAL A 51 4.31 8.01 -2.37
N GLY A 52 4.84 9.22 -2.36
CA GLY A 52 6.07 9.51 -3.07
C GLY A 52 5.79 9.79 -4.55
N ARG A 53 6.87 9.98 -5.30
CA ARG A 53 6.76 10.26 -6.72
C ARG A 53 7.86 11.22 -7.17
N ASN A 54 8.84 10.66 -7.86
CA ASN A 54 9.96 11.45 -8.35
C ASN A 54 10.80 10.60 -9.30
N LEU A 55 11.53 9.66 -8.72
CA LEU A 55 12.38 8.77 -9.50
C LEU A 55 13.45 8.17 -8.60
N THR A 56 13.68 6.88 -8.79
CA THR A 56 14.67 6.17 -7.99
C THR A 56 14.51 6.50 -6.51
N GLU A 57 13.84 5.60 -5.80
CA GLU A 57 13.61 5.80 -4.38
C GLU A 57 13.14 4.49 -3.74
N LYS A 58 13.33 4.40 -2.43
CA LYS A 58 12.93 3.22 -1.69
C LYS A 58 11.50 3.40 -1.18
N ALA A 59 10.96 2.33 -0.61
CA ALA A 59 9.61 2.37 -0.08
C ALA A 59 9.38 1.13 0.80
N SER A 60 8.52 1.30 1.79
CA SER A 60 8.21 0.23 2.71
C SER A 60 6.73 -0.14 2.60
N PHE A 61 6.48 -1.37 2.19
CA PHE A 61 5.11 -1.85 2.04
C PHE A 61 4.73 -2.77 3.21
N TYR A 62 3.59 -2.45 3.82
CA TYR A 62 3.09 -3.22 4.95
C TYR A 62 1.62 -3.57 4.72
N TYR A 63 1.13 -4.57 5.45
CA TYR A 63 -0.25 -4.99 5.33
C TYR A 63 -0.66 -5.79 6.56
N ASN A 64 -1.94 -6.11 6.65
CA ASN A 64 -2.44 -6.86 7.79
C ASN A 64 -3.94 -7.12 7.61
N PHE A 65 -4.51 -7.79 8.60
CA PHE A 65 -5.93 -8.11 8.56
C PHE A 65 -6.46 -8.41 9.96
N TRP A 66 -7.74 -8.12 10.15
CA TRP A 66 -8.38 -8.35 11.43
C TRP A 66 -9.88 -8.20 11.24
N GLU A 1 -2.15 -14.83 1.56
CA GLU A 1 -3.21 -15.15 0.62
C GLU A 1 -3.80 -13.87 0.04
N GLY A 2 -5.08 -13.94 -0.30
CA GLY A 2 -5.77 -12.80 -0.87
C GLY A 2 -5.11 -12.37 -2.19
N THR A 3 -5.34 -11.11 -2.55
CA THR A 3 -4.79 -10.58 -3.78
C THR A 3 -3.89 -9.37 -3.48
N TRP A 4 -2.59 -9.61 -3.55
CA TRP A 4 -1.61 -8.57 -3.29
C TRP A 4 -1.03 -8.11 -4.63
N GLN A 5 -0.89 -6.80 -4.77
CA GLN A 5 -0.36 -6.23 -5.99
C GLN A 5 0.56 -5.05 -5.66
N HIS A 6 1.79 -5.38 -5.31
CA HIS A 6 2.77 -4.37 -4.97
C HIS A 6 3.57 -3.98 -6.21
N GLY A 7 3.78 -2.69 -6.37
CA GLY A 7 4.53 -2.18 -7.51
C GLY A 7 5.39 -0.97 -7.11
N TYR A 8 5.97 -0.34 -8.14
CA TYR A 8 6.83 0.82 -7.92
C TYR A 8 6.99 1.57 -9.23
N GLY A 9 6.24 2.67 -9.38
CA GLY A 9 6.33 3.47 -10.59
C GLY A 9 7.60 4.31 -10.60
N VAL A 10 8.72 3.65 -10.39
CA VAL A 10 10.01 4.32 -10.37
C VAL A 10 9.80 5.81 -10.10
N SER A 11 9.40 6.10 -8.87
CA SER A 11 9.16 7.47 -8.47
C SER A 11 8.19 7.51 -7.29
N SER A 12 7.22 6.61 -7.34
CA SER A 12 6.22 6.53 -6.28
C SER A 12 6.02 5.07 -5.86
N ALA A 13 5.32 4.89 -4.75
CA ALA A 13 5.05 3.57 -4.23
C ALA A 13 3.54 3.41 -4.02
N TYR A 14 3.01 2.30 -4.54
CA TYR A 14 1.60 1.99 -4.43
C TYR A 14 1.42 0.55 -3.97
N SER A 15 0.36 0.30 -3.20
CA SER A 15 0.09 -1.03 -2.70
C SER A 15 -1.42 -1.27 -2.63
N ASN A 16 -1.86 -2.23 -3.42
CA ASN A 16 -3.28 -2.58 -3.46
C ASN A 16 -3.47 -4.02 -3.01
N TYR A 17 -4.27 -4.18 -1.95
CA TYR A 17 -4.55 -5.49 -1.39
C TYR A 17 -6.05 -5.66 -1.22
N HIS A 18 -6.59 -6.75 -1.75
CA HIS A 18 -8.02 -7.01 -1.64
C HIS A 18 -8.26 -8.03 -0.53
N HIS A 19 -9.46 -7.97 0.04
CA HIS A 19 -9.83 -8.88 1.12
C HIS A 19 -11.35 -8.88 1.28
N GLY A 20 -11.91 -10.07 1.34
CA GLY A 20 -13.34 -10.22 1.49
C GLY A 20 -13.67 -11.26 2.58
N SER A 21 -12.86 -11.23 3.64
CA SER A 21 -13.05 -12.15 4.74
C SER A 21 -13.00 -11.39 6.07
N LYS A 22 -11.98 -10.56 6.20
CA LYS A 22 -11.80 -9.78 7.41
C LYS A 22 -11.16 -8.43 7.05
N THR A 23 -11.25 -7.50 7.99
CA THR A 23 -10.69 -6.18 7.79
C THR A 23 -9.25 -6.28 7.28
N HIS A 24 -8.83 -5.25 6.56
CA HIS A 24 -7.49 -5.21 6.02
C HIS A 24 -7.05 -3.76 5.82
N SER A 25 -5.74 -3.57 5.82
CA SER A 25 -5.18 -2.24 5.65
C SER A 25 -3.84 -2.32 4.90
N ALA A 26 -3.66 -1.38 3.99
CA ALA A 26 -2.43 -1.34 3.20
C ALA A 26 -1.66 -0.06 3.53
N THR A 27 -0.52 -0.25 4.17
CA THR A 27 0.32 0.89 4.55
C THR A 27 1.60 0.90 3.71
N VAL A 28 1.94 2.09 3.22
CA VAL A 28 3.13 2.25 2.41
C VAL A 28 3.85 3.54 2.84
N VAL A 29 5.13 3.39 3.15
CA VAL A 29 5.94 4.52 3.57
C VAL A 29 7.01 4.79 2.51
N ASN A 30 7.20 6.06 2.21
CA ASN A 30 8.19 6.46 1.22
C ASN A 30 9.47 6.90 1.95
N ASN A 31 10.48 6.05 1.86
CA ASN A 31 11.75 6.33 2.50
C ASN A 31 12.67 7.03 1.50
N ASN A 32 12.47 8.33 1.34
CA ASN A 32 13.27 9.11 0.42
C ASN A 32 13.11 10.60 0.75
N THR A 33 11.87 11.06 0.67
CA THR A 33 11.57 12.45 0.95
C THR A 33 10.81 12.57 2.28
N GLY A 34 10.32 11.44 2.75
CA GLY A 34 9.58 11.40 4.00
C GLY A 34 8.07 11.40 3.74
N ARG A 35 7.62 10.39 3.02
CA ARG A 35 6.21 10.26 2.69
C ARG A 35 5.64 8.99 3.31
N GLN A 36 4.33 9.01 3.54
CA GLN A 36 3.64 7.87 4.13
C GLN A 36 2.15 7.94 3.82
N GLY A 37 1.56 6.76 3.63
CA GLY A 37 0.15 6.67 3.34
C GLY A 37 -0.47 5.42 3.97
N LYS A 38 -1.74 5.19 3.66
CA LYS A 38 -2.45 4.05 4.19
C LYS A 38 -3.93 4.16 3.82
N ASP A 39 -4.51 3.01 3.49
CA ASP A 39 -5.91 2.97 3.12
C ASP A 39 -6.59 1.82 3.87
N THR A 40 -6.93 2.09 5.11
CA THR A 40 -7.59 1.09 5.95
C THR A 40 -9.06 0.96 5.56
N GLN A 41 -9.50 -0.28 5.44
CA GLN A 41 -10.87 -0.56 5.07
C GLN A 41 -11.36 -1.86 5.74
N ARG A 42 -12.64 -2.12 5.59
CA ARG A 42 -13.23 -3.31 6.18
C ARG A 42 -13.17 -4.47 5.19
N ALA A 43 -13.87 -5.55 5.53
CA ALA A 43 -13.89 -6.73 4.69
C ALA A 43 -14.72 -6.43 3.44
N GLY A 44 -14.12 -6.73 2.29
CA GLY A 44 -14.78 -6.50 1.02
C GLY A 44 -14.52 -5.08 0.52
N VAL A 45 -13.30 -4.87 0.04
CA VAL A 45 -12.92 -3.57 -0.47
C VAL A 45 -11.49 -3.64 -1.00
N TRP A 46 -11.14 -2.64 -1.81
CA TRP A 46 -9.80 -2.58 -2.39
C TRP A 46 -9.03 -1.46 -1.68
N ALA A 47 -8.01 -1.87 -0.94
CA ALA A 47 -7.19 -0.92 -0.22
C ALA A 47 -5.99 -0.53 -1.08
N LYS A 48 -6.08 0.64 -1.69
CA LYS A 48 -5.00 1.13 -2.54
C LYS A 48 -4.35 2.34 -1.87
N ALA A 49 -3.08 2.17 -1.53
CA ALA A 49 -2.33 3.24 -0.89
C ALA A 49 -1.29 3.79 -1.87
N THR A 50 -0.94 5.05 -1.67
CA THR A 50 0.04 5.70 -2.53
C THR A 50 0.81 6.76 -1.74
N VAL A 51 2.06 6.95 -2.12
CA VAL A 51 2.92 7.92 -1.46
C VAL A 51 4.21 8.08 -2.27
N GLY A 52 4.73 9.30 -2.26
CA GLY A 52 5.95 9.60 -2.99
C GLY A 52 5.66 9.95 -4.44
N ARG A 53 6.73 10.05 -5.21
CA ARG A 53 6.60 10.38 -6.62
C ARG A 53 7.72 11.34 -7.05
N ASN A 54 8.76 10.76 -7.63
CA ASN A 54 9.89 11.54 -8.09
C ASN A 54 10.72 10.72 -9.08
N LEU A 55 11.44 9.75 -8.54
CA LEU A 55 12.28 8.89 -9.35
C LEU A 55 13.36 8.26 -8.48
N THR A 56 13.59 6.97 -8.71
CA THR A 56 14.61 6.25 -7.95
C THR A 56 14.47 6.55 -6.45
N GLU A 57 13.80 5.65 -5.76
CA GLU A 57 13.60 5.82 -4.33
C GLU A 57 13.11 4.50 -3.71
N LYS A 58 13.28 4.40 -2.40
CA LYS A 58 12.87 3.21 -1.68
C LYS A 58 11.44 3.41 -1.15
N ALA A 59 10.90 2.34 -0.59
CA ALA A 59 9.55 2.38 -0.05
C ALA A 59 9.33 1.15 0.84
N SER A 60 8.47 1.32 1.83
CA SER A 60 8.16 0.24 2.75
C SER A 60 6.67 -0.12 2.64
N PHE A 61 6.42 -1.35 2.24
CA PHE A 61 5.06 -1.83 2.09
C PHE A 61 4.68 -2.76 3.25
N TYR A 62 3.55 -2.44 3.88
CA TYR A 62 3.05 -3.21 5.00
C TYR A 62 1.58 -3.57 4.77
N TYR A 63 1.09 -4.57 5.50
CA TYR A 63 -0.29 -5.01 5.37
C TYR A 63 -0.68 -5.81 6.60
N ASN A 64 -1.97 -6.15 6.69
CA ASN A 64 -2.46 -6.92 7.82
C ASN A 64 -3.95 -7.20 7.65
N PHE A 65 -4.52 -7.86 8.63
CA PHE A 65 -5.94 -8.19 8.60
C PHE A 65 -6.46 -8.50 10.01
N TRP A 66 -7.74 -8.22 10.20
CA TRP A 66 -8.37 -8.46 11.49
C TRP A 66 -9.88 -8.35 11.30
N GLU A 1 -3.08 -14.84 1.60
CA GLU A 1 -4.01 -15.49 0.70
C GLU A 1 -4.68 -14.46 -0.20
N GLY A 2 -5.13 -13.38 0.41
CA GLY A 2 -5.80 -12.31 -0.31
C GLY A 2 -4.99 -11.92 -1.56
N THR A 3 -5.56 -10.99 -2.32
CA THR A 3 -4.90 -10.53 -3.54
C THR A 3 -3.99 -9.34 -3.23
N TRP A 4 -2.70 -9.59 -3.29
CA TRP A 4 -1.71 -8.56 -3.03
C TRP A 4 -1.07 -8.16 -4.36
N GLN A 5 -0.88 -6.86 -4.52
CA GLN A 5 -0.29 -6.33 -5.73
C GLN A 5 0.61 -5.12 -5.40
N HIS A 6 1.88 -5.41 -5.17
CA HIS A 6 2.83 -4.37 -4.84
C HIS A 6 3.66 -4.04 -6.09
N GLY A 7 3.83 -2.74 -6.33
CA GLY A 7 4.61 -2.29 -7.47
C GLY A 7 5.38 -1.02 -7.13
N TYR A 8 5.98 -0.43 -8.17
CA TYR A 8 6.76 0.78 -8.01
C TYR A 8 6.76 1.57 -9.32
N GLY A 9 5.99 2.64 -9.36
CA GLY A 9 5.92 3.46 -10.56
C GLY A 9 7.19 4.29 -10.74
N VAL A 10 8.31 3.60 -10.72
CA VAL A 10 9.61 4.26 -10.88
C VAL A 10 9.45 5.75 -10.56
N SER A 11 9.17 6.02 -9.30
CA SER A 11 8.99 7.40 -8.85
C SER A 11 8.17 7.42 -7.56
N SER A 12 7.17 6.55 -7.51
CA SER A 12 6.31 6.47 -6.34
C SER A 12 6.07 5.00 -5.97
N ALA A 13 5.44 4.81 -4.82
CA ALA A 13 5.15 3.47 -4.34
C ALA A 13 3.65 3.33 -4.13
N TYR A 14 3.11 2.20 -4.59
CA TYR A 14 1.70 1.90 -4.47
C TYR A 14 1.50 0.48 -3.98
N SER A 15 0.45 0.26 -3.20
CA SER A 15 0.18 -1.06 -2.67
C SER A 15 -1.34 -1.29 -2.59
N ASN A 16 -1.80 -2.30 -3.31
CA ASN A 16 -3.20 -2.63 -3.34
C ASN A 16 -3.40 -4.06 -2.84
N TYR A 17 -4.26 -4.19 -1.82
CA TYR A 17 -4.55 -5.48 -1.23
C TYR A 17 -6.05 -5.64 -1.07
N HIS A 18 -6.59 -6.74 -1.59
CA HIS A 18 -8.02 -6.99 -1.49
C HIS A 18 -8.27 -8.06 -0.43
N HIS A 19 -9.49 -8.04 0.11
CA HIS A 19 -9.87 -9.00 1.14
C HIS A 19 -11.39 -8.99 1.29
N GLY A 20 -11.94 -10.20 1.45
CA GLY A 20 -13.37 -10.34 1.61
C GLY A 20 -13.70 -11.36 2.70
N SER A 21 -12.98 -11.25 3.81
CA SER A 21 -13.18 -12.15 4.93
C SER A 21 -13.08 -11.39 6.25
N LYS A 22 -12.07 -10.52 6.31
CA LYS A 22 -11.85 -9.71 7.50
C LYS A 22 -11.22 -8.38 7.10
N THR A 23 -11.28 -7.44 8.02
CA THR A 23 -10.72 -6.12 7.78
C THR A 23 -9.29 -6.22 7.27
N HIS A 24 -8.88 -5.21 6.53
CA HIS A 24 -7.54 -5.19 5.97
C HIS A 24 -7.09 -3.73 5.79
N SER A 25 -5.78 -3.55 5.79
CA SER A 25 -5.20 -2.22 5.63
C SER A 25 -3.85 -2.32 4.93
N ALA A 26 -3.64 -1.40 3.99
CA ALA A 26 -2.39 -1.37 3.24
C ALA A 26 -1.63 -0.09 3.57
N THR A 27 -0.45 -0.26 4.14
CA THR A 27 0.39 0.87 4.51
C THR A 27 1.67 0.88 3.67
N VAL A 28 2.01 2.07 3.20
CA VAL A 28 3.22 2.23 2.39
C VAL A 28 3.93 3.52 2.81
N VAL A 29 5.21 3.37 3.14
CA VAL A 29 6.01 4.50 3.55
C VAL A 29 7.09 4.77 2.51
N ASN A 30 7.29 6.03 2.20
CA ASN A 30 8.30 6.43 1.22
C ASN A 30 9.56 6.89 1.95
N ASN A 31 10.56 6.03 1.95
CA ASN A 31 11.82 6.35 2.60
C ASN A 31 12.75 7.03 1.60
N ASN A 32 12.58 8.33 1.46
CA ASN A 32 13.40 9.10 0.54
C ASN A 32 13.17 10.60 0.79
N THR A 33 11.93 11.01 0.65
CA THR A 33 11.56 12.41 0.86
C THR A 33 10.78 12.56 2.17
N GLY A 34 10.32 11.44 2.69
CA GLY A 34 9.57 11.44 3.93
C GLY A 34 8.06 11.40 3.66
N ARG A 35 7.63 10.36 2.97
CA ARG A 35 6.23 10.20 2.64
C ARG A 35 5.64 8.99 3.38
N GLN A 36 4.32 8.97 3.45
CA GLN A 36 3.63 7.89 4.12
C GLN A 36 2.14 7.92 3.80
N GLY A 37 1.58 6.74 3.57
CA GLY A 37 0.17 6.62 3.25
C GLY A 37 -0.43 5.34 3.84
N LYS A 38 -1.72 5.17 3.62
CA LYS A 38 -2.42 4.00 4.12
C LYS A 38 -3.86 4.02 3.62
N ASP A 39 -4.39 2.84 3.37
CA ASP A 39 -5.76 2.70 2.88
C ASP A 39 -6.48 1.62 3.70
N THR A 40 -6.86 2.00 4.91
CA THR A 40 -7.57 1.07 5.78
C THR A 40 -9.03 0.97 5.40
N GLN A 41 -9.52 -0.26 5.31
CA GLN A 41 -10.90 -0.50 4.95
C GLN A 41 -11.40 -1.79 5.63
N ARG A 42 -12.71 -2.01 5.49
CA ARG A 42 -13.32 -3.18 6.09
C ARG A 42 -13.28 -4.36 5.10
N ALA A 43 -13.97 -5.43 5.48
CA ALA A 43 -14.02 -6.61 4.64
C ALA A 43 -14.80 -6.30 3.37
N GLY A 44 -14.24 -6.72 2.24
CA GLY A 44 -14.88 -6.49 0.96
C GLY A 44 -14.59 -5.07 0.45
N VAL A 45 -13.36 -4.88 -0.02
CA VAL A 45 -12.94 -3.59 -0.54
C VAL A 45 -11.50 -3.68 -1.03
N TRP A 46 -11.12 -2.70 -1.83
CA TRP A 46 -9.77 -2.66 -2.38
C TRP A 46 -9.00 -1.54 -1.66
N ALA A 47 -8.00 -1.94 -0.89
CA ALA A 47 -7.19 -0.99 -0.16
C ALA A 47 -5.98 -0.60 -1.01
N LYS A 48 -6.06 0.60 -1.58
CA LYS A 48 -4.98 1.09 -2.42
C LYS A 48 -4.33 2.30 -1.73
N ALA A 49 -3.00 2.21 -1.59
CA ALA A 49 -2.25 3.28 -0.95
C ALA A 49 -1.17 3.78 -1.92
N THR A 50 -0.82 5.05 -1.75
CA THR A 50 0.19 5.66 -2.59
C THR A 50 0.95 6.72 -1.82
N VAL A 51 2.23 6.87 -2.18
CA VAL A 51 3.09 7.84 -1.52
C VAL A 51 4.40 7.97 -2.30
N GLY A 52 4.89 9.19 -2.39
CA GLY A 52 6.12 9.46 -3.09
C GLY A 52 5.85 9.86 -4.55
N ARG A 53 6.92 10.02 -5.30
CA ARG A 53 6.82 10.38 -6.70
C ARG A 53 7.97 11.32 -7.09
N ASN A 54 8.98 10.73 -7.72
CA ASN A 54 10.14 11.49 -8.14
C ASN A 54 10.75 10.83 -9.37
N LEU A 55 11.46 9.74 -9.11
CA LEU A 55 12.11 9.00 -10.19
C LEU A 55 12.77 7.74 -9.62
N THR A 56 13.52 7.95 -8.54
CA THR A 56 14.20 6.85 -7.88
C THR A 56 14.15 7.02 -6.36
N GLU A 57 13.67 5.98 -5.70
CA GLU A 57 13.56 5.99 -4.26
C GLU A 57 13.03 4.65 -3.75
N LYS A 58 13.20 4.44 -2.45
CA LYS A 58 12.75 3.20 -1.83
C LYS A 58 11.36 3.42 -1.22
N ALA A 59 10.82 2.34 -0.67
CA ALA A 59 9.51 2.40 -0.06
C ALA A 59 9.30 1.16 0.81
N SER A 60 8.49 1.32 1.85
CA SER A 60 8.21 0.22 2.75
C SER A 60 6.73 -0.15 2.67
N PHE A 61 6.49 -1.38 2.22
CA PHE A 61 5.13 -1.88 2.09
C PHE A 61 4.76 -2.78 3.27
N TYR A 62 3.60 -2.49 3.85
CA TYR A 62 3.11 -3.26 4.99
C TYR A 62 1.64 -3.61 4.75
N TYR A 63 1.17 -4.66 5.45
CA TYR A 63 -0.20 -5.11 5.32
C TYR A 63 -0.61 -5.87 6.57
N ASN A 64 -1.90 -6.20 6.66
CA ASN A 64 -2.39 -6.95 7.81
C ASN A 64 -3.87 -7.25 7.62
N PHE A 65 -4.45 -7.89 8.62
CA PHE A 65 -5.87 -8.24 8.57
C PHE A 65 -6.41 -8.52 9.97
N TRP A 66 -7.68 -8.21 10.15
CA TRP A 66 -8.34 -8.42 11.43
C TRP A 66 -9.84 -8.27 11.22
N GLU A 1 -3.20 -15.57 1.02
CA GLU A 1 -4.60 -15.40 0.64
C GLU A 1 -4.81 -14.01 0.03
N GLY A 2 -6.08 -13.70 -0.20
CA GLY A 2 -6.44 -12.41 -0.77
C GLY A 2 -5.66 -12.14 -2.06
N THR A 3 -5.65 -10.88 -2.46
CA THR A 3 -4.95 -10.48 -3.66
C THR A 3 -4.02 -9.30 -3.36
N TRP A 4 -2.72 -9.56 -3.41
CA TRP A 4 -1.73 -8.55 -3.16
C TRP A 4 -1.12 -8.13 -4.50
N GLN A 5 -0.92 -6.83 -4.64
CA GLN A 5 -0.35 -6.29 -5.87
C GLN A 5 0.56 -5.09 -5.55
N HIS A 6 1.80 -5.40 -5.24
CA HIS A 6 2.76 -4.36 -4.92
C HIS A 6 3.64 -4.07 -6.13
N GLY A 7 3.87 -2.79 -6.37
CA GLY A 7 4.70 -2.38 -7.50
C GLY A 7 5.48 -1.10 -7.17
N TYR A 8 6.12 -0.54 -8.19
CA TYR A 8 6.90 0.66 -8.05
C TYR A 8 7.00 1.39 -9.38
N GLY A 9 6.34 2.53 -9.48
CA GLY A 9 6.36 3.30 -10.70
C GLY A 9 7.61 4.18 -10.78
N VAL A 10 8.74 3.57 -10.44
CA VAL A 10 10.00 4.28 -10.46
C VAL A 10 9.75 5.78 -10.24
N SER A 11 9.39 6.10 -9.00
CA SER A 11 9.12 7.48 -8.64
C SER A 11 8.20 7.54 -7.43
N SER A 12 7.26 6.59 -7.39
CA SER A 12 6.32 6.53 -6.29
C SER A 12 6.10 5.06 -5.88
N ALA A 13 5.41 4.89 -4.77
CA ALA A 13 5.12 3.55 -4.26
C ALA A 13 3.61 3.39 -4.08
N TYR A 14 3.10 2.26 -4.58
CA TYR A 14 1.69 1.95 -4.48
C TYR A 14 1.50 0.52 -4.01
N SER A 15 0.43 0.28 -3.27
CA SER A 15 0.15 -1.06 -2.77
C SER A 15 -1.36 -1.29 -2.69
N ASN A 16 -1.82 -2.26 -3.47
CA ASN A 16 -3.24 -2.59 -3.50
C ASN A 16 -3.42 -4.02 -3.00
N TYR A 17 -4.26 -4.15 -1.97
CA TYR A 17 -4.56 -5.44 -1.39
C TYR A 17 -6.06 -5.61 -1.23
N HIS A 18 -6.60 -6.71 -1.74
CA HIS A 18 -8.02 -6.97 -1.64
C HIS A 18 -8.28 -8.01 -0.55
N HIS A 19 -9.47 -7.93 0.03
CA HIS A 19 -9.86 -8.85 1.08
C HIS A 19 -11.38 -8.84 1.25
N GLY A 20 -11.95 -10.03 1.31
CA GLY A 20 -13.39 -10.17 1.47
C GLY A 20 -13.73 -11.20 2.55
N SER A 21 -12.93 -11.18 3.61
CA SER A 21 -13.13 -12.11 4.70
C SER A 21 -13.06 -11.35 6.03
N LYS A 22 -12.03 -10.53 6.16
CA LYS A 22 -11.84 -9.76 7.37
C LYS A 22 -11.21 -8.42 7.02
N THR A 23 -11.28 -7.49 7.97
CA THR A 23 -10.73 -6.17 7.77
C THR A 23 -9.28 -6.26 7.27
N HIS A 24 -8.86 -5.22 6.56
CA HIS A 24 -7.51 -5.18 6.02
C HIS A 24 -7.09 -3.72 5.84
N SER A 25 -5.77 -3.52 5.84
CA SER A 25 -5.22 -2.19 5.67
C SER A 25 -3.87 -2.27 4.96
N ALA A 26 -3.69 -1.35 4.01
CA ALA A 26 -2.45 -1.31 3.24
C ALA A 26 -1.69 -0.04 3.59
N THR A 27 -0.49 -0.23 4.13
CA THR A 27 0.35 0.88 4.53
C THR A 27 1.63 0.89 3.70
N VAL A 28 1.96 2.07 3.19
CA VAL A 28 3.15 2.22 2.37
C VAL A 28 3.87 3.52 2.78
N VAL A 29 5.14 3.37 3.10
CA VAL A 29 5.95 4.51 3.51
C VAL A 29 7.00 4.79 2.44
N ASN A 30 7.19 6.08 2.15
CA ASN A 30 8.16 6.49 1.14
C ASN A 30 9.44 6.92 1.84
N ASN A 31 10.45 6.05 1.74
CA ASN A 31 11.73 6.32 2.34
C ASN A 31 12.64 7.03 1.33
N ASN A 32 12.42 8.33 1.20
CA ASN A 32 13.20 9.13 0.27
C ASN A 32 13.05 10.61 0.62
N THR A 33 11.81 11.07 0.60
CA THR A 33 11.51 12.45 0.91
C THR A 33 10.76 12.56 2.25
N GLY A 34 10.26 11.40 2.69
CA GLY A 34 9.53 11.35 3.94
C GLY A 34 8.02 11.35 3.69
N ARG A 35 7.58 10.34 2.95
CA ARG A 35 6.16 10.21 2.63
C ARG A 35 5.59 8.94 3.25
N GLN A 36 4.29 8.97 3.48
CA GLN A 36 3.61 7.83 4.08
C GLN A 36 2.12 7.87 3.74
N GLY A 37 1.57 6.68 3.51
CA GLY A 37 0.16 6.56 3.17
C GLY A 37 -0.47 5.35 3.87
N LYS A 38 -1.77 5.21 3.68
CA LYS A 38 -2.50 4.12 4.30
C LYS A 38 -3.97 4.20 3.88
N ASP A 39 -4.52 3.06 3.50
CA ASP A 39 -5.91 2.99 3.08
C ASP A 39 -6.60 1.85 3.83
N THR A 40 -6.96 2.13 5.07
CA THR A 40 -7.64 1.15 5.90
C THR A 40 -9.10 1.00 5.48
N GLN A 41 -9.53 -0.24 5.37
CA GLN A 41 -10.91 -0.53 4.98
C GLN A 41 -11.40 -1.82 5.65
N ARG A 42 -12.69 -2.07 5.51
CA ARG A 42 -13.29 -3.25 6.10
C ARG A 42 -13.21 -4.43 5.12
N ALA A 43 -13.92 -5.50 5.47
CA ALA A 43 -13.93 -6.68 4.63
C ALA A 43 -14.74 -6.40 3.37
N GLY A 44 -14.12 -6.68 2.23
CA GLY A 44 -14.77 -6.46 0.95
C GLY A 44 -14.49 -5.05 0.44
N VAL A 45 -13.27 -4.85 -0.04
CA VAL A 45 -12.88 -3.55 -0.57
C VAL A 45 -11.45 -3.64 -1.10
N TRP A 46 -11.09 -2.65 -1.90
CA TRP A 46 -9.75 -2.60 -2.48
C TRP A 46 -8.97 -1.47 -1.79
N ALA A 47 -7.99 -1.87 -1.01
CA ALA A 47 -7.17 -0.91 -0.28
C ALA A 47 -5.95 -0.54 -1.14
N LYS A 48 -6.02 0.64 -1.74
CA LYS A 48 -4.94 1.11 -2.58
C LYS A 48 -4.26 2.31 -1.91
N ALA A 49 -3.00 2.10 -1.54
CA ALA A 49 -2.23 3.15 -0.89
C ALA A 49 -1.17 3.67 -1.85
N THR A 50 -0.90 4.96 -1.75
CA THR A 50 0.09 5.60 -2.61
C THR A 50 0.84 6.68 -1.83
N VAL A 51 2.09 6.87 -2.22
CA VAL A 51 2.94 7.86 -1.57
C VAL A 51 4.22 8.04 -2.38
N GLY A 52 4.72 9.27 -2.38
CA GLY A 52 5.93 9.58 -3.10
C GLY A 52 5.63 9.90 -4.57
N ARG A 53 6.69 10.10 -5.34
CA ARG A 53 6.56 10.42 -6.75
C ARG A 53 7.63 11.43 -7.17
N ASN A 54 8.74 10.89 -7.64
CA ASN A 54 9.85 11.74 -8.08
C ASN A 54 10.63 11.01 -9.17
N LEU A 55 11.41 10.02 -8.74
CA LEU A 55 12.21 9.24 -9.66
C LEU A 55 13.19 8.37 -8.87
N THR A 56 12.99 7.06 -8.97
CA THR A 56 13.84 6.12 -8.27
C THR A 56 13.88 6.45 -6.77
N GLU A 57 13.45 5.48 -5.98
CA GLU A 57 13.43 5.65 -4.53
C GLU A 57 12.94 4.37 -3.85
N LYS A 58 13.25 4.27 -2.57
CA LYS A 58 12.85 3.10 -1.80
C LYS A 58 11.46 3.33 -1.21
N ALA A 59 10.89 2.26 -0.68
CA ALA A 59 9.57 2.33 -0.09
C ALA A 59 9.34 1.11 0.80
N SER A 60 8.49 1.28 1.81
CA SER A 60 8.18 0.20 2.72
C SER A 60 6.70 -0.16 2.61
N PHE A 61 6.45 -1.39 2.18
CA PHE A 61 5.09 -1.88 2.03
C PHE A 61 4.71 -2.80 3.20
N TYR A 62 3.57 -2.47 3.82
CA TYR A 62 3.07 -3.24 4.94
C TYR A 62 1.61 -3.60 4.71
N TYR A 63 1.12 -4.60 5.43
CA TYR A 63 -0.26 -5.03 5.31
C TYR A 63 -0.67 -5.83 6.53
N ASN A 64 -1.95 -6.17 6.62
CA ASN A 64 -2.45 -6.92 7.76
C ASN A 64 -3.95 -7.19 7.58
N PHE A 65 -4.52 -7.86 8.56
CA PHE A 65 -5.93 -8.19 8.51
C PHE A 65 -6.47 -8.50 9.92
N TRP A 66 -7.74 -8.20 10.10
CA TRP A 66 -8.39 -8.42 11.38
C TRP A 66 -9.90 -8.28 11.19
N GLU A 1 -3.36 -15.01 1.43
CA GLU A 1 -4.79 -14.77 1.54
C GLU A 1 -5.16 -13.43 0.89
N GLY A 2 -6.14 -13.49 0.01
CA GLY A 2 -6.59 -12.29 -0.68
C GLY A 2 -5.78 -12.06 -1.96
N THR A 3 -5.76 -10.80 -2.38
CA THR A 3 -5.04 -10.43 -3.58
C THR A 3 -4.10 -9.25 -3.30
N TRP A 4 -2.81 -9.54 -3.36
CA TRP A 4 -1.81 -8.52 -3.11
C TRP A 4 -1.19 -8.12 -4.45
N GLN A 5 -1.00 -6.81 -4.61
CA GLN A 5 -0.43 -6.29 -5.85
C GLN A 5 0.48 -5.11 -5.55
N HIS A 6 1.72 -5.41 -5.22
CA HIS A 6 2.70 -4.38 -4.91
C HIS A 6 3.56 -4.09 -6.13
N GLY A 7 3.82 -2.82 -6.35
CA GLY A 7 4.62 -2.39 -7.49
C GLY A 7 5.43 -1.15 -7.15
N TYR A 8 6.11 -0.62 -8.17
CA TYR A 8 6.93 0.57 -8.02
C TYR A 8 7.04 1.31 -9.35
N GLY A 9 6.38 2.45 -9.45
CA GLY A 9 6.42 3.22 -10.68
C GLY A 9 7.69 4.07 -10.75
N VAL A 10 8.81 3.45 -10.41
CA VAL A 10 10.09 4.13 -10.43
C VAL A 10 9.86 5.64 -10.21
N SER A 11 9.49 5.96 -8.98
CA SER A 11 9.24 7.35 -8.62
C SER A 11 8.29 7.41 -7.43
N SER A 12 7.33 6.50 -7.43
CA SER A 12 6.36 6.44 -6.35
C SER A 12 6.15 4.99 -5.89
N ALA A 13 5.39 4.85 -4.83
CA ALA A 13 5.11 3.52 -4.29
C ALA A 13 3.61 3.35 -4.10
N TYR A 14 3.10 2.22 -4.60
CA TYR A 14 1.68 1.91 -4.50
C TYR A 14 1.50 0.48 -4.02
N SER A 15 0.42 0.23 -3.29
CA SER A 15 0.15 -1.10 -2.78
C SER A 15 -1.36 -1.31 -2.67
N ASN A 16 -1.84 -2.27 -3.45
CA ASN A 16 -3.25 -2.59 -3.45
C ASN A 16 -3.45 -4.02 -2.96
N TYR A 17 -4.30 -4.16 -1.93
CA TYR A 17 -4.59 -5.44 -1.35
C TYR A 17 -6.10 -5.60 -1.17
N HIS A 18 -6.64 -6.70 -1.68
CA HIS A 18 -8.07 -6.94 -1.56
C HIS A 18 -8.32 -8.01 -0.49
N HIS A 19 -9.51 -7.96 0.07
CA HIS A 19 -9.89 -8.90 1.10
C HIS A 19 -11.41 -8.91 1.27
N GLY A 20 -11.97 -10.11 1.31
CA GLY A 20 -13.41 -10.26 1.46
C GLY A 20 -13.74 -11.28 2.56
N SER A 21 -12.96 -11.21 3.63
CA SER A 21 -13.16 -12.12 4.75
C SER A 21 -13.09 -11.35 6.06
N LYS A 22 -12.02 -10.57 6.20
CA LYS A 22 -11.82 -9.78 7.41
C LYS A 22 -11.20 -8.43 7.03
N THR A 23 -11.26 -7.50 7.96
CA THR A 23 -10.70 -6.18 7.74
C THR A 23 -9.26 -6.28 7.23
N HIS A 24 -8.86 -5.26 6.49
CA HIS A 24 -7.51 -5.22 5.94
C HIS A 24 -7.05 -3.77 5.82
N SER A 25 -5.74 -3.60 5.76
CA SER A 25 -5.16 -2.28 5.64
C SER A 25 -3.81 -2.36 4.91
N ALA A 26 -3.62 -1.44 3.98
CA ALA A 26 -2.38 -1.40 3.22
C ALA A 26 -1.62 -0.11 3.55
N THR A 27 -0.43 -0.29 4.10
CA THR A 27 0.40 0.85 4.46
C THR A 27 1.67 0.86 3.61
N VAL A 28 2.01 2.06 3.14
CA VAL A 28 3.19 2.23 2.31
C VAL A 28 3.90 3.52 2.72
N VAL A 29 5.19 3.38 3.01
CA VAL A 29 5.99 4.52 3.42
C VAL A 29 7.03 4.82 2.33
N ASN A 30 7.20 6.10 2.05
CA ASN A 30 8.16 6.52 1.04
C ASN A 30 9.45 6.97 1.73
N ASN A 31 10.47 6.14 1.58
CA ASN A 31 11.77 6.42 2.17
C ASN A 31 12.64 7.15 1.15
N ASN A 32 12.40 8.46 1.04
CA ASN A 32 13.17 9.28 0.12
C ASN A 32 13.00 10.75 0.49
N THR A 33 11.74 11.19 0.48
CA THR A 33 11.43 12.56 0.81
C THR A 33 10.71 12.64 2.16
N GLY A 34 10.21 11.49 2.60
CA GLY A 34 9.50 11.42 3.86
C GLY A 34 7.98 11.39 3.63
N ARG A 35 7.54 10.39 2.89
CA ARG A 35 6.13 10.24 2.60
C ARG A 35 5.56 9.01 3.29
N GLN A 36 4.25 8.97 3.39
CA GLN A 36 3.58 7.86 4.04
C GLN A 36 2.07 7.88 3.71
N GLY A 37 1.52 6.70 3.50
CA GLY A 37 0.11 6.58 3.20
C GLY A 37 -0.47 5.30 3.80
N LYS A 38 -1.77 5.12 3.60
CA LYS A 38 -2.47 3.96 4.12
C LYS A 38 -3.91 3.97 3.63
N ASP A 39 -4.43 2.78 3.38
CA ASP A 39 -5.79 2.64 2.91
C ASP A 39 -6.51 1.58 3.75
N THR A 40 -6.89 1.97 4.95
CA THR A 40 -7.58 1.08 5.86
C THR A 40 -9.05 0.94 5.47
N GLN A 41 -9.50 -0.30 5.41
CA GLN A 41 -10.88 -0.58 5.04
C GLN A 41 -11.36 -1.85 5.72
N ARG A 42 -12.67 -2.10 5.61
CA ARG A 42 -13.27 -3.27 6.22
C ARG A 42 -13.21 -4.46 5.24
N ALA A 43 -13.87 -5.53 5.62
CA ALA A 43 -13.90 -6.73 4.80
C ALA A 43 -14.72 -6.44 3.53
N GLY A 44 -14.15 -6.82 2.40
CA GLY A 44 -14.80 -6.61 1.12
C GLY A 44 -14.55 -5.20 0.60
N VAL A 45 -13.34 -4.98 0.12
CA VAL A 45 -12.95 -3.69 -0.41
C VAL A 45 -11.52 -3.76 -0.95
N TRP A 46 -11.16 -2.76 -1.74
CA TRP A 46 -9.84 -2.69 -2.31
C TRP A 46 -9.05 -1.59 -1.60
N ALA A 47 -8.02 -2.02 -0.88
CA ALA A 47 -7.18 -1.08 -0.15
C ALA A 47 -5.99 -0.68 -1.01
N LYS A 48 -6.07 0.51 -1.57
CA LYS A 48 -5.00 1.02 -2.42
C LYS A 48 -4.33 2.21 -1.73
N ALA A 49 -3.03 2.08 -1.54
CA ALA A 49 -2.26 3.13 -0.89
C ALA A 49 -1.22 3.67 -1.87
N THR A 50 -0.94 4.97 -1.75
CA THR A 50 0.03 5.61 -2.62
C THR A 50 0.80 6.69 -1.84
N VAL A 51 2.05 6.86 -2.23
CA VAL A 51 2.90 7.84 -1.59
C VAL A 51 4.18 8.01 -2.40
N GLY A 52 4.66 9.26 -2.46
CA GLY A 52 5.87 9.57 -3.19
C GLY A 52 5.56 9.80 -4.67
N ARG A 53 6.62 10.00 -5.44
CA ARG A 53 6.48 10.24 -6.86
C ARG A 53 7.43 11.36 -7.30
N ASN A 54 8.62 10.96 -7.71
CA ASN A 54 9.63 11.92 -8.15
C ASN A 54 10.65 11.20 -9.03
N LEU A 55 11.34 10.25 -8.42
CA LEU A 55 12.35 9.47 -9.13
C LEU A 55 12.72 8.24 -8.30
N THR A 56 13.47 7.35 -8.93
CA THR A 56 13.90 6.13 -8.27
C THR A 56 14.06 6.37 -6.77
N GLU A 57 13.60 5.39 -6.00
CA GLU A 57 13.68 5.48 -4.55
C GLU A 57 13.13 4.19 -3.91
N LYS A 58 13.45 4.02 -2.64
CA LYS A 58 13.00 2.85 -1.90
C LYS A 58 11.63 3.14 -1.27
N ALA A 59 11.04 2.10 -0.73
CA ALA A 59 9.73 2.24 -0.10
C ALA A 59 9.50 1.04 0.83
N SER A 60 8.55 1.22 1.75
CA SER A 60 8.23 0.17 2.69
C SER A 60 6.74 -0.19 2.59
N PHE A 61 6.49 -1.43 2.18
CA PHE A 61 5.12 -1.90 2.04
C PHE A 61 4.73 -2.82 3.19
N TYR A 62 3.61 -2.48 3.84
CA TYR A 62 3.11 -3.25 4.95
C TYR A 62 1.64 -3.59 4.73
N TYR A 63 1.15 -4.60 5.45
CA TYR A 63 -0.23 -5.03 5.31
C TYR A 63 -0.63 -5.85 6.53
N ASN A 64 -1.91 -6.20 6.62
CA ASN A 64 -2.40 -6.97 7.74
C ASN A 64 -3.91 -7.21 7.58
N PHE A 65 -4.48 -7.89 8.55
CA PHE A 65 -5.90 -8.19 8.53
C PHE A 65 -6.40 -8.54 9.93
N TRP A 66 -7.68 -8.25 10.15
CA TRP A 66 -8.30 -8.52 11.43
C TRP A 66 -9.82 -8.45 11.26
N GLU A 1 -3.55 -15.14 0.79
CA GLU A 1 -4.83 -15.66 0.34
C GLU A 1 -5.54 -14.63 -0.55
N GLY A 2 -5.62 -13.42 -0.04
CA GLY A 2 -6.27 -12.34 -0.78
C GLY A 2 -5.50 -12.01 -2.06
N THR A 3 -5.65 -10.78 -2.52
CA THR A 3 -4.98 -10.34 -3.73
C THR A 3 -4.05 -9.16 -3.42
N TRP A 4 -2.75 -9.44 -3.49
CA TRP A 4 -1.77 -8.41 -3.22
C TRP A 4 -1.14 -8.00 -4.56
N GLN A 5 -0.93 -6.70 -4.70
CA GLN A 5 -0.35 -6.17 -5.92
C GLN A 5 0.56 -4.98 -5.59
N HIS A 6 1.78 -5.30 -5.20
CA HIS A 6 2.75 -4.27 -4.87
C HIS A 6 3.62 -3.96 -6.09
N GLY A 7 3.81 -2.67 -6.32
CA GLY A 7 4.60 -2.22 -7.45
C GLY A 7 5.41 -0.98 -7.09
N TYR A 8 6.10 -0.43 -8.10
CA TYR A 8 6.92 0.74 -7.92
C TYR A 8 7.04 1.49 -9.24
N GLY A 9 6.32 2.60 -9.36
CA GLY A 9 6.36 3.39 -10.57
C GLY A 9 7.64 4.24 -10.65
N VAL A 10 8.76 3.57 -10.43
CA VAL A 10 10.04 4.23 -10.46
C VAL A 10 9.84 5.73 -10.21
N SER A 11 9.47 6.05 -8.97
CA SER A 11 9.25 7.43 -8.59
C SER A 11 8.31 7.48 -7.38
N SER A 12 7.34 6.58 -7.38
CA SER A 12 6.38 6.52 -6.29
C SER A 12 6.16 5.07 -5.86
N ALA A 13 5.43 4.91 -4.77
CA ALA A 13 5.15 3.58 -4.25
C ALA A 13 3.63 3.44 -4.05
N TYR A 14 3.11 2.30 -4.55
CA TYR A 14 1.70 2.02 -4.45
C TYR A 14 1.50 0.59 -3.96
N SER A 15 0.42 0.35 -3.22
CA SER A 15 0.13 -0.97 -2.71
C SER A 15 -1.38 -1.20 -2.64
N ASN A 16 -1.82 -2.17 -3.42
CA ASN A 16 -3.24 -2.50 -3.46
C ASN A 16 -3.45 -3.94 -2.99
N TYR A 17 -4.26 -4.08 -1.95
CA TYR A 17 -4.55 -5.38 -1.38
C TYR A 17 -6.06 -5.54 -1.20
N HIS A 18 -6.60 -6.65 -1.67
CA HIS A 18 -8.03 -6.89 -1.56
C HIS A 18 -8.28 -7.94 -0.47
N HIS A 19 -9.47 -7.88 0.11
CA HIS A 19 -9.84 -8.82 1.16
C HIS A 19 -11.35 -8.80 1.35
N GLY A 20 -11.94 -9.99 1.31
CA GLY A 20 -13.38 -10.11 1.48
C GLY A 20 -13.73 -11.13 2.57
N SER A 21 -12.90 -11.12 3.61
CA SER A 21 -13.10 -12.03 4.72
C SER A 21 -13.04 -11.27 6.04
N LYS A 22 -11.99 -10.49 6.19
CA LYS A 22 -11.82 -9.70 7.41
C LYS A 22 -11.18 -8.36 7.04
N THR A 23 -11.25 -7.43 7.99
CA THR A 23 -10.68 -6.11 7.78
C THR A 23 -9.24 -6.21 7.28
N HIS A 24 -8.82 -5.18 6.55
CA HIS A 24 -7.47 -5.14 6.01
C HIS A 24 -7.03 -3.70 5.84
N SER A 25 -5.71 -3.51 5.83
CA SER A 25 -5.15 -2.18 5.67
C SER A 25 -3.82 -2.26 4.94
N ALA A 26 -3.61 -1.33 4.03
CA ALA A 26 -2.38 -1.28 3.25
C ALA A 26 -1.62 0.00 3.58
N THR A 27 -0.46 -0.18 4.19
CA THR A 27 0.37 0.96 4.56
C THR A 27 1.65 0.97 3.73
N VAL A 28 1.99 2.16 3.25
CA VAL A 28 3.20 2.32 2.44
C VAL A 28 3.91 3.61 2.85
N VAL A 29 5.18 3.48 3.17
CA VAL A 29 5.98 4.61 3.57
C VAL A 29 7.05 4.88 2.52
N ASN A 30 7.25 6.16 2.22
CA ASN A 30 8.24 6.54 1.23
C ASN A 30 9.51 7.01 1.95
N ASN A 31 10.55 6.22 1.81
CA ASN A 31 11.83 6.54 2.44
C ASN A 31 12.73 7.23 1.42
N ASN A 32 12.55 8.54 1.31
CA ASN A 32 13.33 9.34 0.40
C ASN A 32 13.13 10.83 0.70
N THR A 33 11.87 11.24 0.63
CA THR A 33 11.53 12.63 0.90
C THR A 33 10.75 12.74 2.22
N GLY A 34 10.31 11.59 2.70
CA GLY A 34 9.55 11.54 3.94
C GLY A 34 8.04 11.52 3.66
N ARG A 35 7.63 10.51 2.93
CA ARG A 35 6.22 10.35 2.58
C ARG A 35 5.65 9.08 3.23
N GLN A 36 4.35 9.10 3.43
CA GLN A 36 3.67 7.97 4.03
C GLN A 36 2.17 8.01 3.72
N GLY A 37 1.61 6.83 3.55
CA GLY A 37 0.18 6.72 3.25
C GLY A 37 -0.41 5.44 3.85
N LYS A 38 -1.71 5.29 3.66
CA LYS A 38 -2.41 4.13 4.19
C LYS A 38 -3.90 4.22 3.83
N ASP A 39 -4.45 3.08 3.47
CA ASP A 39 -5.85 3.02 3.10
C ASP A 39 -6.54 1.88 3.85
N THR A 40 -6.89 2.17 5.10
CA THR A 40 -7.55 1.18 5.94
C THR A 40 -9.02 1.03 5.55
N GLN A 41 -9.46 -0.22 5.44
CA GLN A 41 -10.84 -0.49 5.08
C GLN A 41 -11.31 -1.78 5.76
N ARG A 42 -12.60 -2.05 5.62
CA ARG A 42 -13.19 -3.24 6.21
C ARG A 42 -13.15 -4.40 5.22
N ALA A 43 -13.83 -5.47 5.59
CA ALA A 43 -13.86 -6.65 4.74
C ALA A 43 -14.70 -6.36 3.49
N GLY A 44 -14.11 -6.66 2.35
CA GLY A 44 -14.78 -6.43 1.07
C GLY A 44 -14.51 -5.01 0.56
N VAL A 45 -13.29 -4.81 0.09
CA VAL A 45 -12.90 -3.51 -0.44
C VAL A 45 -11.46 -3.59 -0.97
N TRP A 46 -11.11 -2.60 -1.76
CA TRP A 46 -9.78 -2.55 -2.34
C TRP A 46 -9.01 -1.43 -1.65
N ALA A 47 -7.97 -1.83 -0.92
CA ALA A 47 -7.14 -0.88 -0.20
C ALA A 47 -5.93 -0.51 -1.06
N LYS A 48 -6.02 0.66 -1.68
CA LYS A 48 -4.96 1.14 -2.53
C LYS A 48 -4.29 2.35 -1.88
N ALA A 49 -3.03 2.19 -1.54
CA ALA A 49 -2.27 3.25 -0.91
C ALA A 49 -1.22 3.78 -1.89
N THR A 50 -0.88 5.06 -1.72
CA THR A 50 0.10 5.69 -2.58
C THR A 50 0.88 6.76 -1.80
N VAL A 51 2.13 6.92 -2.19
CA VAL A 51 2.99 7.91 -1.55
C VAL A 51 4.29 8.05 -2.35
N GLY A 52 4.81 9.26 -2.35
CA GLY A 52 6.05 9.54 -3.06
C GLY A 52 5.77 9.87 -4.53
N ARG A 53 6.85 10.07 -5.27
CA ARG A 53 6.74 10.38 -6.69
C ARG A 53 7.82 11.38 -7.10
N ASN A 54 8.90 10.85 -7.62
CA ASN A 54 10.02 11.68 -8.05
C ASN A 54 10.87 10.90 -9.05
N LEU A 55 11.62 9.94 -8.52
CA LEU A 55 12.49 9.12 -9.35
C LEU A 55 13.55 8.46 -8.46
N THR A 56 13.74 7.17 -8.68
CA THR A 56 14.73 6.42 -7.92
C THR A 56 14.56 6.69 -6.42
N GLU A 57 13.94 5.74 -5.74
CA GLU A 57 13.71 5.87 -4.31
C GLU A 57 13.16 4.56 -3.74
N LYS A 58 13.47 4.32 -2.49
CA LYS A 58 13.01 3.12 -1.82
C LYS A 58 11.67 3.39 -1.12
N ALA A 59 11.08 2.33 -0.60
CA ALA A 59 9.80 2.44 0.09
C ALA A 59 9.60 1.23 0.98
N SER A 60 8.52 1.27 1.76
CA SER A 60 8.21 0.18 2.66
C SER A 60 6.71 -0.14 2.60
N PHE A 61 6.42 -1.37 2.19
CA PHE A 61 5.05 -1.81 2.07
C PHE A 61 4.66 -2.72 3.24
N TYR A 62 3.55 -2.36 3.90
CA TYR A 62 3.05 -3.11 5.03
C TYR A 62 1.59 -3.44 4.82
N TYR A 63 1.12 -4.52 5.45
CA TYR A 63 -0.26 -4.95 5.33
C TYR A 63 -0.65 -5.77 6.55
N ASN A 64 -1.93 -6.12 6.65
CA ASN A 64 -2.42 -6.89 7.77
C ASN A 64 -3.92 -7.14 7.61
N PHE A 65 -4.48 -7.84 8.58
CA PHE A 65 -5.90 -8.15 8.56
C PHE A 65 -6.42 -8.45 9.96
N TRP A 66 -7.70 -8.18 10.17
CA TRP A 66 -8.32 -8.43 11.45
C TRP A 66 -9.84 -8.30 11.27
N GLU A 1 -3.23 -15.53 0.89
CA GLU A 1 -4.65 -15.24 0.88
C GLU A 1 -4.92 -13.91 0.17
N GLY A 2 -6.19 -13.60 0.02
CA GLY A 2 -6.59 -12.37 -0.64
C GLY A 2 -5.78 -12.14 -1.92
N THR A 3 -5.73 -10.88 -2.34
CA THR A 3 -5.00 -10.52 -3.54
C THR A 3 -4.07 -9.35 -3.26
N TRP A 4 -2.78 -9.63 -3.31
CA TRP A 4 -1.77 -8.61 -3.06
C TRP A 4 -1.17 -8.21 -4.41
N GLN A 5 -0.96 -6.92 -4.57
CA GLN A 5 -0.39 -6.39 -5.80
C GLN A 5 0.52 -5.19 -5.50
N HIS A 6 1.77 -5.51 -5.15
CA HIS A 6 2.73 -4.47 -4.85
C HIS A 6 3.58 -4.18 -6.07
N GLY A 7 3.78 -2.89 -6.33
CA GLY A 7 4.58 -2.46 -7.46
C GLY A 7 5.37 -1.20 -7.14
N TYR A 8 5.99 -0.63 -8.18
CA TYR A 8 6.79 0.57 -8.03
C TYR A 8 6.92 1.27 -9.37
N GLY A 9 6.24 2.40 -9.53
CA GLY A 9 6.29 3.14 -10.76
C GLY A 9 7.57 3.99 -10.85
N VAL A 10 8.68 3.35 -10.53
CA VAL A 10 9.96 4.03 -10.56
C VAL A 10 9.75 5.53 -10.32
N SER A 11 9.41 5.85 -9.07
CA SER A 11 9.17 7.23 -8.71
C SER A 11 8.24 7.30 -7.49
N SER A 12 7.27 6.39 -7.47
CA SER A 12 6.32 6.34 -6.37
C SER A 12 6.11 4.88 -5.95
N ALA A 13 5.41 4.73 -4.83
CA ALA A 13 5.13 3.40 -4.30
C ALA A 13 3.62 3.25 -4.10
N TYR A 14 3.09 2.14 -4.61
CA TYR A 14 1.68 1.85 -4.50
C TYR A 14 1.47 0.43 -4.01
N SER A 15 0.41 0.19 -3.25
CA SER A 15 0.14 -1.13 -2.74
C SER A 15 -1.38 -1.36 -2.66
N ASN A 16 -1.84 -2.34 -3.41
CA ASN A 16 -3.25 -2.67 -3.45
C ASN A 16 -3.45 -4.10 -2.96
N TYR A 17 -4.27 -4.23 -1.90
CA TYR A 17 -4.55 -5.52 -1.32
C TYR A 17 -6.06 -5.69 -1.15
N HIS A 18 -6.61 -6.76 -1.67
CA HIS A 18 -8.04 -7.01 -1.57
C HIS A 18 -8.29 -8.05 -0.47
N HIS A 19 -9.49 -7.99 0.09
CA HIS A 19 -9.88 -8.91 1.13
C HIS A 19 -11.40 -8.90 1.30
N GLY A 20 -11.96 -10.09 1.38
CA GLY A 20 -13.40 -10.23 1.53
C GLY A 20 -13.74 -11.24 2.62
N SER A 21 -12.95 -11.21 3.69
CA SER A 21 -13.15 -12.12 4.80
C SER A 21 -13.08 -11.34 6.13
N LYS A 22 -12.04 -10.52 6.23
CA LYS A 22 -11.84 -9.72 7.44
C LYS A 22 -11.20 -8.39 7.05
N THR A 23 -11.27 -7.45 7.98
CA THR A 23 -10.70 -6.13 7.76
C THR A 23 -9.26 -6.24 7.25
N HIS A 24 -8.83 -5.23 6.52
CA HIS A 24 -7.49 -5.21 5.98
C HIS A 24 -7.03 -3.76 5.79
N SER A 25 -5.72 -3.59 5.82
CA SER A 25 -5.15 -2.26 5.66
C SER A 25 -3.83 -2.35 4.89
N ALA A 26 -3.64 -1.40 4.00
CA ALA A 26 -2.43 -1.36 3.19
C ALA A 26 -1.65 -0.08 3.50
N THR A 27 -0.49 -0.28 4.10
CA THR A 27 0.36 0.84 4.46
C THR A 27 1.64 0.84 3.62
N VAL A 28 2.00 2.03 3.15
CA VAL A 28 3.19 2.18 2.33
C VAL A 28 3.92 3.46 2.73
N VAL A 29 5.20 3.30 3.04
CA VAL A 29 6.02 4.44 3.43
C VAL A 29 7.07 4.70 2.36
N ASN A 30 7.27 5.98 2.06
CA ASN A 30 8.24 6.37 1.06
C ASN A 30 9.53 6.80 1.75
N ASN A 31 10.54 5.94 1.65
CA ASN A 31 11.82 6.21 2.26
C ASN A 31 12.73 6.90 1.24
N ASN A 32 12.53 8.20 1.09
CA ASN A 32 13.32 8.98 0.15
C ASN A 32 13.17 10.46 0.47
N THR A 33 11.92 10.92 0.43
CA THR A 33 11.62 12.32 0.72
C THR A 33 10.89 12.44 2.06
N GLY A 34 10.39 11.32 2.53
CA GLY A 34 9.67 11.29 3.79
C GLY A 34 8.16 11.29 3.56
N ARG A 35 7.70 10.26 2.85
CA ARG A 35 6.28 10.14 2.56
C ARG A 35 5.70 8.91 3.26
N GLN A 36 4.38 8.91 3.37
CA GLN A 36 3.68 7.80 4.01
C GLN A 36 2.19 7.86 3.71
N GLY A 37 1.62 6.69 3.50
CA GLY A 37 0.20 6.59 3.20
C GLY A 37 -0.39 5.30 3.78
N LYS A 38 -1.72 5.18 3.65
CA LYS A 38 -2.41 4.01 4.15
C LYS A 38 -3.90 4.11 3.78
N ASP A 39 -4.47 2.96 3.45
CA ASP A 39 -5.86 2.91 3.06
C ASP A 39 -6.56 1.79 3.84
N THR A 40 -6.92 2.10 5.08
CA THR A 40 -7.59 1.14 5.94
C THR A 40 -9.05 0.99 5.54
N GLN A 41 -9.48 -0.25 5.43
CA GLN A 41 -10.86 -0.54 5.05
C GLN A 41 -11.33 -1.82 5.73
N ARG A 42 -12.63 -2.09 5.58
CA ARG A 42 -13.22 -3.28 6.18
C ARG A 42 -13.17 -4.44 5.18
N ALA A 43 -13.88 -5.50 5.54
CA ALA A 43 -13.94 -6.69 4.69
C ALA A 43 -14.75 -6.37 3.44
N GLY A 44 -14.18 -6.69 2.30
CA GLY A 44 -14.84 -6.45 1.02
C GLY A 44 -14.56 -5.04 0.52
N VAL A 45 -13.34 -4.85 0.04
CA VAL A 45 -12.92 -3.55 -0.47
C VAL A 45 -11.48 -3.64 -0.99
N TRP A 46 -11.12 -2.66 -1.80
CA TRP A 46 -9.78 -2.62 -2.38
C TRP A 46 -9.00 -1.50 -1.68
N ALA A 47 -7.97 -1.91 -0.94
CA ALA A 47 -7.15 -0.97 -0.23
C ALA A 47 -5.93 -0.60 -1.08
N LYS A 48 -6.00 0.56 -1.71
CA LYS A 48 -4.93 1.02 -2.56
C LYS A 48 -4.26 2.25 -1.91
N ALA A 49 -3.01 2.08 -1.56
CA ALA A 49 -2.25 3.16 -0.93
C ALA A 49 -1.21 3.68 -1.93
N THR A 50 -0.87 4.95 -1.76
CA THR A 50 0.11 5.59 -2.63
C THR A 50 0.89 6.65 -1.85
N VAL A 51 2.15 6.81 -2.24
CA VAL A 51 3.01 7.78 -1.60
C VAL A 51 4.30 7.92 -2.41
N GLY A 52 4.80 9.15 -2.47
CA GLY A 52 6.02 9.43 -3.20
C GLY A 52 5.72 9.76 -4.67
N ARG A 53 6.79 9.92 -5.44
CA ARG A 53 6.65 10.22 -6.85
C ARG A 53 7.68 11.27 -7.27
N ASN A 54 8.80 10.78 -7.79
CA ASN A 54 9.87 11.65 -8.23
C ASN A 54 10.71 10.93 -9.29
N LEU A 55 11.50 9.99 -8.83
CA LEU A 55 12.36 9.22 -9.72
C LEU A 55 13.27 8.30 -8.89
N THR A 56 13.01 7.01 -9.00
CA THR A 56 13.80 6.02 -8.28
C THR A 56 13.79 6.34 -6.78
N GLU A 57 13.67 5.29 -5.99
CA GLU A 57 13.64 5.44 -4.54
C GLU A 57 13.14 4.15 -3.88
N LYS A 58 13.35 4.08 -2.57
CA LYS A 58 12.93 2.92 -1.81
C LYS A 58 11.54 3.17 -1.23
N ALA A 59 10.94 2.10 -0.73
CA ALA A 59 9.61 2.19 -0.13
C ALA A 59 9.38 0.97 0.76
N SER A 60 8.53 1.17 1.76
CA SER A 60 8.21 0.11 2.69
C SER A 60 6.72 -0.24 2.59
N PHE A 61 6.46 -1.48 2.18
CA PHE A 61 5.10 -1.95 2.04
C PHE A 61 4.71 -2.86 3.20
N TYR A 62 3.58 -2.52 3.84
CA TYR A 62 3.08 -3.28 4.95
C TYR A 62 1.61 -3.63 4.73
N TYR A 63 1.12 -4.62 5.46
CA TYR A 63 -0.26 -5.05 5.33
C TYR A 63 -0.68 -5.84 6.57
N ASN A 64 -1.96 -6.16 6.66
CA ASN A 64 -2.46 -6.91 7.81
C ASN A 64 -3.96 -7.18 7.62
N PHE A 65 -4.53 -7.84 8.61
CA PHE A 65 -5.96 -8.16 8.57
C PHE A 65 -6.48 -8.45 9.97
N TRP A 66 -7.76 -8.16 10.16
CA TRP A 66 -8.41 -8.39 11.45
C TRP A 66 -9.92 -8.26 11.24
N GLU A 1 -3.12 -15.56 0.71
CA GLU A 1 -4.53 -15.27 0.69
C GLU A 1 -4.80 -13.94 -0.02
N GLY A 2 -6.06 -13.55 -0.03
CA GLY A 2 -6.45 -12.30 -0.67
C GLY A 2 -5.67 -12.08 -1.98
N THR A 3 -5.61 -10.82 -2.39
CA THR A 3 -4.90 -10.47 -3.61
C THR A 3 -3.97 -9.28 -3.36
N TRP A 4 -2.68 -9.57 -3.40
CA TRP A 4 -1.68 -8.54 -3.19
C TRP A 4 -1.11 -8.14 -4.55
N GLN A 5 -0.96 -6.84 -4.72
CA GLN A 5 -0.43 -6.31 -5.97
C GLN A 5 0.51 -5.13 -5.69
N HIS A 6 1.74 -5.47 -5.31
CA HIS A 6 2.74 -4.47 -5.01
C HIS A 6 3.51 -4.12 -6.28
N GLY A 7 3.80 -2.83 -6.43
CA GLY A 7 4.53 -2.36 -7.59
C GLY A 7 5.38 -1.13 -7.25
N TYR A 8 5.98 -0.55 -8.28
CA TYR A 8 6.82 0.61 -8.12
C TYR A 8 6.98 1.33 -9.45
N GLY A 9 6.37 2.49 -9.57
CA GLY A 9 6.45 3.26 -10.80
C GLY A 9 7.74 4.09 -10.85
N VAL A 10 8.83 3.44 -10.46
CA VAL A 10 10.13 4.10 -10.46
C VAL A 10 9.93 5.60 -10.21
N SER A 11 9.56 5.92 -8.97
CA SER A 11 9.34 7.30 -8.60
C SER A 11 8.37 7.37 -7.41
N SER A 12 7.37 6.50 -7.46
CA SER A 12 6.38 6.45 -6.39
C SER A 12 6.18 5.01 -5.93
N ALA A 13 5.38 4.85 -4.88
CA ALA A 13 5.11 3.54 -4.33
C ALA A 13 3.60 3.39 -4.14
N TYR A 14 3.07 2.25 -4.61
CA TYR A 14 1.66 1.96 -4.50
C TYR A 14 1.46 0.53 -4.03
N SER A 15 0.41 0.29 -3.27
CA SER A 15 0.13 -1.05 -2.77
C SER A 15 -1.38 -1.28 -2.69
N ASN A 16 -1.83 -2.26 -3.47
CA ASN A 16 -3.25 -2.59 -3.50
C ASN A 16 -3.44 -4.03 -3.04
N TYR A 17 -4.24 -4.17 -1.98
CA TYR A 17 -4.53 -5.48 -1.41
C TYR A 17 -6.03 -5.65 -1.24
N HIS A 18 -6.56 -6.75 -1.74
CA HIS A 18 -7.99 -7.00 -1.63
C HIS A 18 -8.24 -8.06 -0.54
N HIS A 19 -9.42 -7.98 0.05
CA HIS A 19 -9.79 -8.92 1.10
C HIS A 19 -11.31 -8.91 1.28
N GLY A 20 -11.88 -10.10 1.25
CA GLY A 20 -13.32 -10.25 1.42
C GLY A 20 -13.64 -11.26 2.51
N SER A 21 -12.83 -11.24 3.55
CA SER A 21 -13.03 -12.16 4.66
C SER A 21 -13.00 -11.39 5.99
N LYS A 22 -11.96 -10.59 6.15
CA LYS A 22 -11.81 -9.79 7.35
C LYS A 22 -11.17 -8.45 7.00
N THR A 23 -11.27 -7.52 7.93
CA THR A 23 -10.71 -6.20 7.73
C THR A 23 -9.27 -6.29 7.24
N HIS A 24 -8.85 -5.27 6.51
CA HIS A 24 -7.50 -5.23 5.98
C HIS A 24 -7.07 -3.77 5.79
N SER A 25 -5.76 -3.57 5.82
CA SER A 25 -5.20 -2.24 5.64
C SER A 25 -3.86 -2.32 4.92
N ALA A 26 -3.67 -1.40 3.99
CA ALA A 26 -2.43 -1.35 3.22
C ALA A 26 -1.68 -0.07 3.55
N THR A 27 -0.49 -0.25 4.12
CA THR A 27 0.34 0.89 4.48
C THR A 27 1.63 0.91 3.65
N VAL A 28 1.94 2.09 3.15
CA VAL A 28 3.15 2.25 2.34
C VAL A 28 3.86 3.54 2.74
N VAL A 29 5.14 3.40 3.06
CA VAL A 29 5.94 4.54 3.47
C VAL A 29 7.02 4.79 2.42
N ASN A 30 7.22 6.06 2.11
CA ASN A 30 8.23 6.45 1.13
C ASN A 30 9.48 6.94 1.86
N ASN A 31 10.33 5.99 2.22
CA ASN A 31 11.57 6.32 2.92
C ASN A 31 12.56 6.93 1.94
N ASN A 32 12.31 8.19 1.60
CA ASN A 32 13.17 8.90 0.67
C ASN A 32 13.04 10.41 0.91
N THR A 33 11.83 10.90 0.72
CA THR A 33 11.56 12.32 0.91
C THR A 33 10.76 12.53 2.20
N GLY A 34 10.26 11.44 2.75
CA GLY A 34 9.48 11.49 3.98
C GLY A 34 7.98 11.47 3.67
N ARG A 35 7.58 10.44 2.95
CA ARG A 35 6.18 10.27 2.59
C ARG A 35 5.61 9.00 3.22
N GLN A 36 4.29 9.02 3.41
CA GLN A 36 3.62 7.88 4.00
C GLN A 36 2.11 7.92 3.68
N GLY A 37 1.54 6.75 3.51
CA GLY A 37 0.13 6.64 3.20
C GLY A 37 -0.47 5.37 3.79
N LYS A 38 -1.78 5.22 3.63
CA LYS A 38 -2.48 4.06 4.13
C LYS A 38 -3.96 4.16 3.76
N ASP A 39 -4.53 3.00 3.43
CA ASP A 39 -5.93 2.95 3.05
C ASP A 39 -6.61 1.80 3.80
N THR A 40 -6.94 2.06 5.06
CA THR A 40 -7.59 1.06 5.89
C THR A 40 -9.07 0.92 5.50
N GLN A 41 -9.50 -0.32 5.39
CA GLN A 41 -10.88 -0.61 5.03
C GLN A 41 -11.35 -1.90 5.70
N ARG A 42 -12.64 -2.16 5.56
CA ARG A 42 -13.23 -3.35 6.15
C ARG A 42 -13.17 -4.52 5.16
N ALA A 43 -13.85 -5.59 5.51
CA ALA A 43 -13.87 -6.77 4.66
C ALA A 43 -14.70 -6.49 3.42
N GLY A 44 -14.11 -6.78 2.27
CA GLY A 44 -14.78 -6.56 1.00
C GLY A 44 -14.53 -5.13 0.49
N VAL A 45 -13.31 -4.92 0.02
CA VAL A 45 -12.92 -3.62 -0.50
C VAL A 45 -11.49 -3.70 -1.03
N TRP A 46 -11.14 -2.69 -1.83
CA TRP A 46 -9.81 -2.63 -2.41
C TRP A 46 -9.04 -1.51 -1.71
N ALA A 47 -8.00 -1.92 -0.98
CA ALA A 47 -7.18 -0.96 -0.26
C ALA A 47 -5.98 -0.59 -1.12
N LYS A 48 -6.06 0.59 -1.73
CA LYS A 48 -4.98 1.07 -2.57
C LYS A 48 -4.32 2.29 -1.91
N ALA A 49 -3.05 2.13 -1.59
CA ALA A 49 -2.30 3.20 -0.95
C ALA A 49 -1.26 3.74 -1.94
N THR A 50 -0.95 5.01 -1.77
CA THR A 50 0.03 5.66 -2.64
C THR A 50 0.82 6.71 -1.86
N VAL A 51 2.08 6.88 -2.25
CA VAL A 51 2.94 7.84 -1.59
C VAL A 51 4.25 7.98 -2.39
N GLY A 52 4.79 9.19 -2.37
CA GLY A 52 6.02 9.45 -3.09
C GLY A 52 5.75 9.73 -4.56
N ARG A 53 6.83 9.97 -5.30
CA ARG A 53 6.73 10.25 -6.72
C ARG A 53 7.77 11.28 -7.14
N ASN A 54 8.82 10.79 -7.79
CA ASN A 54 9.89 11.66 -8.24
C ASN A 54 10.82 10.87 -9.17
N LEU A 55 11.58 9.95 -8.55
CA LEU A 55 12.50 9.13 -9.31
C LEU A 55 13.57 8.59 -8.36
N THR A 56 13.91 7.32 -8.56
CA THR A 56 14.92 6.68 -7.73
C THR A 56 14.64 6.92 -6.25
N GLU A 57 14.07 5.91 -5.61
CA GLU A 57 13.75 6.01 -4.20
C GLU A 57 13.24 4.67 -3.67
N LYS A 58 13.30 4.52 -2.36
CA LYS A 58 12.86 3.29 -1.72
C LYS A 58 11.47 3.51 -1.12
N ALA A 59 10.84 2.40 -0.74
CA ALA A 59 9.52 2.45 -0.15
C ALA A 59 9.31 1.22 0.73
N SER A 60 8.47 1.39 1.74
CA SER A 60 8.17 0.30 2.66
C SER A 60 6.69 -0.07 2.57
N PHE A 61 6.46 -1.31 2.16
CA PHE A 61 5.10 -1.80 2.03
C PHE A 61 4.73 -2.72 3.20
N TYR A 62 3.58 -2.41 3.81
CA TYR A 62 3.09 -3.19 4.94
C TYR A 62 1.63 -3.56 4.72
N TYR A 63 1.14 -4.54 5.46
CA TYR A 63 -0.24 -4.98 5.35
C TYR A 63 -0.63 -5.78 6.59
N ASN A 64 -1.91 -6.13 6.69
CA ASN A 64 -2.39 -6.89 7.82
C ASN A 64 -3.88 -7.19 7.65
N PHE A 65 -4.44 -7.86 8.64
CA PHE A 65 -5.85 -8.21 8.60
C PHE A 65 -6.38 -8.52 10.01
N TRP A 66 -7.67 -8.27 10.19
CA TRP A 66 -8.30 -8.53 11.47
C TRP A 66 -9.81 -8.42 11.27
N GLU A 1 -2.82 -15.42 0.33
CA GLU A 1 -4.24 -15.17 0.46
C GLU A 1 -4.62 -13.85 -0.20
N GLY A 2 -5.93 -13.63 -0.31
CA GLY A 2 -6.43 -12.41 -0.91
C GLY A 2 -5.69 -12.10 -2.22
N THR A 3 -5.75 -10.84 -2.61
CA THR A 3 -5.09 -10.39 -3.83
C THR A 3 -4.15 -9.22 -3.54
N TRP A 4 -2.86 -9.50 -3.64
CA TRP A 4 -1.85 -8.49 -3.39
C TRP A 4 -1.27 -8.07 -4.73
N GLN A 5 -1.06 -6.76 -4.88
CA GLN A 5 -0.51 -6.23 -6.11
C GLN A 5 0.42 -5.05 -5.80
N HIS A 6 1.59 -5.38 -5.28
CA HIS A 6 2.58 -4.36 -4.94
C HIS A 6 3.45 -4.07 -6.16
N GLY A 7 3.63 -2.78 -6.41
CA GLY A 7 4.44 -2.35 -7.54
C GLY A 7 5.27 -1.11 -7.19
N TYR A 8 5.93 -0.56 -8.20
CA TYR A 8 6.76 0.61 -8.03
C TYR A 8 6.89 1.36 -9.35
N GLY A 9 6.19 2.48 -9.47
CA GLY A 9 6.25 3.26 -10.70
C GLY A 9 7.53 4.09 -10.76
N VAL A 10 8.64 3.41 -10.51
CA VAL A 10 9.95 4.07 -10.54
C VAL A 10 9.75 5.57 -10.30
N SER A 11 9.39 5.89 -9.06
CA SER A 11 9.18 7.29 -8.69
C SER A 11 8.24 7.37 -7.49
N SER A 12 7.26 6.47 -7.48
CA SER A 12 6.30 6.43 -6.39
C SER A 12 6.07 4.97 -5.95
N ALA A 13 5.33 4.83 -4.86
CA ALA A 13 5.04 3.52 -4.32
C ALA A 13 3.52 3.37 -4.13
N TYR A 14 3.00 2.24 -4.60
CA TYR A 14 1.58 1.96 -4.49
C TYR A 14 1.37 0.53 -4.02
N SER A 15 0.30 0.30 -3.27
CA SER A 15 0.01 -1.03 -2.76
C SER A 15 -1.50 -1.24 -2.69
N ASN A 16 -1.96 -2.22 -3.45
CA ASN A 16 -3.38 -2.54 -3.49
C ASN A 16 -3.59 -3.98 -3.00
N TYR A 17 -4.42 -4.10 -1.97
CA TYR A 17 -4.72 -5.40 -1.39
C TYR A 17 -6.23 -5.56 -1.25
N HIS A 18 -6.75 -6.71 -1.68
CA HIS A 18 -8.17 -6.98 -1.60
C HIS A 18 -8.43 -8.08 -0.58
N HIS A 19 -9.53 -7.93 0.14
CA HIS A 19 -9.90 -8.91 1.16
C HIS A 19 -11.41 -8.86 1.38
N GLY A 20 -12.03 -10.04 1.31
CA GLY A 20 -13.46 -10.14 1.51
C GLY A 20 -13.80 -11.17 2.58
N SER A 21 -12.96 -11.21 3.60
CA SER A 21 -13.15 -12.14 4.70
C SER A 21 -13.04 -11.41 6.04
N LYS A 22 -11.96 -10.66 6.18
CA LYS A 22 -11.72 -9.91 7.41
C LYS A 22 -11.08 -8.56 7.06
N THR A 23 -11.25 -7.61 7.96
CA THR A 23 -10.68 -6.29 7.76
C THR A 23 -9.24 -6.38 7.26
N HIS A 24 -8.81 -5.34 6.56
CA HIS A 24 -7.47 -5.30 6.02
C HIS A 24 -7.02 -3.85 5.87
N SER A 25 -5.71 -3.65 5.91
CA SER A 25 -5.14 -2.33 5.78
C SER A 25 -3.85 -2.39 4.98
N ALA A 26 -3.68 -1.40 4.11
CA ALA A 26 -2.50 -1.33 3.27
C ALA A 26 -1.72 -0.05 3.61
N THR A 27 -0.52 -0.25 4.14
CA THR A 27 0.33 0.86 4.51
C THR A 27 1.60 0.86 3.66
N VAL A 28 1.93 2.05 3.16
CA VAL A 28 3.11 2.21 2.33
C VAL A 28 3.85 3.48 2.74
N VAL A 29 5.14 3.33 3.03
CA VAL A 29 5.96 4.45 3.43
C VAL A 29 7.01 4.71 2.35
N ASN A 30 7.22 5.99 2.07
CA ASN A 30 8.19 6.38 1.07
C ASN A 30 9.49 6.80 1.76
N ASN A 31 10.50 5.98 1.59
CA ASN A 31 11.80 6.25 2.19
C ASN A 31 12.69 6.97 1.18
N ASN A 32 12.52 8.28 1.12
CA ASN A 32 13.29 9.09 0.19
C ASN A 32 13.10 10.57 0.53
N THR A 33 11.85 11.00 0.49
CA THR A 33 11.52 12.38 0.79
C THR A 33 10.80 12.48 2.13
N GLY A 34 10.33 11.33 2.60
CA GLY A 34 9.62 11.27 3.86
C GLY A 34 8.11 11.28 3.64
N ARG A 35 7.65 10.28 2.91
CA ARG A 35 6.23 10.15 2.62
C ARG A 35 5.64 8.92 3.32
N GLN A 36 4.32 8.91 3.43
CA GLN A 36 3.64 7.82 4.09
C GLN A 36 2.14 7.87 3.78
N GLY A 37 1.56 6.69 3.57
CA GLY A 37 0.14 6.61 3.26
C GLY A 37 -0.45 5.33 3.84
N LYS A 38 -1.78 5.22 3.72
CA LYS A 38 -2.47 4.05 4.24
C LYS A 38 -3.96 4.16 3.86
N ASP A 39 -4.53 3.01 3.53
CA ASP A 39 -5.93 2.96 3.15
C ASP A 39 -6.63 1.83 3.92
N THR A 40 -6.96 2.11 5.16
CA THR A 40 -7.61 1.12 6.00
C THR A 40 -9.08 0.96 5.59
N GLN A 41 -9.51 -0.29 5.51
CA GLN A 41 -10.87 -0.59 5.13
C GLN A 41 -11.34 -1.89 5.80
N ARG A 42 -12.64 -2.15 5.66
CA ARG A 42 -13.21 -3.34 6.25
C ARG A 42 -13.16 -4.51 5.27
N ALA A 43 -13.85 -5.58 5.62
CA ALA A 43 -13.88 -6.76 4.77
C ALA A 43 -14.70 -6.47 3.52
N GLY A 44 -14.10 -6.73 2.37
CA GLY A 44 -14.75 -6.49 1.11
C GLY A 44 -14.50 -5.07 0.61
N VAL A 45 -13.30 -4.86 0.08
CA VAL A 45 -12.92 -3.55 -0.42
C VAL A 45 -11.50 -3.64 -0.99
N TRP A 46 -11.16 -2.63 -1.78
CA TRP A 46 -9.84 -2.56 -2.39
C TRP A 46 -9.06 -1.44 -1.71
N ALA A 47 -8.07 -1.84 -0.92
CA ALA A 47 -7.23 -0.89 -0.20
C ALA A 47 -6.04 -0.51 -1.07
N LYS A 48 -6.12 0.66 -1.67
CA LYS A 48 -5.05 1.14 -2.53
C LYS A 48 -4.38 2.35 -1.86
N ALA A 49 -3.10 2.17 -1.54
CA ALA A 49 -2.34 3.22 -0.90
C ALA A 49 -1.28 3.75 -1.88
N THR A 50 -0.95 5.01 -1.72
CA THR A 50 0.05 5.64 -2.57
C THR A 50 0.84 6.69 -1.80
N VAL A 51 2.09 6.86 -2.19
CA VAL A 51 2.96 7.83 -1.55
C VAL A 51 4.26 7.96 -2.35
N GLY A 52 4.75 9.19 -2.42
CA GLY A 52 5.97 9.46 -3.15
C GLY A 52 5.68 9.77 -4.61
N ARG A 53 6.75 9.98 -5.37
CA ARG A 53 6.62 10.28 -6.78
C ARG A 53 7.69 11.29 -7.21
N ASN A 54 8.77 10.76 -7.77
CA ASN A 54 9.87 11.60 -8.22
C ASN A 54 10.73 10.80 -9.21
N LEU A 55 11.48 9.86 -8.66
CA LEU A 55 12.35 9.04 -9.48
C LEU A 55 13.43 8.41 -8.60
N THR A 56 13.64 7.12 -8.82
CA THR A 56 14.63 6.38 -8.06
C THR A 56 14.46 6.64 -6.55
N GLU A 57 13.88 5.66 -5.89
CA GLU A 57 13.65 5.77 -4.46
C GLU A 57 13.14 4.43 -3.90
N LYS A 58 13.26 4.29 -2.58
CA LYS A 58 12.84 3.07 -1.91
C LYS A 58 11.48 3.32 -1.26
N ALA A 59 10.83 2.22 -0.89
CA ALA A 59 9.53 2.30 -0.25
C ALA A 59 9.32 1.07 0.63
N SER A 60 8.44 1.22 1.61
CA SER A 60 8.14 0.13 2.52
C SER A 60 6.65 -0.21 2.47
N PHE A 61 6.38 -1.45 2.07
CA PHE A 61 5.00 -1.90 1.96
C PHE A 61 4.64 -2.82 3.14
N TYR A 62 3.52 -2.49 3.78
CA TYR A 62 3.04 -3.25 4.91
C TYR A 62 1.56 -3.59 4.73
N TYR A 63 1.08 -4.57 5.49
CA TYR A 63 -0.32 -4.98 5.40
C TYR A 63 -0.68 -5.81 6.62
N ASN A 64 -1.96 -6.15 6.74
CA ASN A 64 -2.41 -6.94 7.88
C ASN A 64 -3.92 -7.20 7.73
N PHE A 65 -4.45 -7.95 8.69
CA PHE A 65 -5.86 -8.28 8.68
C PHE A 65 -6.38 -8.54 10.09
N TRP A 66 -7.67 -8.34 10.27
CA TRP A 66 -8.29 -8.55 11.57
C TRP A 66 -9.81 -8.43 11.39
N GLU A 1 -3.14 -15.34 0.77
CA GLU A 1 -4.56 -15.06 0.83
C GLU A 1 -4.87 -13.74 0.12
N GLY A 2 -6.15 -13.50 -0.08
CA GLY A 2 -6.60 -12.29 -0.75
C GLY A 2 -5.78 -12.03 -2.03
N THR A 3 -5.80 -10.78 -2.46
CA THR A 3 -5.07 -10.39 -3.66
C THR A 3 -4.14 -9.23 -3.35
N TRP A 4 -2.84 -9.51 -3.41
CA TRP A 4 -1.84 -8.49 -3.16
C TRP A 4 -1.23 -8.08 -4.50
N GLN A 5 -1.03 -6.78 -4.64
CA GLN A 5 -0.46 -6.25 -5.86
C GLN A 5 0.44 -5.04 -5.54
N HIS A 6 1.69 -5.35 -5.18
CA HIS A 6 2.65 -4.32 -4.85
C HIS A 6 3.54 -4.04 -6.06
N GLY A 7 3.76 -2.76 -6.31
CA GLY A 7 4.59 -2.35 -7.43
C GLY A 7 5.40 -1.11 -7.08
N TYR A 8 6.06 -0.56 -8.10
CA TYR A 8 6.88 0.63 -7.94
C TYR A 8 7.00 1.36 -9.27
N GLY A 9 6.33 2.50 -9.39
CA GLY A 9 6.39 3.27 -10.62
C GLY A 9 7.66 4.12 -10.68
N VAL A 10 8.78 3.47 -10.36
CA VAL A 10 10.05 4.15 -10.37
C VAL A 10 9.84 5.65 -10.15
N SER A 11 9.46 5.99 -8.92
CA SER A 11 9.21 7.38 -8.57
C SER A 11 8.26 7.44 -7.37
N SER A 12 7.30 6.54 -7.37
CA SER A 12 6.32 6.49 -6.29
C SER A 12 6.11 5.04 -5.84
N ALA A 13 5.37 4.90 -4.76
CA ALA A 13 5.08 3.58 -4.22
C ALA A 13 3.57 3.42 -4.06
N TYR A 14 3.07 2.27 -4.51
CA TYR A 14 1.65 1.97 -4.43
C TYR A 14 1.46 0.53 -3.98
N SER A 15 0.38 0.28 -3.25
CA SER A 15 0.10 -1.06 -2.76
C SER A 15 -1.41 -1.28 -2.67
N ASN A 16 -1.88 -2.24 -3.46
CA ASN A 16 -3.30 -2.56 -3.49
C ASN A 16 -3.50 -3.99 -3.01
N TYR A 17 -4.33 -4.14 -1.97
CA TYR A 17 -4.62 -5.43 -1.38
C TYR A 17 -6.12 -5.58 -1.21
N HIS A 18 -6.67 -6.68 -1.74
CA HIS A 18 -8.10 -6.92 -1.63
C HIS A 18 -8.35 -8.02 -0.59
N HIS A 19 -9.53 -7.97 0.01
CA HIS A 19 -9.91 -8.94 1.02
C HIS A 19 -11.43 -8.93 1.20
N GLY A 20 -12.00 -10.12 1.30
CA GLY A 20 -13.43 -10.27 1.48
C GLY A 20 -13.75 -11.31 2.55
N SER A 21 -12.96 -11.29 3.62
CA SER A 21 -13.16 -12.23 4.70
C SER A 21 -13.02 -11.51 6.04
N LYS A 22 -11.99 -10.70 6.14
CA LYS A 22 -11.75 -9.95 7.37
C LYS A 22 -11.10 -8.61 7.02
N THR A 23 -11.28 -7.64 7.91
CA THR A 23 -10.73 -6.32 7.71
C THR A 23 -9.30 -6.41 7.21
N HIS A 24 -8.88 -5.36 6.50
CA HIS A 24 -7.53 -5.31 5.96
C HIS A 24 -7.09 -3.85 5.81
N SER A 25 -5.78 -3.66 5.83
CA SER A 25 -5.22 -2.32 5.69
C SER A 25 -3.87 -2.39 4.97
N ALA A 26 -3.70 -1.48 4.03
CA ALA A 26 -2.47 -1.41 3.26
C ALA A 26 -1.71 -0.13 3.62
N THR A 27 -0.51 -0.32 4.16
CA THR A 27 0.32 0.81 4.54
C THR A 27 1.60 0.83 3.71
N VAL A 28 1.92 2.01 3.19
CA VAL A 28 3.11 2.19 2.38
C VAL A 28 3.83 3.47 2.81
N VAL A 29 5.12 3.31 3.10
CA VAL A 29 5.93 4.43 3.52
C VAL A 29 7.00 4.71 2.47
N ASN A 30 7.18 5.99 2.17
CA ASN A 30 8.16 6.40 1.18
C ASN A 30 9.45 6.83 1.90
N ASN A 31 10.48 6.01 1.73
CA ASN A 31 11.76 6.29 2.35
C ASN A 31 12.65 7.04 1.35
N ASN A 32 12.44 8.34 1.27
CA ASN A 32 13.21 9.17 0.35
C ASN A 32 13.02 10.63 0.72
N THR A 33 11.77 11.05 0.69
CA THR A 33 11.43 12.44 1.02
C THR A 33 10.71 12.51 2.36
N GLY A 34 10.23 11.35 2.81
CA GLY A 34 9.51 11.26 4.07
C GLY A 34 8.00 11.25 3.84
N ARG A 35 7.56 10.25 3.09
CA ARG A 35 6.14 10.11 2.79
C ARG A 35 5.57 8.88 3.48
N GLN A 36 4.25 8.85 3.60
CA GLN A 36 3.58 7.74 4.23
C GLN A 36 2.08 7.79 3.93
N GLY A 37 1.53 6.61 3.62
CA GLY A 37 0.12 6.51 3.30
C GLY A 37 -0.49 5.26 3.93
N LYS A 38 -1.80 5.14 3.80
CA LYS A 38 -2.52 4.01 4.35
C LYS A 38 -4.00 4.10 3.97
N ASP A 39 -4.54 2.97 3.54
CA ASP A 39 -5.94 2.92 3.15
C ASP A 39 -6.62 1.76 3.87
N THR A 40 -6.96 2.00 5.14
CA THR A 40 -7.62 0.99 5.95
C THR A 40 -9.09 0.88 5.55
N GLN A 41 -9.53 -0.36 5.44
CA GLN A 41 -10.91 -0.64 5.07
C GLN A 41 -11.40 -1.94 5.73
N ARG A 42 -12.69 -2.19 5.59
CA ARG A 42 -13.29 -3.38 6.16
C ARG A 42 -13.23 -4.53 5.16
N ALA A 43 -13.93 -5.61 5.51
CA ALA A 43 -13.97 -6.78 4.66
C ALA A 43 -14.78 -6.46 3.40
N GLY A 44 -14.18 -6.76 2.25
CA GLY A 44 -14.84 -6.51 0.98
C GLY A 44 -14.56 -5.09 0.49
N VAL A 45 -13.35 -4.89 0.00
CA VAL A 45 -12.96 -3.58 -0.50
C VAL A 45 -11.53 -3.65 -1.04
N TRP A 46 -11.16 -2.64 -1.81
CA TRP A 46 -9.84 -2.59 -2.39
C TRP A 46 -9.05 -1.48 -1.69
N ALA A 47 -8.04 -1.89 -0.95
CA ALA A 47 -7.21 -0.95 -0.21
C ALA A 47 -6.00 -0.58 -1.06
N LYS A 48 -6.06 0.60 -1.66
CA LYS A 48 -4.99 1.08 -2.50
C LYS A 48 -4.30 2.27 -1.83
N ALA A 49 -3.03 2.08 -1.49
CA ALA A 49 -2.27 3.13 -0.84
C ALA A 49 -1.22 3.66 -1.82
N THR A 50 -0.92 4.95 -1.67
CA THR A 50 0.06 5.60 -2.52
C THR A 50 0.83 6.66 -1.74
N VAL A 51 2.08 6.85 -2.14
CA VAL A 51 2.93 7.83 -1.48
C VAL A 51 4.23 7.98 -2.27
N GLY A 52 4.75 9.20 -2.29
CA GLY A 52 5.97 9.48 -3.01
C GLY A 52 5.68 9.83 -4.47
N ARG A 53 6.77 10.02 -5.22
CA ARG A 53 6.64 10.34 -6.64
C ARG A 53 7.74 11.34 -7.05
N ASN A 54 8.87 10.79 -7.44
CA ASN A 54 9.99 11.60 -7.86
C ASN A 54 10.81 10.84 -8.90
N LEU A 55 11.57 9.86 -8.43
CA LEU A 55 12.40 9.06 -9.31
C LEU A 55 13.43 8.30 -8.48
N THR A 56 13.55 7.01 -8.78
CA THR A 56 14.48 6.16 -8.07
C THR A 56 14.44 6.46 -6.56
N GLU A 57 13.63 5.68 -5.86
CA GLU A 57 13.50 5.84 -4.42
C GLU A 57 13.03 4.54 -3.78
N LYS A 58 13.26 4.44 -2.48
CA LYS A 58 12.87 3.26 -1.73
C LYS A 58 11.45 3.43 -1.20
N ALA A 59 10.92 2.35 -0.65
CA ALA A 59 9.57 2.38 -0.09
C ALA A 59 9.36 1.13 0.77
N SER A 60 8.47 1.26 1.74
CA SER A 60 8.17 0.17 2.64
C SER A 60 6.68 -0.19 2.56
N PHE A 61 6.42 -1.41 2.15
CA PHE A 61 5.06 -1.89 2.02
C PHE A 61 4.68 -2.82 3.17
N TYR A 62 3.55 -2.49 3.81
CA TYR A 62 3.05 -3.27 4.93
C TYR A 62 1.59 -3.61 4.71
N TYR A 63 1.10 -4.63 5.45
CA TYR A 63 -0.28 -5.05 5.33
C TYR A 63 -0.67 -5.85 6.56
N ASN A 64 -1.95 -6.19 6.66
CA ASN A 64 -2.44 -6.95 7.80
C ASN A 64 -3.95 -7.19 7.64
N PHE A 65 -4.50 -7.89 8.61
CA PHE A 65 -5.92 -8.20 8.60
C PHE A 65 -6.42 -8.56 10.00
N TRP A 66 -7.71 -8.33 10.21
CA TRP A 66 -8.32 -8.62 11.49
C TRP A 66 -9.84 -8.58 11.31
#